data_7HM1
# 
_entry.id   7HM1 
# 
_audit_conform.dict_name       mmcif_pdbx.dic 
_audit_conform.dict_version    5.399 
_audit_conform.dict_location   http://mmcif.pdb.org/dictionaries/ascii/mmcif_pdbx.dic 
# 
loop_
_database_2.database_id 
_database_2.database_code 
_database_2.pdbx_database_accession 
_database_2.pdbx_DOI 
PDB   7HM1         pdb_00007hm1 10.2210/pdb7hm1/pdb 
WWPDB D_1001407643 ?            ?                   
# 
_pdbx_audit_revision_history.ordinal             1 
_pdbx_audit_revision_history.data_content_type   'Structure model' 
_pdbx_audit_revision_history.major_revision      1 
_pdbx_audit_revision_history.minor_revision      0 
_pdbx_audit_revision_history.revision_date       2024-11-27 
# 
_pdbx_audit_revision_details.ordinal             1 
_pdbx_audit_revision_details.revision_ordinal    1 
_pdbx_audit_revision_details.data_content_type   'Structure model' 
_pdbx_audit_revision_details.provider            repository 
_pdbx_audit_revision_details.type                'Initial release' 
_pdbx_audit_revision_details.description         ? 
_pdbx_audit_revision_details.details             ? 
# 
_pdbx_database_status.entry_id                        7HM1 
_pdbx_database_status.status_code                     REL 
_pdbx_database_status.status_code_sf                  REL 
_pdbx_database_status.status_code_mr                  ? 
_pdbx_database_status.status_code_cs                  ? 
_pdbx_database_status.recvd_initial_deposition_date   2024-11-04 
_pdbx_database_status.status_code_nmr_data            ? 
_pdbx_database_status.deposit_site                    RCSB 
_pdbx_database_status.process_site                    RCSB 
_pdbx_database_status.SG_entry                        ? 
_pdbx_database_status.pdb_format_compatible           Y 
_pdbx_database_status.methods_development_category    ? 
# 
_pdbx_contact_author.id                 1 
_pdbx_contact_author.email              knapp@pharmchem.uni-frankfurt.de 
_pdbx_contact_author.name_first         Stefan 
_pdbx_contact_author.name_last          Knapp 
_pdbx_contact_author.role               'principal investigator/group leader' 
_pdbx_contact_author.identifier_ORCID   0000-0001-5995-6494 
_pdbx_contact_author.name_mi            ? 
# 
loop_
_audit_author.name 
_audit_author.pdbx_ordinal 
'Kim, Y.'                              1 
'Marples, P.'                          2 
'Fearon, D.'                           3 
'von Delft, F.'                        4 
'Knapp, S.'                            5 
'Kraemer, A.'                          6 
'Structural Genomics Consortium (SGC)' 7 
# 
_citation.id                        primary 
_citation.title                     'PanDDA analysis group deposition' 
_citation.journal_abbrev            'To Be Published' 
_citation.journal_volume            ? 
_citation.page_first                ? 
_citation.page_last                 ? 
_citation.year                      ? 
_citation.journal_id_ASTM           ? 
_citation.country                   ? 
_citation.journal_id_ISSN           ? 
_citation.journal_id_CSD            0353 
_citation.book_publisher            ? 
_citation.pdbx_database_id_PubMed   ? 
_citation.pdbx_database_id_DOI      ? 
# 
loop_
_citation_author.citation_id 
_citation_author.name 
_citation_author.identifier_ORCID 
_citation_author.ordinal 
primary 'Kim, Y.'                              ? 1 
primary 'Marples, P.'                          ? 2 
primary 'Fearon, D.'                           ? 3 
primary 'von Delft, F.'                        ? 4 
primary 'Knapp, S.'                            ? 5 
primary 'Kraemer, A.'                          ? 6 
primary 'Structural Genomics Consortium (SGC)' ? 7 
# 
loop_
_entity.id 
_entity.type 
_entity.src_method 
_entity.pdbx_description 
_entity.formula_weight 
_entity.pdbx_number_of_molecules 
_entity.pdbx_ec 
_entity.pdbx_mutation 
_entity.pdbx_fragment 
_entity.details 
1 polymer     man 'E3 ubiquitin-protein ligase TRIM21'                   21596.361 1  2.3.2.27 ? ? ? 
2 non-polymer syn 'ethyl (1,1-dioxo-1lambda~6~,4-thiazinan-4-yl)acetate' 221.274   1  ?        ? ? ? 
3 non-polymer syn 1,2-ETHANEDIOL                                         62.068    1  ?        ? ? ? 
4 non-polymer syn 'SULFATE ION'                                          96.063    1  ?        ? ? ? 
5 water       nat water                                                  18.015    31 ?        ? ? ? 
# 
_entity_name_com.entity_id   1 
_entity_name_com.name        
;52 kDa Ro protein,52 kDa ribonucleoprotein autoantigen Ro/SS-A,Ro(SS-A),Sjoegren syndrome type A antigen,SS-A,Tripartite motif-containing protein 21
;
# 
_entity_poly.entity_id                      1 
_entity_poly.type                           'polypeptide(L)' 
_entity_poly.nstd_linkage                   no 
_entity_poly.nstd_monomer                   no 
_entity_poly.pdbx_seq_one_letter_code       
;MHHHHHHMVHITLDRNTANSWLIISKDRRQVRMGDTHQNVSDNKERFSNYPMVLGAQRFSSGKMYWEVDVTQKEAWDLGV
CRDSVQRKGQFSLSPENGFWTIWLWQDSYEAGTSPQTTLHIQVPPCQIGIFVDYEAGVVSFYNITDHGSLIYTFSECVFA
GPLRPFFNVGFNYSGGNAAPLKLCPLKM
;
_entity_poly.pdbx_seq_one_letter_code_can   
;MHHHHHHMVHITLDRNTANSWLIISKDRRQVRMGDTHQNVSDNKERFSNYPMVLGAQRFSSGKMYWEVDVTQKEAWDLGV
CRDSVQRKGQFSLSPENGFWTIWLWQDSYEAGTSPQTTLHIQVPPCQIGIFVDYEAGVVSFYNITDHGSLIYTFSECVFA
GPLRPFFNVGFNYSGGNAAPLKLCPLKM
;
_entity_poly.pdbx_strand_id                 B 
_entity_poly.pdbx_target_identifier         ? 
# 
loop_
_pdbx_entity_nonpoly.entity_id 
_pdbx_entity_nonpoly.name 
_pdbx_entity_nonpoly.comp_id 
2 'ethyl (1,1-dioxo-1lambda~6~,4-thiazinan-4-yl)acetate' VWV 
3 1,2-ETHANEDIOL                                         EDO 
4 'SULFATE ION'                                          SO4 
5 water                                                  HOH 
# 
loop_
_entity_poly_seq.entity_id 
_entity_poly_seq.num 
_entity_poly_seq.mon_id 
_entity_poly_seq.hetero 
1 1   MET n 
1 2   HIS n 
1 3   HIS n 
1 4   HIS n 
1 5   HIS n 
1 6   HIS n 
1 7   HIS n 
1 8   MET n 
1 9   VAL n 
1 10  HIS n 
1 11  ILE n 
1 12  THR n 
1 13  LEU n 
1 14  ASP n 
1 15  ARG n 
1 16  ASN n 
1 17  THR n 
1 18  ALA n 
1 19  ASN n 
1 20  SER n 
1 21  TRP n 
1 22  LEU n 
1 23  ILE n 
1 24  ILE n 
1 25  SER n 
1 26  LYS n 
1 27  ASP n 
1 28  ARG n 
1 29  ARG n 
1 30  GLN n 
1 31  VAL n 
1 32  ARG n 
1 33  MET n 
1 34  GLY n 
1 35  ASP n 
1 36  THR n 
1 37  HIS n 
1 38  GLN n 
1 39  ASN n 
1 40  VAL n 
1 41  SER n 
1 42  ASP n 
1 43  ASN n 
1 44  LYS n 
1 45  GLU n 
1 46  ARG n 
1 47  PHE n 
1 48  SER n 
1 49  ASN n 
1 50  TYR n 
1 51  PRO n 
1 52  MET n 
1 53  VAL n 
1 54  LEU n 
1 55  GLY n 
1 56  ALA n 
1 57  GLN n 
1 58  ARG n 
1 59  PHE n 
1 60  SER n 
1 61  SER n 
1 62  GLY n 
1 63  LYS n 
1 64  MET n 
1 65  TYR n 
1 66  TRP n 
1 67  GLU n 
1 68  VAL n 
1 69  ASP n 
1 70  VAL n 
1 71  THR n 
1 72  GLN n 
1 73  LYS n 
1 74  GLU n 
1 75  ALA n 
1 76  TRP n 
1 77  ASP n 
1 78  LEU n 
1 79  GLY n 
1 80  VAL n 
1 81  CYS n 
1 82  ARG n 
1 83  ASP n 
1 84  SER n 
1 85  VAL n 
1 86  GLN n 
1 87  ARG n 
1 88  LYS n 
1 89  GLY n 
1 90  GLN n 
1 91  PHE n 
1 92  SER n 
1 93  LEU n 
1 94  SER n 
1 95  PRO n 
1 96  GLU n 
1 97  ASN n 
1 98  GLY n 
1 99  PHE n 
1 100 TRP n 
1 101 THR n 
1 102 ILE n 
1 103 TRP n 
1 104 LEU n 
1 105 TRP n 
1 106 GLN n 
1 107 ASP n 
1 108 SER n 
1 109 TYR n 
1 110 GLU n 
1 111 ALA n 
1 112 GLY n 
1 113 THR n 
1 114 SER n 
1 115 PRO n 
1 116 GLN n 
1 117 THR n 
1 118 THR n 
1 119 LEU n 
1 120 HIS n 
1 121 ILE n 
1 122 GLN n 
1 123 VAL n 
1 124 PRO n 
1 125 PRO n 
1 126 CYS n 
1 127 GLN n 
1 128 ILE n 
1 129 GLY n 
1 130 ILE n 
1 131 PHE n 
1 132 VAL n 
1 133 ASP n 
1 134 TYR n 
1 135 GLU n 
1 136 ALA n 
1 137 GLY n 
1 138 VAL n 
1 139 VAL n 
1 140 SER n 
1 141 PHE n 
1 142 TYR n 
1 143 ASN n 
1 144 ILE n 
1 145 THR n 
1 146 ASP n 
1 147 HIS n 
1 148 GLY n 
1 149 SER n 
1 150 LEU n 
1 151 ILE n 
1 152 TYR n 
1 153 THR n 
1 154 PHE n 
1 155 SER n 
1 156 GLU n 
1 157 CYS n 
1 158 VAL n 
1 159 PHE n 
1 160 ALA n 
1 161 GLY n 
1 162 PRO n 
1 163 LEU n 
1 164 ARG n 
1 165 PRO n 
1 166 PHE n 
1 167 PHE n 
1 168 ASN n 
1 169 VAL n 
1 170 GLY n 
1 171 PHE n 
1 172 ASN n 
1 173 TYR n 
1 174 SER n 
1 175 GLY n 
1 176 GLY n 
1 177 ASN n 
1 178 ALA n 
1 179 ALA n 
1 180 PRO n 
1 181 LEU n 
1 182 LYS n 
1 183 LEU n 
1 184 CYS n 
1 185 PRO n 
1 186 LEU n 
1 187 LYS n 
1 188 MET n 
# 
_entity_src_gen.entity_id                          1 
_entity_src_gen.pdbx_src_id                        1 
_entity_src_gen.pdbx_alt_source_flag               sample 
_entity_src_gen.pdbx_seq_type                      'Biological sequence' 
_entity_src_gen.pdbx_beg_seq_num                   1 
_entity_src_gen.pdbx_end_seq_num                   188 
_entity_src_gen.gene_src_common_name               'house mouse' 
_entity_src_gen.gene_src_genus                     ? 
_entity_src_gen.pdbx_gene_src_gene                 'Trim21, Ro52, Ssa1' 
_entity_src_gen.gene_src_species                   ? 
_entity_src_gen.gene_src_strain                    ? 
_entity_src_gen.gene_src_tissue                    ? 
_entity_src_gen.gene_src_tissue_fraction           ? 
_entity_src_gen.gene_src_details                   ? 
_entity_src_gen.pdbx_gene_src_fragment             ? 
_entity_src_gen.pdbx_gene_src_scientific_name      'Mus musculus' 
_entity_src_gen.pdbx_gene_src_ncbi_taxonomy_id     10090 
_entity_src_gen.pdbx_gene_src_variant              ? 
_entity_src_gen.pdbx_gene_src_cell_line            ? 
_entity_src_gen.pdbx_gene_src_atcc                 ? 
_entity_src_gen.pdbx_gene_src_organ                ? 
_entity_src_gen.pdbx_gene_src_organelle            ? 
_entity_src_gen.pdbx_gene_src_cell                 ? 
_entity_src_gen.pdbx_gene_src_cellular_location    ? 
_entity_src_gen.host_org_common_name               ? 
_entity_src_gen.pdbx_host_org_scientific_name      'Escherichia coli' 
_entity_src_gen.pdbx_host_org_ncbi_taxonomy_id     562 
_entity_src_gen.host_org_genus                     ? 
_entity_src_gen.pdbx_host_org_gene                 ? 
_entity_src_gen.pdbx_host_org_organ                ? 
_entity_src_gen.host_org_species                   ? 
_entity_src_gen.pdbx_host_org_tissue               ? 
_entity_src_gen.pdbx_host_org_tissue_fraction      ? 
_entity_src_gen.pdbx_host_org_strain               ? 
_entity_src_gen.pdbx_host_org_variant              ? 
_entity_src_gen.pdbx_host_org_cell_line            ? 
_entity_src_gen.pdbx_host_org_atcc                 ? 
_entity_src_gen.pdbx_host_org_culture_collection   ? 
_entity_src_gen.pdbx_host_org_cell                 ? 
_entity_src_gen.pdbx_host_org_organelle            ? 
_entity_src_gen.pdbx_host_org_cellular_location    ? 
_entity_src_gen.pdbx_host_org_vector_type          ? 
_entity_src_gen.pdbx_host_org_vector               ? 
_entity_src_gen.host_org_details                   ? 
_entity_src_gen.expression_system_id               ? 
_entity_src_gen.plasmid_name                       ? 
_entity_src_gen.plasmid_details                    ? 
_entity_src_gen.pdbx_description                   ? 
# 
loop_
_chem_comp.id 
_chem_comp.type 
_chem_comp.mon_nstd_flag 
_chem_comp.name 
_chem_comp.pdbx_synonyms 
_chem_comp.formula 
_chem_comp.formula_weight 
ALA 'L-peptide linking' y ALANINE                                                ?                 'C3 H7 N O2'     89.093  
ARG 'L-peptide linking' y ARGININE                                               ?                 'C6 H15 N4 O2 1' 175.209 
ASN 'L-peptide linking' y ASPARAGINE                                             ?                 'C4 H8 N2 O3'    132.118 
ASP 'L-peptide linking' y 'ASPARTIC ACID'                                        ?                 'C4 H7 N O4'     133.103 
CYS 'L-peptide linking' y CYSTEINE                                               ?                 'C3 H7 N O2 S'   121.158 
EDO non-polymer         . 1,2-ETHANEDIOL                                         'ETHYLENE GLYCOL' 'C2 H6 O2'       62.068  
GLN 'L-peptide linking' y GLUTAMINE                                              ?                 'C5 H10 N2 O3'   146.144 
GLU 'L-peptide linking' y 'GLUTAMIC ACID'                                        ?                 'C5 H9 N O4'     147.129 
GLY 'peptide linking'   y GLYCINE                                                ?                 'C2 H5 N O2'     75.067  
HIS 'L-peptide linking' y HISTIDINE                                              ?                 'C6 H10 N3 O2 1' 156.162 
HOH non-polymer         . WATER                                                  ?                 'H2 O'           18.015  
ILE 'L-peptide linking' y ISOLEUCINE                                             ?                 'C6 H13 N O2'    131.173 
LEU 'L-peptide linking' y LEUCINE                                                ?                 'C6 H13 N O2'    131.173 
LYS 'L-peptide linking' y LYSINE                                                 ?                 'C6 H15 N2 O2 1' 147.195 
MET 'L-peptide linking' y METHIONINE                                             ?                 'C5 H11 N O2 S'  149.211 
PHE 'L-peptide linking' y PHENYLALANINE                                          ?                 'C9 H11 N O2'    165.189 
PRO 'L-peptide linking' y PROLINE                                                ?                 'C5 H9 N O2'     115.130 
SER 'L-peptide linking' y SERINE                                                 ?                 'C3 H7 N O3'     105.093 
SO4 non-polymer         . 'SULFATE ION'                                          ?                 'O4 S -2'        96.063  
THR 'L-peptide linking' y THREONINE                                              ?                 'C4 H9 N O3'     119.119 
TRP 'L-peptide linking' y TRYPTOPHAN                                             ?                 'C11 H12 N2 O2'  204.225 
TYR 'L-peptide linking' y TYROSINE                                               ?                 'C9 H11 N O3'    181.189 
VAL 'L-peptide linking' y VALINE                                                 ?                 'C5 H11 N O2'    117.146 
VWV non-polymer         . 'ethyl (1,1-dioxo-1lambda~6~,4-thiazinan-4-yl)acetate' ?                 'C8 H15 N O4 S'  221.274 
# 
loop_
_pdbx_poly_seq_scheme.asym_id 
_pdbx_poly_seq_scheme.entity_id 
_pdbx_poly_seq_scheme.seq_id 
_pdbx_poly_seq_scheme.mon_id 
_pdbx_poly_seq_scheme.ndb_seq_num 
_pdbx_poly_seq_scheme.pdb_seq_num 
_pdbx_poly_seq_scheme.auth_seq_num 
_pdbx_poly_seq_scheme.pdb_mon_id 
_pdbx_poly_seq_scheme.auth_mon_id 
_pdbx_poly_seq_scheme.pdb_strand_id 
_pdbx_poly_seq_scheme.pdb_ins_code 
_pdbx_poly_seq_scheme.hetero 
A 1 1   MET 1   7   ?   ?   ?   B . n 
A 1 2   HIS 2   8   8   HIS HIS B . n 
A 1 3   HIS 3   9   9   HIS HIS B . n 
A 1 4   HIS 4   10  10  HIS HIS B . n 
A 1 5   HIS 5   11  11  HIS HIS B . n 
A 1 6   HIS 6   12  12  HIS HIS B . n 
A 1 7   HIS 7   13  13  HIS HIS B . n 
A 1 8   MET 8   14  14  MET MET B . n 
A 1 9   VAL 9   15  15  VAL VAL B . n 
A 1 10  HIS 10  16  16  HIS HIS B . n 
A 1 11  ILE 11  17  17  ILE ILE B . n 
A 1 12  THR 12  18  18  THR THR B . n 
A 1 13  LEU 13  19  19  LEU LEU B . n 
A 1 14  ASP 14  20  20  ASP ASP B . n 
A 1 15  ARG 15  21  21  ARG ARG B . n 
A 1 16  ASN 16  22  22  ASN ASN B . n 
A 1 17  THR 17  23  23  THR THR B . n 
A 1 18  ALA 18  24  24  ALA ALA B . n 
A 1 19  ASN 19  25  25  ASN ASN B . n 
A 1 20  SER 20  26  26  SER SER B . n 
A 1 21  TRP 21  27  27  TRP TRP B . n 
A 1 22  LEU 22  28  28  LEU LEU B . n 
A 1 23  ILE 23  29  29  ILE ILE B . n 
A 1 24  ILE 24  30  30  ILE ILE B . n 
A 1 25  SER 25  31  31  SER SER B . n 
A 1 26  LYS 26  32  32  LYS LYS B . n 
A 1 27  ASP 27  33  33  ASP ASP B . n 
A 1 28  ARG 28  34  34  ARG ARG B . n 
A 1 29  ARG 29  35  35  ARG ARG B . n 
A 1 30  GLN 30  36  36  GLN GLN B . n 
A 1 31  VAL 31  37  37  VAL VAL B . n 
A 1 32  ARG 32  38  38  ARG ARG B . n 
A 1 33  MET 33  39  39  MET MET B . n 
A 1 34  GLY 34  40  40  GLY GLY B . n 
A 1 35  ASP 35  41  41  ASP ASP B . n 
A 1 36  THR 36  42  42  THR THR B . n 
A 1 37  HIS 37  43  43  HIS HIS B . n 
A 1 38  GLN 38  44  44  GLN GLN B . n 
A 1 39  ASN 39  45  45  ASN ASN B . n 
A 1 40  VAL 40  46  46  VAL VAL B . n 
A 1 41  SER 41  47  47  SER SER B . n 
A 1 42  ASP 42  48  48  ASP ASP B . n 
A 1 43  ASN 43  49  49  ASN ASN B . n 
A 1 44  LYS 44  50  50  LYS LYS B . n 
A 1 45  GLU 45  51  51  GLU GLU B . n 
A 1 46  ARG 46  52  52  ARG ARG B . n 
A 1 47  PHE 47  53  53  PHE PHE B . n 
A 1 48  SER 48  54  54  SER SER B . n 
A 1 49  ASN 49  55  55  ASN ASN B . n 
A 1 50  TYR 50  56  56  TYR TYR B . n 
A 1 51  PRO 51  57  57  PRO PRO B . n 
A 1 52  MET 52  58  58  MET MET B . n 
A 1 53  VAL 53  59  59  VAL VAL B . n 
A 1 54  LEU 54  60  60  LEU LEU B . n 
A 1 55  GLY 55  61  61  GLY GLY B . n 
A 1 56  ALA 56  62  62  ALA ALA B . n 
A 1 57  GLN 57  63  63  GLN GLN B . n 
A 1 58  ARG 58  64  64  ARG ARG B . n 
A 1 59  PHE 59  65  65  PHE PHE B . n 
A 1 60  SER 60  66  66  SER SER B . n 
A 1 61  SER 61  67  67  SER SER B . n 
A 1 62  GLY 62  68  68  GLY GLY B . n 
A 1 63  LYS 63  69  69  LYS LYS B . n 
A 1 64  MET 64  70  70  MET MET B . n 
A 1 65  TYR 65  71  71  TYR TYR B . n 
A 1 66  TRP 66  72  72  TRP TRP B . n 
A 1 67  GLU 67  73  73  GLU GLU B . n 
A 1 68  VAL 68  74  74  VAL VAL B . n 
A 1 69  ASP 69  75  75  ASP ASP B . n 
A 1 70  VAL 70  76  76  VAL VAL B . n 
A 1 71  THR 71  77  77  THR THR B . n 
A 1 72  GLN 72  78  78  GLN GLN B . n 
A 1 73  LYS 73  79  79  LYS LYS B . n 
A 1 74  GLU 74  80  80  GLU GLU B . n 
A 1 75  ALA 75  81  81  ALA ALA B . n 
A 1 76  TRP 76  82  82  TRP TRP B . n 
A 1 77  ASP 77  83  83  ASP ASP B . n 
A 1 78  LEU 78  84  84  LEU LEU B . n 
A 1 79  GLY 79  85  85  GLY GLY B . n 
A 1 80  VAL 80  86  86  VAL VAL B . n 
A 1 81  CYS 81  87  87  CYS CYS B . n 
A 1 82  ARG 82  88  88  ARG ARG B . n 
A 1 83  ASP 83  89  89  ASP ASP B . n 
A 1 84  SER 84  90  90  SER SER B . n 
A 1 85  VAL 85  91  91  VAL VAL B . n 
A 1 86  GLN 86  92  92  GLN GLN B . n 
A 1 87  ARG 87  93  93  ARG ARG B . n 
A 1 88  LYS 88  94  94  LYS LYS B . n 
A 1 89  GLY 89  95  95  GLY GLY B . n 
A 1 90  GLN 90  96  96  GLN GLN B . n 
A 1 91  PHE 91  97  97  PHE PHE B . n 
A 1 92  SER 92  98  98  SER SER B . n 
A 1 93  LEU 93  99  99  LEU LEU B . n 
A 1 94  SER 94  100 100 SER SER B . n 
A 1 95  PRO 95  101 101 PRO PRO B . n 
A 1 96  GLU 96  102 102 GLU GLU B . n 
A 1 97  ASN 97  103 103 ASN ASN B . n 
A 1 98  GLY 98  104 104 GLY GLY B . n 
A 1 99  PHE 99  105 105 PHE PHE B . n 
A 1 100 TRP 100 106 106 TRP TRP B . n 
A 1 101 THR 101 107 107 THR THR B . n 
A 1 102 ILE 102 108 108 ILE ILE B . n 
A 1 103 TRP 103 109 109 TRP TRP B . n 
A 1 104 LEU 104 110 110 LEU LEU B . n 
A 1 105 TRP 105 111 111 TRP TRP B . n 
A 1 106 GLN 106 112 112 GLN GLN B . n 
A 1 107 ASP 107 113 113 ASP ASP B . n 
A 1 108 SER 108 114 114 SER SER B . n 
A 1 109 TYR 109 115 115 TYR TYR B . n 
A 1 110 GLU 110 116 116 GLU GLU B . n 
A 1 111 ALA 111 117 117 ALA ALA B . n 
A 1 112 GLY 112 118 118 GLY GLY B . n 
A 1 113 THR 113 119 119 THR THR B . n 
A 1 114 SER 114 120 120 SER SER B . n 
A 1 115 PRO 115 121 121 PRO PRO B . n 
A 1 116 GLN 116 122 122 GLN GLN B . n 
A 1 117 THR 117 123 123 THR THR B . n 
A 1 118 THR 118 124 124 THR THR B . n 
A 1 119 LEU 119 125 125 LEU LEU B . n 
A 1 120 HIS 120 126 126 HIS HIS B . n 
A 1 121 ILE 121 127 127 ILE ILE B . n 
A 1 122 GLN 122 128 128 GLN GLN B . n 
A 1 123 VAL 123 129 129 VAL VAL B . n 
A 1 124 PRO 124 130 130 PRO PRO B . n 
A 1 125 PRO 125 131 131 PRO PRO B . n 
A 1 126 CYS 126 132 132 CYS CYS B . n 
A 1 127 GLN 127 133 133 GLN GLN B . n 
A 1 128 ILE 128 134 134 ILE ILE B . n 
A 1 129 GLY 129 135 135 GLY GLY B . n 
A 1 130 ILE 130 136 136 ILE ILE B . n 
A 1 131 PHE 131 137 137 PHE PHE B . n 
A 1 132 VAL 132 138 138 VAL VAL B . n 
A 1 133 ASP 133 139 139 ASP ASP B . n 
A 1 134 TYR 134 140 140 TYR TYR B . n 
A 1 135 GLU 135 141 141 GLU GLU B . n 
A 1 136 ALA 136 142 142 ALA ALA B . n 
A 1 137 GLY 137 143 143 GLY GLY B . n 
A 1 138 VAL 138 144 144 VAL VAL B . n 
A 1 139 VAL 139 145 145 VAL VAL B . n 
A 1 140 SER 140 146 146 SER SER B . n 
A 1 141 PHE 141 147 147 PHE PHE B . n 
A 1 142 TYR 142 148 148 TYR TYR B . n 
A 1 143 ASN 143 149 149 ASN ASN B . n 
A 1 144 ILE 144 150 150 ILE ILE B . n 
A 1 145 THR 145 151 151 THR THR B . n 
A 1 146 ASP 146 152 152 ASP ASP B . n 
A 1 147 HIS 147 153 153 HIS HIS B . n 
A 1 148 GLY 148 154 154 GLY GLY B . n 
A 1 149 SER 149 155 155 SER SER B . n 
A 1 150 LEU 150 156 156 LEU LEU B . n 
A 1 151 ILE 151 157 157 ILE ILE B . n 
A 1 152 TYR 152 158 158 TYR TYR B . n 
A 1 153 THR 153 159 159 THR THR B . n 
A 1 154 PHE 154 160 160 PHE PHE B . n 
A 1 155 SER 155 161 161 SER SER B . n 
A 1 156 GLU 156 162 162 GLU GLU B . n 
A 1 157 CYS 157 163 163 CYS CYS B . n 
A 1 158 VAL 158 164 164 VAL VAL B . n 
A 1 159 PHE 159 165 165 PHE PHE B . n 
A 1 160 ALA 160 166 166 ALA ALA B . n 
A 1 161 GLY 161 167 167 GLY GLY B . n 
A 1 162 PRO 162 168 168 PRO PRO B . n 
A 1 163 LEU 163 169 169 LEU LEU B . n 
A 1 164 ARG 164 170 170 ARG ARG B . n 
A 1 165 PRO 165 171 171 PRO PRO B . n 
A 1 166 PHE 166 172 172 PHE PHE B . n 
A 1 167 PHE 167 173 173 PHE PHE B . n 
A 1 168 ASN 168 174 174 ASN ASN B . n 
A 1 169 VAL 169 175 175 VAL VAL B . n 
A 1 170 GLY 170 176 176 GLY GLY B . n 
A 1 171 PHE 171 177 177 PHE PHE B . n 
A 1 172 ASN 172 178 178 ASN ASN B . n 
A 1 173 TYR 173 179 179 TYR TYR B . n 
A 1 174 SER 174 180 180 SER SER B . n 
A 1 175 GLY 175 181 181 GLY GLY B . n 
A 1 176 GLY 176 182 182 GLY GLY B . n 
A 1 177 ASN 177 183 183 ASN ASN B . n 
A 1 178 ALA 178 184 184 ALA ALA B . n 
A 1 179 ALA 179 185 185 ALA ALA B . n 
A 1 180 PRO 180 186 186 PRO PRO B . n 
A 1 181 LEU 181 187 187 LEU LEU B . n 
A 1 182 LYS 182 188 188 LYS LYS B . n 
A 1 183 LEU 183 189 189 LEU LEU B . n 
A 1 184 CYS 184 190 190 CYS CYS B . n 
A 1 185 PRO 185 191 191 PRO PRO B . n 
A 1 186 LEU 186 192 192 LEU LEU B . n 
A 1 187 LYS 187 193 ?   ?   ?   B . n 
A 1 188 MET 188 194 ?   ?   ?   B . n 
# 
_pdbx_entity_instance_feature.ordinal        1 
_pdbx_entity_instance_feature.comp_id        VWV 
_pdbx_entity_instance_feature.asym_id        ? 
_pdbx_entity_instance_feature.seq_num        ? 
_pdbx_entity_instance_feature.auth_comp_id   VWV 
_pdbx_entity_instance_feature.auth_asym_id   ? 
_pdbx_entity_instance_feature.auth_seq_num   ? 
_pdbx_entity_instance_feature.feature_type   'SUBJECT OF INVESTIGATION' 
_pdbx_entity_instance_feature.details        ? 
# 
loop_
_pdbx_nonpoly_scheme.asym_id 
_pdbx_nonpoly_scheme.entity_id 
_pdbx_nonpoly_scheme.mon_id 
_pdbx_nonpoly_scheme.ndb_seq_num 
_pdbx_nonpoly_scheme.pdb_seq_num 
_pdbx_nonpoly_scheme.auth_seq_num 
_pdbx_nonpoly_scheme.pdb_mon_id 
_pdbx_nonpoly_scheme.auth_mon_id 
_pdbx_nonpoly_scheme.pdb_strand_id 
_pdbx_nonpoly_scheme.pdb_ins_code 
B 2 VWV 1  201 201 VWV LIG B . 
C 3 EDO 1  202 305 EDO EDO B . 
D 4 SO4 1  203 1   SO4 SO4 B . 
E 5 HOH 1  301 85  HOH HOH B . 
E 5 HOH 2  302 63  HOH HOH B . 
E 5 HOH 3  303 66  HOH HOH B . 
E 5 HOH 4  304 29  HOH HOH B . 
E 5 HOH 5  305 40  HOH HOH B . 
E 5 HOH 6  306 27  HOH HOH B . 
E 5 HOH 7  307 4   HOH HOH B . 
E 5 HOH 8  308 95  HOH HOH B . 
E 5 HOH 9  309 129 HOH HOH B . 
E 5 HOH 10 310 25  HOH HOH B . 
E 5 HOH 11 311 11  HOH HOH B . 
E 5 HOH 12 312 22  HOH HOH B . 
E 5 HOH 13 313 72  HOH HOH B . 
E 5 HOH 14 314 20  HOH HOH B . 
E 5 HOH 15 315 28  HOH HOH B . 
E 5 HOH 16 316 137 HOH HOH B . 
E 5 HOH 17 317 62  HOH HOH B . 
E 5 HOH 18 318 1   HOH HOH B . 
E 5 HOH 19 319 304 HOH HOH B . 
E 5 HOH 20 320 3   HOH HOH B . 
E 5 HOH 21 321 24  HOH HOH B . 
E 5 HOH 22 322 8   HOH HOH B . 
E 5 HOH 23 323 23  HOH HOH B . 
E 5 HOH 24 324 257 HOH HOH B . 
E 5 HOH 25 325 25  HOH HOH B . 
E 5 HOH 26 326 22  HOH HOH B . 
E 5 HOH 27 327 30  HOH HOH B . 
E 5 HOH 28 328 120 HOH HOH B . 
E 5 HOH 29 329 41  HOH HOH B . 
E 5 HOH 30 330 53  HOH HOH B . 
E 5 HOH 31 331 166 HOH HOH B . 
# 
loop_
_pdbx_unobs_or_zero_occ_atoms.id 
_pdbx_unobs_or_zero_occ_atoms.PDB_model_num 
_pdbx_unobs_or_zero_occ_atoms.polymer_flag 
_pdbx_unobs_or_zero_occ_atoms.occupancy_flag 
_pdbx_unobs_or_zero_occ_atoms.auth_asym_id 
_pdbx_unobs_or_zero_occ_atoms.auth_comp_id 
_pdbx_unobs_or_zero_occ_atoms.auth_seq_id 
_pdbx_unobs_or_zero_occ_atoms.PDB_ins_code 
_pdbx_unobs_or_zero_occ_atoms.auth_atom_id 
_pdbx_unobs_or_zero_occ_atoms.label_alt_id 
_pdbx_unobs_or_zero_occ_atoms.label_asym_id 
_pdbx_unobs_or_zero_occ_atoms.label_comp_id 
_pdbx_unobs_or_zero_occ_atoms.label_seq_id 
_pdbx_unobs_or_zero_occ_atoms.label_atom_id 
1 1 Y 1 B LEU 192 ? CG  ? A LEU 186 CG  
2 1 Y 1 B LEU 192 ? CD1 ? A LEU 186 CD1 
3 1 Y 1 B LEU 192 ? CD2 ? A LEU 186 CD2 
# 
loop_
_software.pdbx_ordinal 
_software.name 
_software.version 
_software.date 
_software.type 
_software.contact_author 
_software.contact_author_email 
_software.classification 
_software.location 
_software.language 
_software.citation_id 
1 REFMAC      5.8.0267 ?               program 'Garib N. Murshudov' garib@ysbl.york.ac.uk    refinement        
http://www.ccp4.ac.uk/dist/html/refmac5.html        Fortran_77 ? 
2 Aimless     0.7.7    23/04/21        program 'Phil Evans'         ?                        'data scaling'    
http://www.mrc-lmb.cam.ac.uk/harry/pre/aimless.html ?          ? 
3 PDB_EXTRACT 3.23     'SEP. 23, 2016' package PDB                  deposit@deposit.rcsb.org 'data extraction' 
http://sw-tools.pdb.org/apps/PDB_EXTRACT/           C++        ? 
4 XDS         .        ?               program ?                    ?                        'data reduction'  ? ?          ? 
5 REFMAC      .        ?               program ?                    ?                        phasing           ? ?          ? 
# 
_cell.entry_id           7HM1 
_cell.length_a           95.439 
_cell.length_b           95.439 
_cell.length_c           45.914 
_cell.angle_alpha        90.000 
_cell.angle_beta         90.000 
_cell.angle_gamma        90.000 
_cell.Z_PDB              8 
_cell.pdbx_unique_axis   ? 
# 
_symmetry.entry_id                         7HM1 
_symmetry.space_group_name_H-M             'I 4' 
_symmetry.pdbx_full_space_group_name_H-M   ? 
_symmetry.cell_setting                     ? 
_symmetry.Int_Tables_number                79 
# 
_exptl.crystals_number   1 
_exptl.entry_id          7HM1 
_exptl.method            'X-RAY DIFFRACTION' 
# 
_exptl_crystal.id                    1 
_exptl_crystal.pdbx_mosaicity        0.000 
_exptl_crystal.pdbx_mosaicity_esd    ? 
_exptl_crystal.density_Matthews      2.42 
_exptl_crystal.density_diffrn        ? 
_exptl_crystal.density_meas          ? 
_exptl_crystal.density_meas_temp     ? 
_exptl_crystal.density_percent_sol   49.19 
_exptl_crystal.size_max              ? 
_exptl_crystal.size_mid              ? 
_exptl_crystal.size_min              ? 
_exptl_crystal.size_rad              ? 
_exptl_crystal.description           ? 
# 
_exptl_crystal_grow.crystal_id      1 
_exptl_crystal_grow.method          'VAPOR DIFFUSION, SITTING DROP' 
_exptl_crystal_grow.pH              8 
_exptl_crystal_grow.temp            293 
_exptl_crystal_grow.pdbx_details    '4 % PEG 400, 2 M AmmSO4, 0.1 M HEPES pH 8' 
_exptl_crystal_grow.temp_details    ? 
_exptl_crystal_grow.pdbx_pH_range   ? 
# 
_diffrn.id                     1 
_diffrn.ambient_temp           100 
_diffrn.crystal_id             1 
_diffrn.ambient_temp_details   ? 
# 
_diffrn_detector.detector               PIXEL 
_diffrn_detector.type                   'DECTRIS EIGER2 XE 9M' 
_diffrn_detector.pdbx_collection_date   2024-05-24 
_diffrn_detector.diffrn_id              1 
_diffrn_detector.details                ? 
# 
_diffrn_radiation.diffrn_id                        1 
_diffrn_radiation.wavelength_id                    1 
_diffrn_radiation.pdbx_diffrn_protocol             'SINGLE WAVELENGTH' 
_diffrn_radiation.pdbx_monochromatic_or_laue_m_l   ? 
_diffrn_radiation.monochromator                    ? 
_diffrn_radiation.pdbx_scattering_type             x-ray 
# 
_diffrn_radiation_wavelength.id           1 
_diffrn_radiation_wavelength.wavelength   0.92124 
_diffrn_radiation_wavelength.wt           1.0 
# 
_diffrn_source.diffrn_id                   1 
_diffrn_source.source                      SYNCHROTRON 
_diffrn_source.type                        'DIAMOND BEAMLINE I04-1' 
_diffrn_source.pdbx_wavelength_list        0.92124 
_diffrn_source.pdbx_synchrotron_site       Diamond 
_diffrn_source.pdbx_synchrotron_beamline   I04-1 
_diffrn_source.pdbx_wavelength             ? 
# 
_reflns.entry_id                     7HM1 
_reflns.pdbx_diffrn_id               1 
_reflns.pdbx_ordinal                 1 
_reflns.observed_criterion_sigma_I   ? 
_reflns.observed_criterion_sigma_F   ? 
_reflns.d_resolution_low             67.470 
_reflns.d_resolution_high            1.340 
_reflns.number_obs                   46517 
_reflns.number_all                   ? 
_reflns.percent_possible_obs         100.000 
_reflns.pdbx_Rmerge_I_obs            0.086 
_reflns.pdbx_Rsym_value              ? 
_reflns.pdbx_netI_over_sigmaI        15.200 
_reflns.B_iso_Wilson_estimate        ? 
_reflns.pdbx_redundancy              11.700 
_reflns.pdbx_Rrim_I_all              0.090 
_reflns.pdbx_Rpim_I_all              0.025 
_reflns.pdbx_CC_half                 0.999 
_reflns.pdbx_netI_over_av_sigmaI     ? 
_reflns.pdbx_number_measured_all     546293 
_reflns.pdbx_scaling_rejects         0 
_reflns.pdbx_chi_squared             ? 
_reflns.Rmerge_F_all                 ? 
_reflns.Rmerge_F_obs                 ? 
_reflns.observed_criterion_F_max     ? 
_reflns.observed_criterion_F_min     ? 
_reflns.observed_criterion_I_max     ? 
_reflns.observed_criterion_I_min     ? 
_reflns.pdbx_d_res_high_opt          ? 
_reflns.pdbx_d_res_low_opt           ? 
_reflns.details                      ? 
# 
loop_
_reflns_shell.pdbx_diffrn_id 
_reflns_shell.pdbx_ordinal 
_reflns_shell.d_res_high 
_reflns_shell.d_res_low 
_reflns_shell.number_measured_obs 
_reflns_shell.number_measured_all 
_reflns_shell.number_unique_obs 
_reflns_shell.pdbx_rejects 
_reflns_shell.Rmerge_I_obs 
_reflns_shell.meanI_over_sigI_obs 
_reflns_shell.pdbx_Rsym_value 
_reflns_shell.pdbx_chi_squared 
_reflns_shell.pdbx_redundancy 
_reflns_shell.percent_possible_obs 
_reflns_shell.pdbx_netI_over_sigmaI_obs 
_reflns_shell.number_possible 
_reflns_shell.number_unique_all 
_reflns_shell.Rmerge_F_all 
_reflns_shell.Rmerge_F_obs 
_reflns_shell.Rmerge_I_all 
_reflns_shell.meanI_over_sigI_all 
_reflns_shell.percent_possible_all 
_reflns_shell.pdbx_Rrim_I_all 
_reflns_shell.pdbx_Rpim_I_all 
_reflns_shell.pdbx_CC_half 
1 1 1.340 1.360  ? 11899 2269 ? 1.652 ? ? ? 5.200  ? 0.500  ? ? ? ? ? ? 99.700 1.847 0.794 0.298 
1 2 7.340 67.470 ? 3804  313  ? 0.044 ? ? ? 12.200 ? 90.700 ? ? ? ? ? ? 99.900 0.046 0.015 0.997 
# 
_refine.entry_id                                 7HM1 
_refine.pdbx_refine_id                           'X-RAY DIFFRACTION' 
_refine.ls_d_res_high                            1.3400 
_refine.ls_d_res_low                             67.4900 
_refine.pdbx_ls_sigma_F                          0.000 
_refine.pdbx_data_cutoff_high_absF               ? 
_refine.pdbx_data_cutoff_low_absF                ? 
_refine.ls_percent_reflns_obs                    99.7000 
_refine.ls_number_reflns_obs                     44161 
_refine.ls_number_reflns_all                     ? 
_refine.pdbx_ls_cross_valid_method               THROUGHOUT 
_refine.ls_matrix_type                           ? 
_refine.pdbx_R_Free_selection_details            RANDOM 
_refine.details                                  
'HYDROGENS HAVE BEEN ADDED IN THE RIDING POSITIONS U VALUES      : REFINED INDIVIDUALLY' 
_refine.ls_R_factor_all                          ? 
_refine.ls_R_factor_obs                          0.1875 
_refine.ls_R_factor_R_work                       0.1862 
_refine.ls_wR_factor_R_work                      ? 
_refine.ls_R_factor_R_free                       0.2119 
_refine.ls_wR_factor_R_free                      ? 
_refine.ls_percent_reflns_R_free                 4.8000 
_refine.ls_number_reflns_R_free                  2237 
_refine.ls_number_reflns_R_work                  ? 
_refine.ls_R_factor_R_free_error                 ? 
_refine.B_iso_mean                               18.3340 
_refine.solvent_model_param_bsol                 ? 
_refine.solvent_model_param_ksol                 ? 
_refine.pdbx_isotropic_thermal_model             ? 
_refine.aniso_B[1][1]                            0.0900 
_refine.aniso_B[2][2]                            0.0900 
_refine.aniso_B[3][3]                            -0.1800 
_refine.aniso_B[1][2]                            -0.0000 
_refine.aniso_B[1][3]                            -0.0000 
_refine.aniso_B[2][3]                            -0.0000 
_refine.correlation_coeff_Fo_to_Fc               0.9680 
_refine.correlation_coeff_Fo_to_Fc_free          0.9560 
_refine.overall_SU_R_Cruickshank_DPI             ? 
_refine.pdbx_overall_SU_R_free_Cruickshank_DPI   ? 
_refine.pdbx_overall_SU_R_Blow_DPI               ? 
_refine.pdbx_overall_SU_R_free_Blow_DPI          ? 
_refine.overall_SU_R_free                        ? 
_refine.pdbx_overall_ESU_R                       0.0610 
_refine.pdbx_overall_ESU_R_Free                  0.0620 
_refine.overall_SU_ML                            0.0560 
_refine.overall_SU_B                             1.5110 
_refine.solvent_model_details                    MASK 
_refine.pdbx_solvent_vdw_probe_radii             1.2000 
_refine.pdbx_solvent_ion_probe_radii             0.8000 
_refine.pdbx_solvent_shrinkage_radii             0.8000 
_refine.ls_number_parameters                     ? 
_refine.ls_number_restraints                     ? 
_refine.pdbx_starting_model                      ? 
_refine.pdbx_method_to_determine_struct          'FOURIER SYNTHESIS' 
_refine.pdbx_stereochemistry_target_values       'MAXIMUM LIKELIHOOD' 
_refine.pdbx_stereochem_target_val_spec_case     ? 
_refine.overall_FOM_work_R_set                   ? 
_refine.B_iso_max                                79.580 
_refine.B_iso_min                                9.700 
_refine.pdbx_overall_phase_error                 ? 
_refine.occupancy_max                            ? 
_refine.occupancy_min                            ? 
_refine.pdbx_diffrn_id                           1 
_refine.pdbx_TLS_residual_ADP_flag               ? 
_refine.pdbx_ls_sigma_I                          ? 
_refine.pdbx_data_cutoff_high_rms_absF           ? 
_refine.ls_R_factor_R_free_error_details         ? 
# 
_refine_hist.cycle_id                         final 
_refine_hist.pdbx_refine_id                   'X-RAY DIFFRACTION' 
_refine_hist.d_res_high                       1.3400 
_refine_hist.d_res_low                        67.4900 
_refine_hist.pdbx_number_atoms_ligand         23 
_refine_hist.number_atoms_solvent             31 
_refine_hist.number_atoms_total               1547 
_refine_hist.pdbx_number_residues_total       185 
_refine_hist.pdbx_B_iso_mean_ligand           36.10 
_refine_hist.pdbx_B_iso_mean_solvent          26.37 
_refine_hist.pdbx_number_atoms_protein        1493 
_refine_hist.pdbx_number_atoms_nucleic_acid   0 
# 
loop_
_refine_ls_restr.pdbx_refine_id 
_refine_ls_restr.type 
_refine_ls_restr.number 
_refine_ls_restr.dev_ideal 
_refine_ls_restr.dev_ideal_target 
_refine_ls_restr.weight 
_refine_ls_restr.pdbx_restraint_function 
'X-RAY DIFFRACTION' r_bond_refined_d       2168 0.011  0.014  ? ? 
'X-RAY DIFFRACTION' r_bond_other_d         1642 0.001  0.015  ? ? 
'X-RAY DIFFRACTION' r_angle_refined_deg    2563 1.719  1.640  ? ? 
'X-RAY DIFFRACTION' r_angle_other_deg      3795 1.439  1.578  ? ? 
'X-RAY DIFFRACTION' r_dihedral_angle_1_deg 241  6.944  5.000  ? ? 
'X-RAY DIFFRACTION' r_dihedral_angle_2_deg 110  27.532 21.182 ? ? 
'X-RAY DIFFRACTION' r_dihedral_angle_3_deg 288  13.435 15.000 ? ? 
'X-RAY DIFFRACTION' r_dihedral_angle_4_deg 15   20.888 15.000 ? ? 
'X-RAY DIFFRACTION' r_chiral_restr         224  0.082  0.200  ? ? 
'X-RAY DIFFRACTION' r_gen_planes_refined   2271 0.011  0.020  ? ? 
'X-RAY DIFFRACTION' r_gen_planes_other     507  0.002  0.020  ? ? 
'X-RAY DIFFRACTION' r_mcbond_it            1084 1.406  1.761  ? ? 
'X-RAY DIFFRACTION' r_mcbond_other         965  1.471  1.605  ? ? 
'X-RAY DIFFRACTION' r_mcangle_it           1153 2.311  2.415  ? ? 
# 
_refine_ls_shell.d_res_high                       1.3400 
_refine_ls_shell.d_res_low                        1.3750 
_refine_ls_shell.pdbx_total_number_of_bins_used   20 
_refine_ls_shell.percent_reflns_obs               96.4400 
_refine_ls_shell.number_reflns_R_work             3162 
_refine_ls_shell.R_factor_all                     ? 
_refine_ls_shell.R_factor_R_work                  0.3530 
_refine_ls_shell.R_factor_R_free                  0.3580 
_refine_ls_shell.percent_reflns_R_free            ? 
_refine_ls_shell.number_reflns_R_free             143 
_refine_ls_shell.R_factor_R_free_error            ? 
_refine_ls_shell.number_reflns_all                3305 
_refine_ls_shell.number_reflns_obs                ? 
_refine_ls_shell.pdbx_refine_id                   'X-RAY DIFFRACTION' 
# 
_struct.entry_id                  7HM1 
_struct.title                     'PanDDA analysis group deposition -- Crystal Structure of TRIM21 in complex with Z793778804' 
_struct.pdbx_model_details        ? 
_struct.pdbx_CASP_flag            ? 
_struct.pdbx_model_type_details   ? 
# 
_struct_keywords.entry_id        7HM1 
_struct_keywords.text            'SGC - Diamond I04-1 fragment screening, PanDDA, XChemExplorer, TRIM21, LIGASE' 
_struct_keywords.pdbx_keywords   LIGASE 
# 
loop_
_struct_asym.id 
_struct_asym.pdbx_blank_PDB_chainid_flag 
_struct_asym.pdbx_modified 
_struct_asym.entity_id 
_struct_asym.details 
A N N 1 ? 
B N N 2 ? 
C N N 3 ? 
D N N 4 ? 
E N N 5 ? 
# 
_struct_ref.id                         1 
_struct_ref.db_name                    UNP 
_struct_ref.db_code                    RO52_MOUSE 
_struct_ref.pdbx_db_accession          Q62191 
_struct_ref.pdbx_db_isoform            ? 
_struct_ref.entity_id                  1 
_struct_ref.pdbx_seq_one_letter_code   
;VHITLDRNTANSWLIISKDRRQVRMGDTHQNVSDNKERFSNYPMVLGAQRFSSGKMYWEVDVTQKEAWDLGVCRDSVQRK
GQFSLSPENGFWTIWLWQDSYEAGTSPQTTLHIQVPPCQIGIFVDYEAGVVSFYNITDHGSLIYTFSECVFAGPLRPFFN
VGFNYSGGNAAPLKLCPLKM
;
_struct_ref.pdbx_align_begin           291 
# 
_struct_ref_seq.align_id                      1 
_struct_ref_seq.ref_id                        1 
_struct_ref_seq.pdbx_PDB_id_code              7HM1 
_struct_ref_seq.pdbx_strand_id                B 
_struct_ref_seq.seq_align_beg                 9 
_struct_ref_seq.pdbx_seq_align_beg_ins_code   ? 
_struct_ref_seq.seq_align_end                 188 
_struct_ref_seq.pdbx_seq_align_end_ins_code   ? 
_struct_ref_seq.pdbx_db_accession             Q62191 
_struct_ref_seq.db_align_beg                  291 
_struct_ref_seq.pdbx_db_align_beg_ins_code    ? 
_struct_ref_seq.db_align_end                  470 
_struct_ref_seq.pdbx_db_align_end_ins_code    ? 
_struct_ref_seq.pdbx_auth_seq_align_beg       15 
_struct_ref_seq.pdbx_auth_seq_align_end       194 
# 
loop_
_struct_ref_seq_dif.align_id 
_struct_ref_seq_dif.pdbx_pdb_id_code 
_struct_ref_seq_dif.mon_id 
_struct_ref_seq_dif.pdbx_pdb_strand_id 
_struct_ref_seq_dif.seq_num 
_struct_ref_seq_dif.pdbx_pdb_ins_code 
_struct_ref_seq_dif.pdbx_seq_db_name 
_struct_ref_seq_dif.pdbx_seq_db_accession_code 
_struct_ref_seq_dif.db_mon_id 
_struct_ref_seq_dif.pdbx_seq_db_seq_num 
_struct_ref_seq_dif.details 
_struct_ref_seq_dif.pdbx_auth_seq_num 
_struct_ref_seq_dif.pdbx_ordinal 
1 7HM1 MET B 1 ? UNP Q62191 ? ? 'initiating methionine' 7  1 
1 7HM1 HIS B 2 ? UNP Q62191 ? ? 'expression tag'        8  2 
1 7HM1 HIS B 3 ? UNP Q62191 ? ? 'expression tag'        9  3 
1 7HM1 HIS B 4 ? UNP Q62191 ? ? 'expression tag'        10 4 
1 7HM1 HIS B 5 ? UNP Q62191 ? ? 'expression tag'        11 5 
1 7HM1 HIS B 6 ? UNP Q62191 ? ? 'expression tag'        12 6 
1 7HM1 HIS B 7 ? UNP Q62191 ? ? 'expression tag'        13 7 
1 7HM1 MET B 8 ? UNP Q62191 ? ? 'expression tag'        14 8 
# 
_pdbx_struct_assembly.id                   1 
_pdbx_struct_assembly.details              author_defined_assembly 
_pdbx_struct_assembly.method_details       ? 
_pdbx_struct_assembly.oligomeric_details   monomeric 
_pdbx_struct_assembly.oligomeric_count     1 
# 
_pdbx_struct_assembly_gen.assembly_id       1 
_pdbx_struct_assembly_gen.oper_expression   1 
_pdbx_struct_assembly_gen.asym_id_list      A,B,C,D,E 
# 
_pdbx_struct_oper_list.id                   1 
_pdbx_struct_oper_list.type                 'identity operation' 
_pdbx_struct_oper_list.name                 1_555 
_pdbx_struct_oper_list.symmetry_operation   x,y,z 
_pdbx_struct_oper_list.matrix[1][1]         1.0000000000 
_pdbx_struct_oper_list.matrix[1][2]         0.0000000000 
_pdbx_struct_oper_list.matrix[1][3]         0.0000000000 
_pdbx_struct_oper_list.vector[1]            0.0000000000 
_pdbx_struct_oper_list.matrix[2][1]         0.0000000000 
_pdbx_struct_oper_list.matrix[2][2]         1.0000000000 
_pdbx_struct_oper_list.matrix[2][3]         0.0000000000 
_pdbx_struct_oper_list.vector[2]            0.0000000000 
_pdbx_struct_oper_list.matrix[3][1]         0.0000000000 
_pdbx_struct_oper_list.matrix[3][2]         0.0000000000 
_pdbx_struct_oper_list.matrix[3][3]         1.0000000000 
_pdbx_struct_oper_list.vector[3]            0.0000000000 
# 
loop_
_struct_conf.conf_type_id 
_struct_conf.id 
_struct_conf.pdbx_PDB_helix_id 
_struct_conf.beg_label_comp_id 
_struct_conf.beg_label_asym_id 
_struct_conf.beg_label_seq_id 
_struct_conf.pdbx_beg_PDB_ins_code 
_struct_conf.end_label_comp_id 
_struct_conf.end_label_asym_id 
_struct_conf.end_label_seq_id 
_struct_conf.pdbx_end_PDB_ins_code 
_struct_conf.beg_auth_comp_id 
_struct_conf.beg_auth_asym_id 
_struct_conf.beg_auth_seq_id 
_struct_conf.end_auth_comp_id 
_struct_conf.end_auth_asym_id 
_struct_conf.end_auth_seq_id 
_struct_conf.pdbx_PDB_helix_class 
_struct_conf.details 
_struct_conf.pdbx_PDB_helix_length 
HELX_P HELX_P1 AA1 HIS A 4  ? MET A 8  ? HIS B 10  MET B 14  5 ? 5 
HELX_P HELX_P2 AA2 ASP A 14 ? ALA A 18 ? ASP B 20  ALA B 24  5 ? 5 
HELX_P HELX_P3 AA3 SER A 94 ? ASN A 97 ? SER B 100 ASN B 103 5 ? 4 
# 
_struct_conf_type.id          HELX_P 
_struct_conf_type.criteria    ? 
_struct_conf_type.reference   ? 
# 
_struct_mon_prot_cis.pdbx_id                1 
_struct_mon_prot_cis.label_comp_id          SER 
_struct_mon_prot_cis.label_seq_id           114 
_struct_mon_prot_cis.label_asym_id          A 
_struct_mon_prot_cis.label_alt_id           . 
_struct_mon_prot_cis.pdbx_PDB_ins_code      ? 
_struct_mon_prot_cis.auth_comp_id           SER 
_struct_mon_prot_cis.auth_seq_id            120 
_struct_mon_prot_cis.auth_asym_id           B 
_struct_mon_prot_cis.pdbx_label_comp_id_2   PRO 
_struct_mon_prot_cis.pdbx_label_seq_id_2    115 
_struct_mon_prot_cis.pdbx_label_asym_id_2   A 
_struct_mon_prot_cis.pdbx_PDB_ins_code_2    ? 
_struct_mon_prot_cis.pdbx_auth_comp_id_2    PRO 
_struct_mon_prot_cis.pdbx_auth_seq_id_2     121 
_struct_mon_prot_cis.pdbx_auth_asym_id_2    B 
_struct_mon_prot_cis.pdbx_PDB_model_num     1 
_struct_mon_prot_cis.pdbx_omega_angle       -1.43 
# 
loop_
_struct_sheet.id 
_struct_sheet.type 
_struct_sheet.number_strands 
_struct_sheet.details 
AA1 ? 7 ? 
AA2 ? 6 ? 
# 
loop_
_struct_sheet_order.sheet_id 
_struct_sheet_order.range_id_1 
_struct_sheet_order.range_id_2 
_struct_sheet_order.offset 
_struct_sheet_order.sense 
AA1 1 2 ? anti-parallel 
AA1 2 3 ? anti-parallel 
AA1 3 4 ? anti-parallel 
AA1 4 5 ? anti-parallel 
AA1 5 6 ? anti-parallel 
AA1 6 7 ? anti-parallel 
AA2 1 2 ? anti-parallel 
AA2 2 3 ? anti-parallel 
AA2 3 4 ? anti-parallel 
AA2 4 5 ? anti-parallel 
AA2 5 6 ? anti-parallel 
# 
loop_
_struct_sheet_range.sheet_id 
_struct_sheet_range.id 
_struct_sheet_range.beg_label_comp_id 
_struct_sheet_range.beg_label_asym_id 
_struct_sheet_range.beg_label_seq_id 
_struct_sheet_range.pdbx_beg_PDB_ins_code 
_struct_sheet_range.end_label_comp_id 
_struct_sheet_range.end_label_asym_id 
_struct_sheet_range.end_label_seq_id 
_struct_sheet_range.pdbx_end_PDB_ins_code 
_struct_sheet_range.beg_auth_comp_id 
_struct_sheet_range.beg_auth_asym_id 
_struct_sheet_range.beg_auth_seq_id 
_struct_sheet_range.end_auth_comp_id 
_struct_sheet_range.end_auth_asym_id 
_struct_sheet_range.end_auth_seq_id 
AA1 1 LEU A 22  ? ILE A 24  ? LEU B 28  ILE B 30  
AA1 2 GLN A 30  ? MET A 33  ? GLN B 36  MET B 39  
AA1 3 LEU A 181 ? LEU A 183 ? LEU B 187 LEU B 189 
AA1 4 LYS A 63  ? ASP A 69  ? LYS B 69  ASP B 75  
AA1 5 GLN A 127 ? ASP A 133 ? GLN B 133 ASP B 139 
AA1 6 VAL A 138 ? ASN A 143 ? VAL B 144 ASN B 149 
AA1 7 SER A 149 ? PHE A 154 ? SER B 155 PHE B 160 
AA2 1 MET A 52  ? LEU A 54  ? MET B 58  LEU B 60  
AA2 2 LEU A 163 ? ASN A 168 ? LEU B 169 ASN B 174 
AA2 3 TRP A 76  ? ARG A 82  ? TRP B 82  ARG B 88  
AA2 4 PHE A 99  ? TRP A 105 ? PHE B 105 TRP B 111 
AA2 5 SER A 108 ? ALA A 111 ? SER B 114 ALA B 117 
AA2 6 THR A 117 ? THR A 118 ? THR B 123 THR B 124 
# 
loop_
_pdbx_struct_sheet_hbond.sheet_id 
_pdbx_struct_sheet_hbond.range_id_1 
_pdbx_struct_sheet_hbond.range_id_2 
_pdbx_struct_sheet_hbond.range_1_label_atom_id 
_pdbx_struct_sheet_hbond.range_1_label_comp_id 
_pdbx_struct_sheet_hbond.range_1_label_asym_id 
_pdbx_struct_sheet_hbond.range_1_label_seq_id 
_pdbx_struct_sheet_hbond.range_1_PDB_ins_code 
_pdbx_struct_sheet_hbond.range_1_auth_atom_id 
_pdbx_struct_sheet_hbond.range_1_auth_comp_id 
_pdbx_struct_sheet_hbond.range_1_auth_asym_id 
_pdbx_struct_sheet_hbond.range_1_auth_seq_id 
_pdbx_struct_sheet_hbond.range_2_label_atom_id 
_pdbx_struct_sheet_hbond.range_2_label_comp_id 
_pdbx_struct_sheet_hbond.range_2_label_asym_id 
_pdbx_struct_sheet_hbond.range_2_label_seq_id 
_pdbx_struct_sheet_hbond.range_2_PDB_ins_code 
_pdbx_struct_sheet_hbond.range_2_auth_atom_id 
_pdbx_struct_sheet_hbond.range_2_auth_comp_id 
_pdbx_struct_sheet_hbond.range_2_auth_asym_id 
_pdbx_struct_sheet_hbond.range_2_auth_seq_id 
AA1 1 2 N ILE A 23  ? N ILE B 29  O ARG A 32  ? O ARG B 38  
AA1 2 3 N VAL A 31  ? N VAL B 37  O LEU A 181 ? O LEU B 187 
AA1 3 4 O LYS A 182 ? O LYS B 188 N ASP A 69  ? N ASP B 75  
AA1 4 5 N TRP A 66  ? N TRP B 72  O ILE A 130 ? O ILE B 136 
AA1 5 6 N PHE A 131 ? N PHE B 137 O SER A 140 ? O SER B 146 
AA1 6 7 N PHE A 141 ? N PHE B 147 O ILE A 151 ? O ILE B 157 
AA2 1 2 N VAL A 53  ? N VAL B 59  O PHE A 167 ? O PHE B 173 
AA2 2 3 O ARG A 164 ? O ARG B 170 N CYS A 81  ? N CYS B 87  
AA2 3 4 N VAL A 80  ? N VAL B 86  O TRP A 100 ? O TRP B 106 
AA2 4 5 N TRP A 105 ? N TRP B 111 O SER A 108 ? O SER B 114 
AA2 5 6 N ALA A 111 ? N ALA B 117 O THR A 117 ? O THR B 123 
# 
_pdbx_entry_details.entry_id                   7HM1 
_pdbx_entry_details.compound_details           ? 
_pdbx_entry_details.source_details             ? 
_pdbx_entry_details.nonpolymer_details         ? 
_pdbx_entry_details.sequence_details           ? 
_pdbx_entry_details.has_ligand_of_interest     Y 
_pdbx_entry_details.has_protein_modification   N 
# 
_pdbx_validate_rmsd_angle.id                         1 
_pdbx_validate_rmsd_angle.PDB_model_num              1 
_pdbx_validate_rmsd_angle.auth_atom_id_1             CG 
_pdbx_validate_rmsd_angle.auth_asym_id_1             B 
_pdbx_validate_rmsd_angle.auth_comp_id_1             ARG 
_pdbx_validate_rmsd_angle.auth_seq_id_1              64 
_pdbx_validate_rmsd_angle.PDB_ins_code_1             ? 
_pdbx_validate_rmsd_angle.label_alt_id_1             ? 
_pdbx_validate_rmsd_angle.auth_atom_id_2             CD 
_pdbx_validate_rmsd_angle.auth_asym_id_2             B 
_pdbx_validate_rmsd_angle.auth_comp_id_2             ARG 
_pdbx_validate_rmsd_angle.auth_seq_id_2              64 
_pdbx_validate_rmsd_angle.PDB_ins_code_2             ? 
_pdbx_validate_rmsd_angle.label_alt_id_2             ? 
_pdbx_validate_rmsd_angle.auth_atom_id_3             NE 
_pdbx_validate_rmsd_angle.auth_asym_id_3             B 
_pdbx_validate_rmsd_angle.auth_comp_id_3             ARG 
_pdbx_validate_rmsd_angle.auth_seq_id_3              64 
_pdbx_validate_rmsd_angle.PDB_ins_code_3             ? 
_pdbx_validate_rmsd_angle.label_alt_id_3             ? 
_pdbx_validate_rmsd_angle.angle_value                124.96 
_pdbx_validate_rmsd_angle.angle_target_value         111.80 
_pdbx_validate_rmsd_angle.angle_deviation            13.16 
_pdbx_validate_rmsd_angle.angle_standard_deviation   2.10 
_pdbx_validate_rmsd_angle.linker_flag                N 
# 
loop_
_pdbx_validate_torsion.id 
_pdbx_validate_torsion.PDB_model_num 
_pdbx_validate_torsion.auth_comp_id 
_pdbx_validate_torsion.auth_asym_id 
_pdbx_validate_torsion.auth_seq_id 
_pdbx_validate_torsion.PDB_ins_code 
_pdbx_validate_torsion.label_alt_id 
_pdbx_validate_torsion.phi 
_pdbx_validate_torsion.psi 
1 1 SER B 67  ? B 179.85  157.19 
2 1 ASP B 152 ? ? -101.27 52.72  
# 
_phasing.method   MR 
# 
loop_
_pdbx_unobs_or_zero_occ_residues.id 
_pdbx_unobs_or_zero_occ_residues.PDB_model_num 
_pdbx_unobs_or_zero_occ_residues.polymer_flag 
_pdbx_unobs_or_zero_occ_residues.occupancy_flag 
_pdbx_unobs_or_zero_occ_residues.auth_asym_id 
_pdbx_unobs_or_zero_occ_residues.auth_comp_id 
_pdbx_unobs_or_zero_occ_residues.auth_seq_id 
_pdbx_unobs_or_zero_occ_residues.PDB_ins_code 
_pdbx_unobs_or_zero_occ_residues.label_asym_id 
_pdbx_unobs_or_zero_occ_residues.label_comp_id 
_pdbx_unobs_or_zero_occ_residues.label_seq_id 
1 1 Y 1 B MET 7   ? A MET 1   
2 1 Y 1 B LYS 193 ? A LYS 187 
3 1 Y 1 B MET 194 ? A MET 188 
# 
loop_
_chem_comp_atom.comp_id 
_chem_comp_atom.atom_id 
_chem_comp_atom.type_symbol 
_chem_comp_atom.pdbx_aromatic_flag 
_chem_comp_atom.pdbx_stereo_config 
_chem_comp_atom.pdbx_ordinal 
ALA N    N N N 1   
ALA CA   C N S 2   
ALA C    C N N 3   
ALA O    O N N 4   
ALA CB   C N N 5   
ALA OXT  O N N 6   
ALA H    H N N 7   
ALA H2   H N N 8   
ALA HA   H N N 9   
ALA HB1  H N N 10  
ALA HB2  H N N 11  
ALA HB3  H N N 12  
ALA HXT  H N N 13  
ARG N    N N N 14  
ARG CA   C N S 15  
ARG C    C N N 16  
ARG O    O N N 17  
ARG CB   C N N 18  
ARG CG   C N N 19  
ARG CD   C N N 20  
ARG NE   N N N 21  
ARG CZ   C N N 22  
ARG NH1  N N N 23  
ARG NH2  N N N 24  
ARG OXT  O N N 25  
ARG H    H N N 26  
ARG H2   H N N 27  
ARG HA   H N N 28  
ARG HB2  H N N 29  
ARG HB3  H N N 30  
ARG HG2  H N N 31  
ARG HG3  H N N 32  
ARG HD2  H N N 33  
ARG HD3  H N N 34  
ARG HE   H N N 35  
ARG HH11 H N N 36  
ARG HH12 H N N 37  
ARG HH21 H N N 38  
ARG HH22 H N N 39  
ARG HXT  H N N 40  
ASN N    N N N 41  
ASN CA   C N S 42  
ASN C    C N N 43  
ASN O    O N N 44  
ASN CB   C N N 45  
ASN CG   C N N 46  
ASN OD1  O N N 47  
ASN ND2  N N N 48  
ASN OXT  O N N 49  
ASN H    H N N 50  
ASN H2   H N N 51  
ASN HA   H N N 52  
ASN HB2  H N N 53  
ASN HB3  H N N 54  
ASN HD21 H N N 55  
ASN HD22 H N N 56  
ASN HXT  H N N 57  
ASP N    N N N 58  
ASP CA   C N S 59  
ASP C    C N N 60  
ASP O    O N N 61  
ASP CB   C N N 62  
ASP CG   C N N 63  
ASP OD1  O N N 64  
ASP OD2  O N N 65  
ASP OXT  O N N 66  
ASP H    H N N 67  
ASP H2   H N N 68  
ASP HA   H N N 69  
ASP HB2  H N N 70  
ASP HB3  H N N 71  
ASP HD2  H N N 72  
ASP HXT  H N N 73  
CYS N    N N N 74  
CYS CA   C N R 75  
CYS C    C N N 76  
CYS O    O N N 77  
CYS CB   C N N 78  
CYS SG   S N N 79  
CYS OXT  O N N 80  
CYS H    H N N 81  
CYS H2   H N N 82  
CYS HA   H N N 83  
CYS HB2  H N N 84  
CYS HB3  H N N 85  
CYS HG   H N N 86  
CYS HXT  H N N 87  
EDO C1   C N N 88  
EDO O1   O N N 89  
EDO C2   C N N 90  
EDO O2   O N N 91  
EDO H11  H N N 92  
EDO H12  H N N 93  
EDO HO1  H N N 94  
EDO H21  H N N 95  
EDO H22  H N N 96  
EDO HO2  H N N 97  
GLN N    N N N 98  
GLN CA   C N S 99  
GLN C    C N N 100 
GLN O    O N N 101 
GLN CB   C N N 102 
GLN CG   C N N 103 
GLN CD   C N N 104 
GLN OE1  O N N 105 
GLN NE2  N N N 106 
GLN OXT  O N N 107 
GLN H    H N N 108 
GLN H2   H N N 109 
GLN HA   H N N 110 
GLN HB2  H N N 111 
GLN HB3  H N N 112 
GLN HG2  H N N 113 
GLN HG3  H N N 114 
GLN HE21 H N N 115 
GLN HE22 H N N 116 
GLN HXT  H N N 117 
GLU N    N N N 118 
GLU CA   C N S 119 
GLU C    C N N 120 
GLU O    O N N 121 
GLU CB   C N N 122 
GLU CG   C N N 123 
GLU CD   C N N 124 
GLU OE1  O N N 125 
GLU OE2  O N N 126 
GLU OXT  O N N 127 
GLU H    H N N 128 
GLU H2   H N N 129 
GLU HA   H N N 130 
GLU HB2  H N N 131 
GLU HB3  H N N 132 
GLU HG2  H N N 133 
GLU HG3  H N N 134 
GLU HE2  H N N 135 
GLU HXT  H N N 136 
GLY N    N N N 137 
GLY CA   C N N 138 
GLY C    C N N 139 
GLY O    O N N 140 
GLY OXT  O N N 141 
GLY H    H N N 142 
GLY H2   H N N 143 
GLY HA2  H N N 144 
GLY HA3  H N N 145 
GLY HXT  H N N 146 
HIS N    N N N 147 
HIS CA   C N S 148 
HIS C    C N N 149 
HIS O    O N N 150 
HIS CB   C N N 151 
HIS CG   C Y N 152 
HIS ND1  N Y N 153 
HIS CD2  C Y N 154 
HIS CE1  C Y N 155 
HIS NE2  N Y N 156 
HIS OXT  O N N 157 
HIS H    H N N 158 
HIS H2   H N N 159 
HIS HA   H N N 160 
HIS HB2  H N N 161 
HIS HB3  H N N 162 
HIS HD1  H N N 163 
HIS HD2  H N N 164 
HIS HE1  H N N 165 
HIS HE2  H N N 166 
HIS HXT  H N N 167 
HOH O    O N N 168 
HOH H1   H N N 169 
HOH H2   H N N 170 
ILE N    N N N 171 
ILE CA   C N S 172 
ILE C    C N N 173 
ILE O    O N N 174 
ILE CB   C N S 175 
ILE CG1  C N N 176 
ILE CG2  C N N 177 
ILE CD1  C N N 178 
ILE OXT  O N N 179 
ILE H    H N N 180 
ILE H2   H N N 181 
ILE HA   H N N 182 
ILE HB   H N N 183 
ILE HG12 H N N 184 
ILE HG13 H N N 185 
ILE HG21 H N N 186 
ILE HG22 H N N 187 
ILE HG23 H N N 188 
ILE HD11 H N N 189 
ILE HD12 H N N 190 
ILE HD13 H N N 191 
ILE HXT  H N N 192 
LEU N    N N N 193 
LEU CA   C N S 194 
LEU C    C N N 195 
LEU O    O N N 196 
LEU CB   C N N 197 
LEU CG   C N N 198 
LEU CD1  C N N 199 
LEU CD2  C N N 200 
LEU OXT  O N N 201 
LEU H    H N N 202 
LEU H2   H N N 203 
LEU HA   H N N 204 
LEU HB2  H N N 205 
LEU HB3  H N N 206 
LEU HG   H N N 207 
LEU HD11 H N N 208 
LEU HD12 H N N 209 
LEU HD13 H N N 210 
LEU HD21 H N N 211 
LEU HD22 H N N 212 
LEU HD23 H N N 213 
LEU HXT  H N N 214 
LYS N    N N N 215 
LYS CA   C N S 216 
LYS C    C N N 217 
LYS O    O N N 218 
LYS CB   C N N 219 
LYS CG   C N N 220 
LYS CD   C N N 221 
LYS CE   C N N 222 
LYS NZ   N N N 223 
LYS OXT  O N N 224 
LYS H    H N N 225 
LYS H2   H N N 226 
LYS HA   H N N 227 
LYS HB2  H N N 228 
LYS HB3  H N N 229 
LYS HG2  H N N 230 
LYS HG3  H N N 231 
LYS HD2  H N N 232 
LYS HD3  H N N 233 
LYS HE2  H N N 234 
LYS HE3  H N N 235 
LYS HZ1  H N N 236 
LYS HZ2  H N N 237 
LYS HZ3  H N N 238 
LYS HXT  H N N 239 
MET N    N N N 240 
MET CA   C N S 241 
MET C    C N N 242 
MET O    O N N 243 
MET CB   C N N 244 
MET CG   C N N 245 
MET SD   S N N 246 
MET CE   C N N 247 
MET OXT  O N N 248 
MET H    H N N 249 
MET H2   H N N 250 
MET HA   H N N 251 
MET HB2  H N N 252 
MET HB3  H N N 253 
MET HG2  H N N 254 
MET HG3  H N N 255 
MET HE1  H N N 256 
MET HE2  H N N 257 
MET HE3  H N N 258 
MET HXT  H N N 259 
PHE N    N N N 260 
PHE CA   C N S 261 
PHE C    C N N 262 
PHE O    O N N 263 
PHE CB   C N N 264 
PHE CG   C Y N 265 
PHE CD1  C Y N 266 
PHE CD2  C Y N 267 
PHE CE1  C Y N 268 
PHE CE2  C Y N 269 
PHE CZ   C Y N 270 
PHE OXT  O N N 271 
PHE H    H N N 272 
PHE H2   H N N 273 
PHE HA   H N N 274 
PHE HB2  H N N 275 
PHE HB3  H N N 276 
PHE HD1  H N N 277 
PHE HD2  H N N 278 
PHE HE1  H N N 279 
PHE HE2  H N N 280 
PHE HZ   H N N 281 
PHE HXT  H N N 282 
PRO N    N N N 283 
PRO CA   C N S 284 
PRO C    C N N 285 
PRO O    O N N 286 
PRO CB   C N N 287 
PRO CG   C N N 288 
PRO CD   C N N 289 
PRO OXT  O N N 290 
PRO H    H N N 291 
PRO HA   H N N 292 
PRO HB2  H N N 293 
PRO HB3  H N N 294 
PRO HG2  H N N 295 
PRO HG3  H N N 296 
PRO HD2  H N N 297 
PRO HD3  H N N 298 
PRO HXT  H N N 299 
SER N    N N N 300 
SER CA   C N S 301 
SER C    C N N 302 
SER O    O N N 303 
SER CB   C N N 304 
SER OG   O N N 305 
SER OXT  O N N 306 
SER H    H N N 307 
SER H2   H N N 308 
SER HA   H N N 309 
SER HB2  H N N 310 
SER HB3  H N N 311 
SER HG   H N N 312 
SER HXT  H N N 313 
SO4 S    S N N 314 
SO4 O1   O N N 315 
SO4 O2   O N N 316 
SO4 O3   O N N 317 
SO4 O4   O N N 318 
THR N    N N N 319 
THR CA   C N S 320 
THR C    C N N 321 
THR O    O N N 322 
THR CB   C N R 323 
THR OG1  O N N 324 
THR CG2  C N N 325 
THR OXT  O N N 326 
THR H    H N N 327 
THR H2   H N N 328 
THR HA   H N N 329 
THR HB   H N N 330 
THR HG1  H N N 331 
THR HG21 H N N 332 
THR HG22 H N N 333 
THR HG23 H N N 334 
THR HXT  H N N 335 
TRP N    N N N 336 
TRP CA   C N S 337 
TRP C    C N N 338 
TRP O    O N N 339 
TRP CB   C N N 340 
TRP CG   C Y N 341 
TRP CD1  C Y N 342 
TRP CD2  C Y N 343 
TRP NE1  N Y N 344 
TRP CE2  C Y N 345 
TRP CE3  C Y N 346 
TRP CZ2  C Y N 347 
TRP CZ3  C Y N 348 
TRP CH2  C Y N 349 
TRP OXT  O N N 350 
TRP H    H N N 351 
TRP H2   H N N 352 
TRP HA   H N N 353 
TRP HB2  H N N 354 
TRP HB3  H N N 355 
TRP HD1  H N N 356 
TRP HE1  H N N 357 
TRP HE3  H N N 358 
TRP HZ2  H N N 359 
TRP HZ3  H N N 360 
TRP HH2  H N N 361 
TRP HXT  H N N 362 
TYR N    N N N 363 
TYR CA   C N S 364 
TYR C    C N N 365 
TYR O    O N N 366 
TYR CB   C N N 367 
TYR CG   C Y N 368 
TYR CD1  C Y N 369 
TYR CD2  C Y N 370 
TYR CE1  C Y N 371 
TYR CE2  C Y N 372 
TYR CZ   C Y N 373 
TYR OH   O N N 374 
TYR OXT  O N N 375 
TYR H    H N N 376 
TYR H2   H N N 377 
TYR HA   H N N 378 
TYR HB2  H N N 379 
TYR HB3  H N N 380 
TYR HD1  H N N 381 
TYR HD2  H N N 382 
TYR HE1  H N N 383 
TYR HE2  H N N 384 
TYR HH   H N N 385 
TYR HXT  H N N 386 
VAL N    N N N 387 
VAL CA   C N S 388 
VAL C    C N N 389 
VAL O    O N N 390 
VAL CB   C N N 391 
VAL CG1  C N N 392 
VAL CG2  C N N 393 
VAL OXT  O N N 394 
VAL H    H N N 395 
VAL H2   H N N 396 
VAL HA   H N N 397 
VAL HB   H N N 398 
VAL HG11 H N N 399 
VAL HG12 H N N 400 
VAL HG13 H N N 401 
VAL HG21 H N N 402 
VAL HG22 H N N 403 
VAL HG23 H N N 404 
VAL HXT  H N N 405 
VWV N1   N N N 406 
VWV C4   C N N 407 
VWV C5   C N N 408 
VWV C6   C N N 409 
VWV C7   C N N 410 
VWV C8   C N N 411 
VWV C1   C N N 412 
VWV C2   C N N 413 
VWV O1   O N N 414 
VWV C3   C N N 415 
VWV O2   O N N 416 
VWV S1   S N N 417 
VWV O3   O N N 418 
VWV O4   O N N 419 
VWV H7   H N N 420 
VWV H6   H N N 421 
VWV H9   H N N 422 
VWV H8   H N N 423 
VWV H11  H N N 424 
VWV H10  H N N 425 
VWV H12  H N N 426 
VWV H13  H N N 427 
VWV H14  H N N 428 
VWV H15  H N N 429 
VWV H1   H N N 430 
VWV H2   H N N 431 
VWV H3   H N N 432 
VWV H5   H N N 433 
VWV H4   H N N 434 
# 
loop_
_chem_comp_bond.comp_id 
_chem_comp_bond.atom_id_1 
_chem_comp_bond.atom_id_2 
_chem_comp_bond.value_order 
_chem_comp_bond.pdbx_aromatic_flag 
_chem_comp_bond.pdbx_stereo_config 
_chem_comp_bond.pdbx_ordinal 
ALA N   CA   sing N N 1   
ALA N   H    sing N N 2   
ALA N   H2   sing N N 3   
ALA CA  C    sing N N 4   
ALA CA  CB   sing N N 5   
ALA CA  HA   sing N N 6   
ALA C   O    doub N N 7   
ALA C   OXT  sing N N 8   
ALA CB  HB1  sing N N 9   
ALA CB  HB2  sing N N 10  
ALA CB  HB3  sing N N 11  
ALA OXT HXT  sing N N 12  
ARG N   CA   sing N N 13  
ARG N   H    sing N N 14  
ARG N   H2   sing N N 15  
ARG CA  C    sing N N 16  
ARG CA  CB   sing N N 17  
ARG CA  HA   sing N N 18  
ARG C   O    doub N N 19  
ARG C   OXT  sing N N 20  
ARG CB  CG   sing N N 21  
ARG CB  HB2  sing N N 22  
ARG CB  HB3  sing N N 23  
ARG CG  CD   sing N N 24  
ARG CG  HG2  sing N N 25  
ARG CG  HG3  sing N N 26  
ARG CD  NE   sing N N 27  
ARG CD  HD2  sing N N 28  
ARG CD  HD3  sing N N 29  
ARG NE  CZ   sing N N 30  
ARG NE  HE   sing N N 31  
ARG CZ  NH1  sing N N 32  
ARG CZ  NH2  doub N N 33  
ARG NH1 HH11 sing N N 34  
ARG NH1 HH12 sing N N 35  
ARG NH2 HH21 sing N N 36  
ARG NH2 HH22 sing N N 37  
ARG OXT HXT  sing N N 38  
ASN N   CA   sing N N 39  
ASN N   H    sing N N 40  
ASN N   H2   sing N N 41  
ASN CA  C    sing N N 42  
ASN CA  CB   sing N N 43  
ASN CA  HA   sing N N 44  
ASN C   O    doub N N 45  
ASN C   OXT  sing N N 46  
ASN CB  CG   sing N N 47  
ASN CB  HB2  sing N N 48  
ASN CB  HB3  sing N N 49  
ASN CG  OD1  doub N N 50  
ASN CG  ND2  sing N N 51  
ASN ND2 HD21 sing N N 52  
ASN ND2 HD22 sing N N 53  
ASN OXT HXT  sing N N 54  
ASP N   CA   sing N N 55  
ASP N   H    sing N N 56  
ASP N   H2   sing N N 57  
ASP CA  C    sing N N 58  
ASP CA  CB   sing N N 59  
ASP CA  HA   sing N N 60  
ASP C   O    doub N N 61  
ASP C   OXT  sing N N 62  
ASP CB  CG   sing N N 63  
ASP CB  HB2  sing N N 64  
ASP CB  HB3  sing N N 65  
ASP CG  OD1  doub N N 66  
ASP CG  OD2  sing N N 67  
ASP OD2 HD2  sing N N 68  
ASP OXT HXT  sing N N 69  
CYS N   CA   sing N N 70  
CYS N   H    sing N N 71  
CYS N   H2   sing N N 72  
CYS CA  C    sing N N 73  
CYS CA  CB   sing N N 74  
CYS CA  HA   sing N N 75  
CYS C   O    doub N N 76  
CYS C   OXT  sing N N 77  
CYS CB  SG   sing N N 78  
CYS CB  HB2  sing N N 79  
CYS CB  HB3  sing N N 80  
CYS SG  HG   sing N N 81  
CYS OXT HXT  sing N N 82  
EDO C1  O1   sing N N 83  
EDO C1  C2   sing N N 84  
EDO C1  H11  sing N N 85  
EDO C1  H12  sing N N 86  
EDO O1  HO1  sing N N 87  
EDO C2  O2   sing N N 88  
EDO C2  H21  sing N N 89  
EDO C2  H22  sing N N 90  
EDO O2  HO2  sing N N 91  
GLN N   CA   sing N N 92  
GLN N   H    sing N N 93  
GLN N   H2   sing N N 94  
GLN CA  C    sing N N 95  
GLN CA  CB   sing N N 96  
GLN CA  HA   sing N N 97  
GLN C   O    doub N N 98  
GLN C   OXT  sing N N 99  
GLN CB  CG   sing N N 100 
GLN CB  HB2  sing N N 101 
GLN CB  HB3  sing N N 102 
GLN CG  CD   sing N N 103 
GLN CG  HG2  sing N N 104 
GLN CG  HG3  sing N N 105 
GLN CD  OE1  doub N N 106 
GLN CD  NE2  sing N N 107 
GLN NE2 HE21 sing N N 108 
GLN NE2 HE22 sing N N 109 
GLN OXT HXT  sing N N 110 
GLU N   CA   sing N N 111 
GLU N   H    sing N N 112 
GLU N   H2   sing N N 113 
GLU CA  C    sing N N 114 
GLU CA  CB   sing N N 115 
GLU CA  HA   sing N N 116 
GLU C   O    doub N N 117 
GLU C   OXT  sing N N 118 
GLU CB  CG   sing N N 119 
GLU CB  HB2  sing N N 120 
GLU CB  HB3  sing N N 121 
GLU CG  CD   sing N N 122 
GLU CG  HG2  sing N N 123 
GLU CG  HG3  sing N N 124 
GLU CD  OE1  doub N N 125 
GLU CD  OE2  sing N N 126 
GLU OE2 HE2  sing N N 127 
GLU OXT HXT  sing N N 128 
GLY N   CA   sing N N 129 
GLY N   H    sing N N 130 
GLY N   H2   sing N N 131 
GLY CA  C    sing N N 132 
GLY CA  HA2  sing N N 133 
GLY CA  HA3  sing N N 134 
GLY C   O    doub N N 135 
GLY C   OXT  sing N N 136 
GLY OXT HXT  sing N N 137 
HIS N   CA   sing N N 138 
HIS N   H    sing N N 139 
HIS N   H2   sing N N 140 
HIS CA  C    sing N N 141 
HIS CA  CB   sing N N 142 
HIS CA  HA   sing N N 143 
HIS C   O    doub N N 144 
HIS C   OXT  sing N N 145 
HIS CB  CG   sing N N 146 
HIS CB  HB2  sing N N 147 
HIS CB  HB3  sing N N 148 
HIS CG  ND1  sing Y N 149 
HIS CG  CD2  doub Y N 150 
HIS ND1 CE1  doub Y N 151 
HIS ND1 HD1  sing N N 152 
HIS CD2 NE2  sing Y N 153 
HIS CD2 HD2  sing N N 154 
HIS CE1 NE2  sing Y N 155 
HIS CE1 HE1  sing N N 156 
HIS NE2 HE2  sing N N 157 
HIS OXT HXT  sing N N 158 
HOH O   H1   sing N N 159 
HOH O   H2   sing N N 160 
ILE N   CA   sing N N 161 
ILE N   H    sing N N 162 
ILE N   H2   sing N N 163 
ILE CA  C    sing N N 164 
ILE CA  CB   sing N N 165 
ILE CA  HA   sing N N 166 
ILE C   O    doub N N 167 
ILE C   OXT  sing N N 168 
ILE CB  CG1  sing N N 169 
ILE CB  CG2  sing N N 170 
ILE CB  HB   sing N N 171 
ILE CG1 CD1  sing N N 172 
ILE CG1 HG12 sing N N 173 
ILE CG1 HG13 sing N N 174 
ILE CG2 HG21 sing N N 175 
ILE CG2 HG22 sing N N 176 
ILE CG2 HG23 sing N N 177 
ILE CD1 HD11 sing N N 178 
ILE CD1 HD12 sing N N 179 
ILE CD1 HD13 sing N N 180 
ILE OXT HXT  sing N N 181 
LEU N   CA   sing N N 182 
LEU N   H    sing N N 183 
LEU N   H2   sing N N 184 
LEU CA  C    sing N N 185 
LEU CA  CB   sing N N 186 
LEU CA  HA   sing N N 187 
LEU C   O    doub N N 188 
LEU C   OXT  sing N N 189 
LEU CB  CG   sing N N 190 
LEU CB  HB2  sing N N 191 
LEU CB  HB3  sing N N 192 
LEU CG  CD1  sing N N 193 
LEU CG  CD2  sing N N 194 
LEU CG  HG   sing N N 195 
LEU CD1 HD11 sing N N 196 
LEU CD1 HD12 sing N N 197 
LEU CD1 HD13 sing N N 198 
LEU CD2 HD21 sing N N 199 
LEU CD2 HD22 sing N N 200 
LEU CD2 HD23 sing N N 201 
LEU OXT HXT  sing N N 202 
LYS N   CA   sing N N 203 
LYS N   H    sing N N 204 
LYS N   H2   sing N N 205 
LYS CA  C    sing N N 206 
LYS CA  CB   sing N N 207 
LYS CA  HA   sing N N 208 
LYS C   O    doub N N 209 
LYS C   OXT  sing N N 210 
LYS CB  CG   sing N N 211 
LYS CB  HB2  sing N N 212 
LYS CB  HB3  sing N N 213 
LYS CG  CD   sing N N 214 
LYS CG  HG2  sing N N 215 
LYS CG  HG3  sing N N 216 
LYS CD  CE   sing N N 217 
LYS CD  HD2  sing N N 218 
LYS CD  HD3  sing N N 219 
LYS CE  NZ   sing N N 220 
LYS CE  HE2  sing N N 221 
LYS CE  HE3  sing N N 222 
LYS NZ  HZ1  sing N N 223 
LYS NZ  HZ2  sing N N 224 
LYS NZ  HZ3  sing N N 225 
LYS OXT HXT  sing N N 226 
MET N   CA   sing N N 227 
MET N   H    sing N N 228 
MET N   H2   sing N N 229 
MET CA  C    sing N N 230 
MET CA  CB   sing N N 231 
MET CA  HA   sing N N 232 
MET C   O    doub N N 233 
MET C   OXT  sing N N 234 
MET CB  CG   sing N N 235 
MET CB  HB2  sing N N 236 
MET CB  HB3  sing N N 237 
MET CG  SD   sing N N 238 
MET CG  HG2  sing N N 239 
MET CG  HG3  sing N N 240 
MET SD  CE   sing N N 241 
MET CE  HE1  sing N N 242 
MET CE  HE2  sing N N 243 
MET CE  HE3  sing N N 244 
MET OXT HXT  sing N N 245 
PHE N   CA   sing N N 246 
PHE N   H    sing N N 247 
PHE N   H2   sing N N 248 
PHE CA  C    sing N N 249 
PHE CA  CB   sing N N 250 
PHE CA  HA   sing N N 251 
PHE C   O    doub N N 252 
PHE C   OXT  sing N N 253 
PHE CB  CG   sing N N 254 
PHE CB  HB2  sing N N 255 
PHE CB  HB3  sing N N 256 
PHE CG  CD1  doub Y N 257 
PHE CG  CD2  sing Y N 258 
PHE CD1 CE1  sing Y N 259 
PHE CD1 HD1  sing N N 260 
PHE CD2 CE2  doub Y N 261 
PHE CD2 HD2  sing N N 262 
PHE CE1 CZ   doub Y N 263 
PHE CE1 HE1  sing N N 264 
PHE CE2 CZ   sing Y N 265 
PHE CE2 HE2  sing N N 266 
PHE CZ  HZ   sing N N 267 
PHE OXT HXT  sing N N 268 
PRO N   CA   sing N N 269 
PRO N   CD   sing N N 270 
PRO N   H    sing N N 271 
PRO CA  C    sing N N 272 
PRO CA  CB   sing N N 273 
PRO CA  HA   sing N N 274 
PRO C   O    doub N N 275 
PRO C   OXT  sing N N 276 
PRO CB  CG   sing N N 277 
PRO CB  HB2  sing N N 278 
PRO CB  HB3  sing N N 279 
PRO CG  CD   sing N N 280 
PRO CG  HG2  sing N N 281 
PRO CG  HG3  sing N N 282 
PRO CD  HD2  sing N N 283 
PRO CD  HD3  sing N N 284 
PRO OXT HXT  sing N N 285 
SER N   CA   sing N N 286 
SER N   H    sing N N 287 
SER N   H2   sing N N 288 
SER CA  C    sing N N 289 
SER CA  CB   sing N N 290 
SER CA  HA   sing N N 291 
SER C   O    doub N N 292 
SER C   OXT  sing N N 293 
SER CB  OG   sing N N 294 
SER CB  HB2  sing N N 295 
SER CB  HB3  sing N N 296 
SER OG  HG   sing N N 297 
SER OXT HXT  sing N N 298 
SO4 S   O1   doub N N 299 
SO4 S   O2   doub N N 300 
SO4 S   O3   sing N N 301 
SO4 S   O4   sing N N 302 
THR N   CA   sing N N 303 
THR N   H    sing N N 304 
THR N   H2   sing N N 305 
THR CA  C    sing N N 306 
THR CA  CB   sing N N 307 
THR CA  HA   sing N N 308 
THR C   O    doub N N 309 
THR C   OXT  sing N N 310 
THR CB  OG1  sing N N 311 
THR CB  CG2  sing N N 312 
THR CB  HB   sing N N 313 
THR OG1 HG1  sing N N 314 
THR CG2 HG21 sing N N 315 
THR CG2 HG22 sing N N 316 
THR CG2 HG23 sing N N 317 
THR OXT HXT  sing N N 318 
TRP N   CA   sing N N 319 
TRP N   H    sing N N 320 
TRP N   H2   sing N N 321 
TRP CA  C    sing N N 322 
TRP CA  CB   sing N N 323 
TRP CA  HA   sing N N 324 
TRP C   O    doub N N 325 
TRP C   OXT  sing N N 326 
TRP CB  CG   sing N N 327 
TRP CB  HB2  sing N N 328 
TRP CB  HB3  sing N N 329 
TRP CG  CD1  doub Y N 330 
TRP CG  CD2  sing Y N 331 
TRP CD1 NE1  sing Y N 332 
TRP CD1 HD1  sing N N 333 
TRP CD2 CE2  doub Y N 334 
TRP CD2 CE3  sing Y N 335 
TRP NE1 CE2  sing Y N 336 
TRP NE1 HE1  sing N N 337 
TRP CE2 CZ2  sing Y N 338 
TRP CE3 CZ3  doub Y N 339 
TRP CE3 HE3  sing N N 340 
TRP CZ2 CH2  doub Y N 341 
TRP CZ2 HZ2  sing N N 342 
TRP CZ3 CH2  sing Y N 343 
TRP CZ3 HZ3  sing N N 344 
TRP CH2 HH2  sing N N 345 
TRP OXT HXT  sing N N 346 
TYR N   CA   sing N N 347 
TYR N   H    sing N N 348 
TYR N   H2   sing N N 349 
TYR CA  C    sing N N 350 
TYR CA  CB   sing N N 351 
TYR CA  HA   sing N N 352 
TYR C   O    doub N N 353 
TYR C   OXT  sing N N 354 
TYR CB  CG   sing N N 355 
TYR CB  HB2  sing N N 356 
TYR CB  HB3  sing N N 357 
TYR CG  CD1  doub Y N 358 
TYR CG  CD2  sing Y N 359 
TYR CD1 CE1  sing Y N 360 
TYR CD1 HD1  sing N N 361 
TYR CD2 CE2  doub Y N 362 
TYR CD2 HD2  sing N N 363 
TYR CE1 CZ   doub Y N 364 
TYR CE1 HE1  sing N N 365 
TYR CE2 CZ   sing Y N 366 
TYR CE2 HE2  sing N N 367 
TYR CZ  OH   sing N N 368 
TYR OH  HH   sing N N 369 
TYR OXT HXT  sing N N 370 
VAL N   CA   sing N N 371 
VAL N   H    sing N N 372 
VAL N   H2   sing N N 373 
VAL CA  C    sing N N 374 
VAL CA  CB   sing N N 375 
VAL CA  HA   sing N N 376 
VAL C   O    doub N N 377 
VAL C   OXT  sing N N 378 
VAL CB  CG1  sing N N 379 
VAL CB  CG2  sing N N 380 
VAL CB  HB   sing N N 381 
VAL CG1 HG11 sing N N 382 
VAL CG1 HG12 sing N N 383 
VAL CG1 HG13 sing N N 384 
VAL CG2 HG21 sing N N 385 
VAL CG2 HG22 sing N N 386 
VAL CG2 HG23 sing N N 387 
VAL OXT HXT  sing N N 388 
VWV C6  S1   sing N N 389 
VWV C6  C5   sing N N 390 
VWV O4  S1   doub N N 391 
VWV S1  O3   doub N N 392 
VWV S1  C7   sing N N 393 
VWV C5  N1   sing N N 394 
VWV N1  C4   sing N N 395 
VWV N1  C8   sing N N 396 
VWV C7  C8   sing N N 397 
VWV C4  C3   sing N N 398 
VWV C1  C2   sing N N 399 
VWV O1  C2   sing N N 400 
VWV O1  C3   sing N N 401 
VWV C3  O2   doub N N 402 
VWV C4  H7   sing N N 403 
VWV C4  H6   sing N N 404 
VWV C5  H9   sing N N 405 
VWV C5  H8   sing N N 406 
VWV C6  H11  sing N N 407 
VWV C6  H10  sing N N 408 
VWV C7  H12  sing N N 409 
VWV C7  H13  sing N N 410 
VWV C8  H14  sing N N 411 
VWV C8  H15  sing N N 412 
VWV C1  H1   sing N N 413 
VWV C1  H2   sing N N 414 
VWV C1  H3   sing N N 415 
VWV C2  H5   sing N N 416 
VWV C2  H4   sing N N 417 
# 
_pdbx_audit_support.ordinal                1 
_pdbx_audit_support.funding_organization   'European Union (EU)' 
_pdbx_audit_support.grant_number           875510 
_pdbx_audit_support.country                'European Union' 
# 
_pdbx_deposit_group.group_id            G_1002320 
_pdbx_deposit_group.group_description   
;PRYSPRY domain of murine TRIM21 screened against the DSI-poised Fragment Library by X-ray Crystallography at the XChem facility of Diamon Light Source
;
_pdbx_deposit_group.group_title         'PanDDA analysis group deposition' 
_pdbx_deposit_group.group_type          'changed state' 
# 
_pdbx_initial_refinement_model.id               1 
_pdbx_initial_refinement_model.entity_id_list   ? 
_pdbx_initial_refinement_model.type             'experimental model' 
_pdbx_initial_refinement_model.source_name      PDB 
_pdbx_initial_refinement_model.accession_code   2VOK 
_pdbx_initial_refinement_model.details          ? 
# 
_atom_sites.entry_id                    7HM1 
_atom_sites.fract_transf_matrix[1][1]   -0.00640662 
_atom_sites.fract_transf_matrix[1][2]   0.00826026 
_atom_sites.fract_transf_matrix[1][3]   0.00071534 
_atom_sites.fract_transf_matrix[2][1]   0.00593600 
_atom_sites.fract_transf_matrix[2][2]   0.00520080 
_atom_sites.fract_transf_matrix[2][3]   -0.00689232 
_atom_sites.fract_transf_matrix[3][1]   -0.01203237 
_atom_sites.fract_transf_matrix[3][2]   -0.00791745 
_atom_sites.fract_transf_matrix[3][3]   -0.01633721 
_atom_sites.fract_transf_vector[1]      -0.298819 
_atom_sites.fract_transf_vector[2]      -0.117408 
_atom_sites.fract_transf_vector[3]      -0.503605 
# 
loop_
_atom_type.symbol 
C 
N 
O 
S 
# 
loop_
_atom_site.group_PDB 
_atom_site.id 
_atom_site.type_symbol 
_atom_site.label_atom_id 
_atom_site.label_alt_id 
_atom_site.label_comp_id 
_atom_site.label_asym_id 
_atom_site.label_entity_id 
_atom_site.label_seq_id 
_atom_site.pdbx_PDB_ins_code 
_atom_site.Cartn_x 
_atom_site.Cartn_y 
_atom_site.Cartn_z 
_atom_site.occupancy 
_atom_site.B_iso_or_equiv 
_atom_site.pdbx_formal_charge 
_atom_site.auth_seq_id 
_atom_site.auth_comp_id 
_atom_site.auth_asym_id 
_atom_site.auth_atom_id 
_atom_site.pdbx_PDB_model_num 
ATOM   1    N N   . HIS A 1 2   ? -17.450 6.509   -7.885  1.00 60.52 ? 8   HIS B N   1 
ATOM   2    C CA  . HIS A 1 2   ? -17.442 6.998   -6.460  1.00 55.83 ? 8   HIS B CA  1 
ATOM   3    C C   . HIS A 1 2   ? -17.269 8.524   -6.437  1.00 55.32 ? 8   HIS B C   1 
ATOM   4    O O   . HIS A 1 2   ? -16.779 9.093   -7.449  1.00 57.39 ? 8   HIS B O   1 
ATOM   5    C CB  . HIS A 1 2   ? -16.356 6.275   -5.636  1.00 48.54 ? 8   HIS B CB  1 
ATOM   6    C CG  . HIS A 1 2   ? -14.951 6.648   -5.987  1.00 44.42 ? 8   HIS B CG  1 
ATOM   7    N ND1 . HIS A 1 2   ? -14.357 7.811   -5.520  1.00 45.52 ? 8   HIS B ND1 1 
ATOM   8    C CD2 . HIS A 1 2   ? -14.010 6.022   -6.733  1.00 42.61 ? 8   HIS B CD2 1 
ATOM   9    C CE1 . HIS A 1 2   ? -13.123 7.897   -5.987  1.00 44.03 ? 8   HIS B CE1 1 
ATOM   10   N NE2 . HIS A 1 2   ? -12.879 6.814   -6.741  1.00 38.42 ? 8   HIS B NE2 1 
ATOM   11   N N   . HIS A 1 3   ? -17.614 9.148   -5.310  1.00 50.07 ? 9   HIS B N   1 
ATOM   12   C CA  . HIS A 1 3   ? -17.510 10.612  -5.074  1.00 52.09 ? 9   HIS B CA  1 
ATOM   13   C C   . HIS A 1 3   ? -16.620 10.881  -3.848  1.00 46.30 ? 9   HIS B C   1 
ATOM   14   O O   . HIS A 1 3   ? -16.977 11.771  -3.051  1.00 48.15 ? 9   HIS B O   1 
ATOM   15   C CB  . HIS A 1 3   ? -18.929 11.207  -4.998  1.00 61.35 ? 9   HIS B CB  1 
ATOM   16   C CG  . HIS A 1 3   ? -19.733 10.925  -6.231  1.00 72.68 ? 9   HIS B CG  1 
ATOM   17   N ND1 . HIS A 1 3   ? -19.494 11.569  -7.441  1.00 73.69 ? 9   HIS B ND1 1 
ATOM   18   C CD2 . HIS A 1 3   ? -20.736 10.048  -6.465  1.00 77.48 ? 9   HIS B CD2 1 
ATOM   19   C CE1 . HIS A 1 3   ? -20.326 11.112  -8.355  1.00 76.06 ? 9   HIS B CE1 1 
ATOM   20   N NE2 . HIS A 1 3   ? -21.106 10.183  -7.780  1.00 79.58 ? 9   HIS B NE2 1 
ATOM   21   N N   . HIS A 1 4   ? -15.479 10.174  -3.728  1.00 36.09 ? 10  HIS B N   1 
ATOM   22   C CA  . HIS A 1 4   ? -14.535 10.262  -2.574  1.00 29.98 ? 10  HIS B CA  1 
ATOM   23   C C   . HIS A 1 4   ? -13.383 11.222  -2.876  1.00 29.70 ? 10  HIS B C   1 
ATOM   24   O O   . HIS A 1 4   ? -12.620 11.539  -1.939  1.00 28.74 ? 10  HIS B O   1 
ATOM   25   C CB  . HIS A 1 4   ? -13.956 8.882   -2.200  1.00 28.58 ? 10  HIS B CB  1 
ATOM   26   C CG  . HIS A 1 4   ? -14.968 7.892   -1.740  1.00 29.76 ? 10  HIS B CG  1 
ATOM   27   N ND1 . HIS A 1 4   ? -15.954 8.196   -0.794  1.00 29.71 ? 10  HIS B ND1 1 
ATOM   28   C CD2 . HIS A 1 4   ? -15.140 6.595   -2.067  1.00 29.29 ? 10  HIS B CD2 1 
ATOM   29   C CE1 . HIS A 1 4   ? -16.678 7.115   -0.575  1.00 34.25 ? 10  HIS B CE1 1 
ATOM   30   N NE2 . HIS A 1 4   ? -16.204 6.128   -1.344  1.00 32.70 ? 10  HIS B NE2 1 
ATOM   31   N N   . HIS A 1 5   ? -13.251 11.676  -4.127  1.00 31.23 ? 11  HIS B N   1 
ATOM   32   C CA  . HIS A 1 5   ? -12.090 12.463  -4.631  1.00 33.38 ? 11  HIS B CA  1 
ATOM   33   C C   . HIS A 1 5   ? -11.834 13.709  -3.767  1.00 32.67 ? 11  HIS B C   1 
ATOM   34   O O   . HIS A 1 5   ? -10.642 14.033  -3.540  1.00 33.58 ? 11  HIS B O   1 
ATOM   35   C CB  . HIS A 1 5   ? -12.258 12.826  -6.124  1.00 39.96 ? 11  HIS B CB  1 
ATOM   36   C CG  . HIS A 1 5   ? -12.511 11.646  -7.002  1.00 49.88 ? 11  HIS B CG  1 
ATOM   37   N ND1 . HIS A 1 5   ? -13.799 11.246  -7.361  1.00 60.63 ? 11  HIS B ND1 1 
ATOM   38   C CD2 . HIS A 1 5   ? -11.665 10.766  -7.588  1.00 54.64 ? 11  HIS B CD2 1 
ATOM   39   C CE1 . HIS A 1 5   ? -13.728 10.173  -8.133  1.00 60.80 ? 11  HIS B CE1 1 
ATOM   40   N NE2 . HIS A 1 5   ? -12.426 9.856   -8.286  1.00 56.09 ? 11  HIS B NE2 1 
ATOM   41   N N   . HIS A 1 6   ? -12.891 14.347  -3.248  1.00 30.09 ? 12  HIS B N   1 
ATOM   42   C CA  . HIS A 1 6   ? -12.823 15.589  -2.426  1.00 30.66 ? 12  HIS B CA  1 
ATOM   43   C C   . HIS A 1 6   ? -12.157 15.369  -1.064  1.00 28.73 ? 12  HIS B C   1 
ATOM   44   O O   . HIS A 1 6   ? -11.845 16.366  -0.411  1.00 30.26 ? 12  HIS B O   1 
ATOM   45   C CB  . HIS A 1 6   ? -14.212 16.219  -2.250  1.00 33.79 ? 12  HIS B CB  1 
ATOM   46   C CG  . HIS A 1 6   ? -15.219 15.389  -1.529  1.00 34.96 ? 12  HIS B CG  1 
ATOM   47   N ND1 . HIS A 1 6   ? -15.688 15.725  -0.267  1.00 40.99 ? 12  HIS B ND1 1 
ATOM   48   C CD2 . HIS A 1 6   ? -15.913 14.293  -1.906  1.00 38.32 ? 12  HIS B CD2 1 
ATOM   49   C CE1 . HIS A 1 6   ? -16.595 14.852  0.119   1.00 35.88 ? 12  HIS B CE1 1 
ATOM   50   N NE2 . HIS A 1 6   ? -16.758 13.962  -0.866  1.00 42.25 ? 12  HIS B NE2 1 
ATOM   51   N N   . HIS A 1 7   ? -11.973 14.123  -0.605  1.00 24.80 ? 13  HIS B N   1 
ATOM   52   C CA  . HIS A 1 7   ? -11.200 13.791  0.626   1.00 22.27 ? 13  HIS B CA  1 
ATOM   53   C C   . HIS A 1 7   ? -9.736  13.531  0.282   1.00 20.50 ? 13  HIS B C   1 
ATOM   54   O O   . HIS A 1 7   ? -9.047  12.951  1.120   1.00 17.46 ? 13  HIS B O   1 
ATOM   55   C CB  . HIS A 1 7   ? -11.789 12.561  1.306   1.00 21.46 ? 13  HIS B CB  1 
ATOM   56   C CG  . HIS A 1 7   ? -13.217 12.741  1.720   1.00 23.28 ? 13  HIS B CG  1 
ATOM   57   N ND1 . HIS A 1 7   ? -13.581 13.715  2.642   1.00 24.71 ? 13  HIS B ND1 1 
ATOM   58   C CD2 . HIS A 1 7   ? -14.337 12.105  1.329   1.00 24.21 ? 13  HIS B CD2 1 
ATOM   59   C CE1 . HIS A 1 7   ? -14.889 13.662  2.802   1.00 22.12 ? 13  HIS B CE1 1 
ATOM   60   N NE2 . HIS A 1 7   ? -15.388 12.686  2.020   1.00 26.42 ? 13  HIS B NE2 1 
ATOM   61   N N   . MET A 1 8   ? -9.291  13.926  -0.902  1.00 20.72 ? 14  MET B N   1 
ATOM   62   C CA  . MET A 1 8   ? -7.901  13.709  -1.365  1.00 22.82 ? 14  MET B CA  1 
ATOM   63   C C   . MET A 1 8   ? -6.910  14.252  -0.321  1.00 23.29 ? 14  MET B C   1 
ATOM   64   O O   . MET A 1 8   ? -7.093  15.385  0.199   1.00 26.02 ? 14  MET B O   1 
ATOM   65   C CB  . MET A 1 8   ? -7.677  14.403  -2.711  1.00 29.47 ? 14  MET B CB  1 
ATOM   66   C CG  . MET A 1 8   ? -6.266  14.270  -3.270  1.00 34.27 ? 14  MET B CG  1 
ATOM   67   S SD  . MET A 1 8   ? -5.853  12.580  -3.846  1.00 44.99 ? 14  MET B SD  1 
ATOM   68   C CE  . MET A 1 8   ? -6.671  12.578  -5.437  1.00 34.77 ? 14  MET B CE  1 
ATOM   69   N N   . VAL A 1 9   ? -5.869  13.486  -0.015  1.00 19.27 ? 15  VAL B N   1 
ATOM   70   C CA  . VAL A 1 9   ? -4.774  13.897  0.907   1.00 19.60 ? 15  VAL B CA  1 
ATOM   71   C C   . VAL A 1 9   ? -3.440  13.739  0.148   1.00 22.00 ? 15  VAL B C   1 
ATOM   72   O O   . VAL A 1 9   ? -3.316  12.832  -0.696  1.00 21.06 ? 15  VAL B O   1 
ATOM   73   C CB  . VAL A 1 9   ? -4.780  13.119  2.238   1.00 21.71 ? 15  VAL B CB  1 
ATOM   74   C CG1 . VAL A 1 9   ? -5.983  13.501  3.078   1.00 24.85 ? 15  VAL B CG1 1 
ATOM   75   C CG2 . VAL A 1 9   ? -4.730  11.613  2.049   1.00 20.47 ? 15  VAL B CG2 1 
ATOM   76   N N   . HIS A 1 10  ? -2.458  14.566  0.481   1.00 21.24 ? 16  HIS B N   1 
ATOM   77   C CA  . HIS A 1 10  ? -1.128  14.536  -0.170  1.00 21.47 ? 16  HIS B CA  1 
ATOM   78   C C   . HIS A 1 10  ? -0.254  13.595  0.650   1.00 20.60 ? 16  HIS B C   1 
ATOM   79   O O   . HIS A 1 10  ? 0.042   13.903  1.837   1.00 23.49 ? 16  HIS B O   1 
ATOM   80   C CB  . HIS A 1 10  ? -0.540  15.935  -0.233  1.00 22.16 ? 16  HIS B CB  1 
ATOM   81   C CG  . HIS A 1 10  ? 0.768   16.021  -0.941  1.00 27.45 ? 16  HIS B CG  1 
ATOM   82   N ND1 . HIS A 1 10  ? 0.862   16.038  -2.324  1.00 29.72 ? 16  HIS B ND1 1 
ATOM   83   C CD2 . HIS A 1 10  ? 2.028   16.111  -0.459  1.00 30.01 ? 16  HIS B CD2 1 
ATOM   84   C CE1 . HIS A 1 10  ? 2.138   16.132  -2.671  1.00 26.99 ? 16  HIS B CE1 1 
ATOM   85   N NE2 . HIS A 1 10  ? 2.877   16.165  -1.532  1.00 31.79 ? 16  HIS B NE2 1 
ATOM   86   N N   . ILE A 1 11  ? 0.013   12.402  0.125   1.00 16.51 ? 17  ILE B N   1 
ATOM   87   C CA  . ILE A 1 11  ? 0.805   11.394  0.857   1.00 18.16 ? 17  ILE B CA  1 
ATOM   88   C C   . ILE A 1 11  ? 2.272   11.522  0.418   1.00 18.06 ? 17  ILE B C   1 
ATOM   89   O O   . ILE A 1 11  ? 2.522   11.766  -0.739  1.00 16.54 ? 17  ILE B O   1 
ATOM   90   C CB  . ILE A 1 11  ? 0.276   9.976   0.572   1.00 16.90 ? 17  ILE B CB  1 
ATOM   91   C CG1 . ILE A 1 11  ? -1.173  9.804   1.048   1.00 18.67 ? 17  ILE B CG1 1 
ATOM   92   C CG2 . ILE A 1 11  ? 1.208   8.925   1.175   1.00 16.05 ? 17  ILE B CG2 1 
ATOM   93   C CD1 . ILE A 1 11  ? -1.460  10.228  2.486   1.00 19.00 ? 17  ILE B CD1 1 
ATOM   94   N N   . THR A 1 12  ? 3.172   11.378  1.366   1.00 16.58 ? 18  THR B N   1 
ATOM   95   C CA  . THR A 1 12  ? 4.636   11.286  1.087   1.00 17.59 ? 18  THR B CA  1 
ATOM   96   C C   . THR A 1 12  ? 5.183   10.042  1.782   1.00 17.05 ? 18  THR B C   1 
ATOM   97   O O   . THR A 1 12  ? 4.618   9.587   2.786   1.00 18.46 ? 18  THR B O   1 
ATOM   98   C CB  . THR A 1 12  ? 5.383   12.557  1.511   1.00 20.06 ? 18  THR B CB  1 
ATOM   99   O OG1 . THR A 1 12  ? 5.184   12.762  2.893   1.00 20.21 ? 18  THR B OG1 1 
ATOM   100  C CG2 . THR A 1 12  ? 4.969   13.786  0.725   1.00 22.93 ? 18  THR B CG2 1 
ATOM   101  N N   . LEU A 1 13  ? 6.246   9.468   1.228   1.00 16.13 ? 19  LEU B N   1 
ATOM   102  C CA  . LEU A 1 13  ? 6.856   8.239   1.766   1.00 15.70 ? 19  LEU B CA  1 
ATOM   103  C C   . LEU A 1 13  ? 7.833   8.588   2.893   1.00 15.40 ? 19  LEU B C   1 
ATOM   104  O O   . LEU A 1 13  ? 8.592   9.587   2.730   1.00 17.70 ? 19  LEU B O   1 
ATOM   105  C CB  . LEU A 1 13  ? 7.504   7.486   0.606   1.00 15.92 ? 19  LEU B CB  1 
ATOM   106  C CG  . LEU A 1 13  ? 6.530   7.082   -0.494  1.00 16.60 ? 19  LEU B CG  1 
ATOM   107  C CD1 . LEU A 1 13  ? 7.221   6.452   -1.701  1.00 18.78 ? 19  LEU B CD1 1 
ATOM   108  C CD2 . LEU A 1 13  ? 5.450   6.152   0.058   1.00 18.19 ? 19  LEU B CD2 1 
ATOM   109  N N   . ASP A 1 14  ? 7.939   7.719   3.864   1.00 14.75 ? 20  ASP B N   1 
ATOM   110  C CA  . ASP A 1 14  ? 8.848   7.880   5.024   1.00 15.31 ? 20  ASP B CA  1 
ATOM   111  C C   . ASP A 1 14  ? 10.079  6.961   4.774   1.00 16.65 ? 20  ASP B C   1 
ATOM   112  O O   . ASP A 1 14  ? 9.990   5.766   5.020   1.00 15.72 ? 20  ASP B O   1 
ATOM   113  C CB  . ASP A 1 14  ? 8.131   7.568   6.343   1.00 16.11 ? 20  ASP B CB  1 
ATOM   114  C CG  . ASP A 1 14  ? 8.994   7.696   7.590   1.00 21.57 ? 20  ASP B CG  1 
ATOM   115  O OD1 . ASP A 1 14  ? 10.210  7.878   7.406   1.00 20.45 ? 20  ASP B OD1 1 
ATOM   116  O OD2 . ASP A 1 14  ? 8.479   7.567   8.740   1.00 19.57 ? 20  ASP B OD2 1 
ATOM   117  N N   A ARG A 1 15  ? 11.181  7.573   4.299   0.25 17.31 ? 21  ARG B N   1 
ATOM   118  N N   B ARG A 1 15  ? 11.194  7.531   4.303   0.25 17.93 ? 21  ARG B N   1 
ATOM   119  C CA  A ARG A 1 15  ? 12.525  6.957   4.066   0.25 18.95 ? 21  ARG B CA  1 
ATOM   120  C CA  B ARG A 1 15  ? 12.445  6.777   3.987   0.25 19.64 ? 21  ARG B CA  1 
ATOM   121  C C   A ARG A 1 15  ? 12.909  5.996   5.190   0.25 17.57 ? 21  ARG B C   1 
ATOM   122  C C   B ARG A 1 15  ? 12.938  5.970   5.198   0.25 18.12 ? 21  ARG B C   1 
ATOM   123  O O   A ARG A 1 15  ? 13.486  4.930   4.900   0.25 17.37 ? 21  ARG B O   1 
ATOM   124  O O   B ARG A 1 15  ? 13.601  4.943   4.974   0.25 17.54 ? 21  ARG B O   1 
ATOM   125  C CB  A ARG A 1 15  ? 13.643  8.015   4.054   0.25 19.60 ? 21  ARG B CB  1 
ATOM   126  C CB  B ARG A 1 15  ? 13.559  7.735   3.540   0.25 22.08 ? 21  ARG B CB  1 
ATOM   127  C CG  A ARG A 1 15  ? 13.365  9.249   3.213   0.25 21.60 ? 21  ARG B CG  1 
ATOM   128  C CG  B ARG A 1 15  ? 13.299  8.455   2.226   0.25 24.38 ? 21  ARG B CG  1 
ATOM   129  C CD  A ARG A 1 15  ? 14.627  9.941   2.710   0.25 21.69 ? 21  ARG B CD  1 
ATOM   130  C CD  B ARG A 1 15  ? 12.751  9.862   2.423   0.25 28.13 ? 21  ARG B CD  1 
ATOM   131  N NE  A ARG A 1 15  ? 14.368  10.584  1.431   0.25 20.82 ? 21  ARG B NE  1 
ATOM   132  N NE  B ARG A 1 15  ? 13.772  10.913  2.445   0.25 30.22 ? 21  ARG B NE  1 
ATOM   133  C CZ  A ARG A 1 15  ? 14.518  9.966   0.277   0.25 19.39 ? 21  ARG B CZ  1 
ATOM   134  C CZ  B ARG A 1 15  ? 14.107  11.656  3.504   0.25 33.43 ? 21  ARG B CZ  1 
ATOM   135  N NH1 A ARG A 1 15  ? 14.959  8.725   0.277   0.25 20.62 ? 21  ARG B NH1 1 
ATOM   136  N NH1 B ARG A 1 15  ? 13.513  11.498  4.675   0.25 33.86 ? 21  ARG B NH1 1 
ATOM   137  N NH2 A ARG A 1 15  ? 14.243  10.574  -0.857  0.25 20.72 ? 21  ARG B NH2 1 
ATOM   138  N NH2 B ARG A 1 15  ? 15.046  12.574  3.378   0.25 35.06 ? 21  ARG B NH2 1 
ATOM   139  N N   . ASN A 1 16  ? 12.679  6.409   6.435   1.00 17.81 ? 22  ASN B N   1 
ATOM   140  C CA  . ASN A 1 16  ? 13.198  5.704   7.629   1.00 18.44 ? 22  ASN B CA  1 
ATOM   141  C C   . ASN A 1 16  ? 12.522  4.352   7.835   1.00 16.82 ? 22  ASN B C   1 
ATOM   142  O O   . ASN A 1 16  ? 13.122  3.500   8.462   1.00 17.02 ? 22  ASN B O   1 
ATOM   143  C CB  . ASN A 1 16  ? 13.088  6.627   8.849   1.00 22.85 ? 22  ASN B CB  1 
ATOM   144  C CG  . ASN A 1 16  ? 14.120  7.738   8.818   1.00 29.71 ? 22  ASN B CG  1 
ATOM   145  O OD1 . ASN A 1 16  ? 15.131  7.654   8.119   1.00 37.95 ? 22  ASN B OD1 1 
ATOM   146  N ND2 . ASN A 1 16  ? 13.866  8.789   9.578   1.00 40.07 ? 22  ASN B ND2 1 
ATOM   147  N N   . THR A 1 17  ? 11.318  4.133   7.250   1.00 14.97 ? 23  THR B N   1 
ATOM   148  C CA  . THR A 1 17  ? 10.575  2.866   7.353   1.00 15.79 ? 23  THR B CA  1 
ATOM   149  C C   . THR A 1 17  ? 10.956  1.927   6.216   1.00 14.57 ? 23  THR B C   1 
ATOM   150  O O   . THR A 1 17  ? 10.555  0.776   6.270   1.00 14.47 ? 23  THR B O   1 
ATOM   151  C CB  . THR A 1 17  ? 9.051   3.085   7.375   1.00 15.14 ? 23  THR B CB  1 
ATOM   152  O OG1 . THR A 1 17  ? 8.626   3.559   6.090   1.00 14.65 ? 23  THR B OG1 1 
ATOM   153  C CG2 . THR A 1 17  ? 8.658   4.005   8.519   1.00 15.80 ? 23  THR B CG2 1 
ATOM   154  N N   . ALA A 1 18  ? 11.626  2.424   5.182   1.00 14.34 ? 24  ALA B N   1 
ATOM   155  C CA  . ALA A 1 18  ? 11.808  1.638   3.943   1.00 13.19 ? 24  ALA B CA  1 
ATOM   156  C C   . ALA A 1 18  ? 12.780  0.473   4.147   1.00 14.39 ? 24  ALA B C   1 
ATOM   157  O O   . ALA A 1 18  ? 13.840  0.623   4.782   1.00 15.39 ? 24  ALA B O   1 
ATOM   158  C CB  . ALA A 1 18  ? 12.320  2.545   2.869   1.00 14.89 ? 24  ALA B CB  1 
ATOM   159  N N   . ASN A 1 19  ? 12.479  -0.649  3.526   1.00 13.57 ? 25  ASN B N   1 
ATOM   160  C CA  . ASN A 1 19  ? 13.486  -1.706  3.296   1.00 13.01 ? 25  ASN B CA  1 
ATOM   161  C C   . ASN A 1 19  ? 14.731  -1.032  2.685   1.00 13.81 ? 25  ASN B C   1 
ATOM   162  O O   . ASN A 1 19  ? 14.653  -0.124  1.856   1.00 13.71 ? 25  ASN B O   1 
ATOM   163  C CB  . ASN A 1 19  ? 12.849  -2.797  2.437   1.00 13.70 ? 25  ASN B CB  1 
ATOM   164  C CG  . ASN A 1 19  ? 13.826  -3.894  2.131   1.00 16.23 ? 25  ASN B CG  1 
ATOM   165  O OD1 . ASN A 1 19  ? 14.641  -3.735  1.229   1.00 16.83 ? 25  ASN B OD1 1 
ATOM   166  N ND2 . ASN A 1 19  ? 13.755  -4.966  2.872   1.00 20.77 ? 25  ASN B ND2 1 
ATOM   167  N N   . SER A 1 20  ? 15.890  -1.524  3.090   1.00 13.88 ? 26  SER B N   1 
ATOM   168  C CA  . SER A 1 20  ? 17.182  -0.895  2.751   1.00 14.99 ? 26  SER B CA  1 
ATOM   169  C C   . SER A 1 20  ? 17.513  -1.017  1.276   1.00 15.27 ? 26  SER B C   1 
ATOM   170  O O   . SER A 1 20  ? 18.467  -0.345  0.865   1.00 16.13 ? 26  SER B O   1 
ATOM   171  C CB  . SER A 1 20  ? 18.274  -1.499  3.586   1.00 16.72 ? 26  SER B CB  1 
ATOM   172  O OG  . SER A 1 20  ? 18.371  -2.887  3.298   1.00 20.91 ? 26  SER B OG  1 
ATOM   173  N N   . TRP A 1 21  ? 16.773  -1.758  0.462   1.00 13.33 ? 27  TRP B N   1 
ATOM   174  C CA  . TRP A 1 21  ? 16.982  -1.840  -1.006  1.00 14.91 ? 27  TRP B CA  1 
ATOM   175  C C   . TRP A 1 21  ? 16.089  -0.903  -1.794  1.00 15.10 ? 27  TRP B C   1 
ATOM   176  O O   . TRP A 1 21  ? 16.257  -0.830  -3.005  1.00 15.84 ? 27  TRP B O   1 
ATOM   177  C CB  . TRP A 1 21  ? 16.767  -3.251  -1.449  1.00 16.12 ? 27  TRP B CB  1 
ATOM   178  C CG  . TRP A 1 21  ? 17.871  -4.178  -1.051  1.00 15.84 ? 27  TRP B CG  1 
ATOM   179  C CD1 . TRP A 1 21  ? 18.465  -4.295  0.179   1.00 15.51 ? 27  TRP B CD1 1 
ATOM   180  C CD2 . TRP A 1 21  ? 18.497  -5.135  -1.912  1.00 19.05 ? 27  TRP B CD2 1 
ATOM   181  N NE1 . TRP A 1 21  ? 19.421  -5.289  0.148   1.00 20.15 ? 27  TRP B NE1 1 
ATOM   182  C CE2 . TRP A 1 21  ? 19.442  -5.816  -1.111  1.00 17.93 ? 27  TRP B CE2 1 
ATOM   183  C CE3 . TRP A 1 21  ? 18.336  -5.462  -3.260  1.00 20.18 ? 27  TRP B CE3 1 
ATOM   184  C CZ2 . TRP A 1 21  ? 20.262  -6.821  -1.653  1.00 21.48 ? 27  TRP B CZ2 1 
ATOM   185  C CZ3 . TRP A 1 21  ? 19.138  -6.472  -3.787  1.00 21.58 ? 27  TRP B CZ3 1 
ATOM   186  C CH2 . TRP A 1 21  ? 20.033  -7.158  -2.969  1.00 22.48 ? 27  TRP B CH2 1 
ATOM   187  N N   . LEU A 1 22  ? 15.209  -0.152  -1.103  1.00 14.56 ? 28  LEU B N   1 
ATOM   188  C CA  . LEU A 1 22  ? 14.283  0.747   -1.826  1.00 14.79 ? 28  LEU B CA  1 
ATOM   189  C C   . LEU A 1 22  ? 14.970  2.088   -2.122  1.00 14.31 ? 28  LEU B C   1 
ATOM   190  O O   . LEU A 1 22  ? 15.722  2.607   -1.306  1.00 14.33 ? 28  LEU B O   1 
ATOM   191  C CB  . LEU A 1 22  ? 13.020  0.960   -0.989  1.00 13.05 ? 28  LEU B CB  1 
ATOM   192  C CG  . LEU A 1 22  ? 12.162  -0.283  -0.769  1.00 14.73 ? 28  LEU B CG  1 
ATOM   193  C CD1 . LEU A 1 22  ? 10.872  0.066   -0.040  1.00 14.13 ? 28  LEU B CD1 1 
ATOM   194  C CD2 . LEU A 1 22  ? 11.833  -0.959  -2.057  1.00 15.38 ? 28  LEU B CD2 1 
ATOM   195  N N   . ILE A 1 23  ? 14.554  2.662   -3.221  1.00 14.27 ? 29  ILE B N   1 
ATOM   196  C CA  . ILE A 1 23  ? 14.949  4.020   -3.659  1.00 14.31 ? 29  ILE B CA  1 
ATOM   197  C C   . ILE A 1 23  ? 13.687  4.869   -3.704  1.00 14.64 ? 29  ILE B C   1 
ATOM   198  O O   . ILE A 1 23  ? 12.828  4.616   -4.573  1.00 15.59 ? 29  ILE B O   1 
ATOM   199  C CB  . ILE A 1 23  ? 15.677  4.014   -4.990  1.00 15.05 ? 29  ILE B CB  1 
ATOM   200  C CG1 . ILE A 1 23  ? 16.931  3.095   -4.994  1.00 15.47 ? 29  ILE B CG1 1 
ATOM   201  C CG2 . ILE A 1 23  ? 16.058  5.467   -5.379  1.00 16.34 ? 29  ILE B CG2 1 
ATOM   202  C CD1 . ILE A 1 23  ? 17.543  2.893   -6.308  1.00 16.25 ? 29  ILE B CD1 1 
ATOM   203  N N   . ILE A 1 24  ? 13.632  5.828   -2.802  1.00 17.27 ? 30  ILE B N   1 
ATOM   204  C CA  . ILE A 1 24  ? 12.537  6.829   -2.723  1.00 17.75 ? 30  ILE B CA  1 
ATOM   205  C C   . ILE A 1 24  ? 12.999  8.094   -3.427  1.00 19.36 ? 30  ILE B C   1 
ATOM   206  O O   . ILE A 1 24  ? 14.118  8.609   -3.109  1.00 20.23 ? 30  ILE B O   1 
ATOM   207  C CB  . ILE A 1 24  ? 12.136  7.057   -1.270  1.00 18.22 ? 30  ILE B CB  1 
ATOM   208  C CG1 . ILE A 1 24  ? 11.441  5.834   -0.693  1.00 20.42 ? 30  ILE B CG1 1 
ATOM   209  C CG2 . ILE A 1 24  ? 11.206  8.261   -1.145  1.00 17.39 ? 30  ILE B CG2 1 
ATOM   210  C CD1 . ILE A 1 24  ? 11.263  5.879   0.700   1.00 25.27 ? 30  ILE B CD1 1 
ATOM   211  N N   . SER A 1 25  ? 12.162  8.647   -4.288  1.00 18.48 ? 31  SER B N   1 
ATOM   212  C CA  . SER A 1 25  ? 12.500  9.830   -5.105  1.00 18.23 ? 31  SER B CA  1 
ATOM   213  C C   . SER A 1 25  ? 12.678  11.050  -4.183  1.00 16.89 ? 31  SER B C   1 
ATOM   214  O O   . SER A 1 25  ? 12.180  11.064  -3.053  1.00 18.28 ? 31  SER B O   1 
ATOM   215  C CB  . SER A 1 25  ? 11.443  10.049  -6.137  1.00 19.83 ? 31  SER B CB  1 
ATOM   216  O OG  . SER A 1 25  ? 10.203  10.299  -5.476  1.00 18.77 ? 31  SER B OG  1 
ATOM   217  N N   . LYS A 1 26  ? 13.363  12.076  -4.683  1.00 20.54 ? 32  LYS B N   1 
ATOM   218  C CA  . LYS A 1 26  ? 13.614  13.319  -3.897  1.00 21.00 ? 32  LYS B CA  1 
ATOM   219  C C   . LYS A 1 26  ? 12.298  13.921  -3.369  1.00 18.98 ? 32  LYS B C   1 
ATOM   220  O O   . LYS A 1 26  ? 12.308  14.407  -2.244  1.00 22.97 ? 32  LYS B O   1 
ATOM   221  C CB  . LYS A 1 26  ? 14.348  14.302  -4.806  1.00 24.28 ? 32  LYS B CB  1 
ATOM   222  C CG  . LYS A 1 26  ? 14.640  15.637  -4.156  1.00 28.13 ? 32  LYS B CG  1 
ATOM   223  C CD  . LYS A 1 26  ? 15.629  16.426  -4.979  1.00 28.00 ? 32  LYS B CD  1 
ATOM   224  C CE  . LYS A 1 26  ? 15.263  16.441  -6.442  1.00 33.27 ? 32  LYS B CE  1 
ATOM   225  N NZ  . LYS A 1 26  ? 16.209  17.309  -7.171  1.00 35.76 ? 32  LYS B NZ  1 
ATOM   226  N N   . ASP A 1 27  ? 11.235  13.896  -4.178  1.00 20.65 ? 33  ASP B N   1 
ATOM   227  C CA  . ASP A 1 27  ? 9.915   14.484  -3.797  1.00 19.66 ? 33  ASP B CA  1 
ATOM   228  C C   . ASP A 1 27  ? 9.146   13.563  -2.833  1.00 18.27 ? 33  ASP B C   1 
ATOM   229  O O   . ASP A 1 27  ? 8.040   13.961  -2.379  1.00 18.88 ? 33  ASP B O   1 
ATOM   230  C CB  . ASP A 1 27  ? 9.075   14.855  -5.021  1.00 20.21 ? 33  ASP B CB  1 
ATOM   231  C CG  . ASP A 1 27  ? 8.586   13.724  -5.911  1.00 20.23 ? 33  ASP B CG  1 
ATOM   232  O OD1 . ASP A 1 27  ? 8.839   12.519  -5.579  1.00 21.40 ? 33  ASP B OD1 1 
ATOM   233  O OD2 . ASP A 1 27  ? 7.962   14.051  -6.936  1.00 24.30 ? 33  ASP B OD2 1 
ATOM   234  N N   . ARG A 1 28  ? 9.669   12.385  -2.545  1.00 16.99 ? 34  ARG B N   1 
ATOM   235  C CA  . ARG A 1 28  ? 9.054   11.406  -1.618  1.00 16.23 ? 34  ARG B CA  1 
ATOM   236  C C   . ARG A 1 28  ? 7.690   10.943  -2.163  1.00 13.83 ? 34  ARG B C   1 
ATOM   237  O O   . ARG A 1 28  ? 6.888   10.422  -1.363  1.00 14.83 ? 34  ARG B O   1 
ATOM   238  C CB  . ARG A 1 28  ? 9.037   11.937  -0.180  1.00 19.95 ? 34  ARG B CB  1 
ATOM   239  C CG  . ARG A 1 28  ? 10.443  12.182  0.356   1.00 24.16 ? 34  ARG B CG  1 
ATOM   240  C CD  . ARG A 1 28  ? 10.566  12.846  1.703   1.00 33.25 ? 34  ARG B CD  1 
ATOM   241  N NE  . ARG A 1 28  ? 9.559   13.850  1.988   1.00 42.71 ? 34  ARG B NE  1 
ATOM   242  C CZ  . ARG A 1 28  ? 8.437   13.658  2.703   1.00 57.64 ? 34  ARG B CZ  1 
ATOM   243  N NH1 . ARG A 1 28  ? 8.129   12.469  3.223   1.00 54.49 ? 34  ARG B NH1 1 
ATOM   244  N NH2 . ARG A 1 28  ? 7.620   14.685  2.898   1.00 62.59 ? 34  ARG B NH2 1 
ATOM   245  N N   . ARG A 1 29  ? 7.493   10.935  -3.462  1.00 13.80 ? 35  ARG B N   1 
ATOM   246  C CA  . ARG A 1 29  ? 6.226   10.512  -4.113  1.00 15.76 ? 35  ARG B CA  1 
ATOM   247  C C   . ARG A 1 29  ? 6.370   9.226   -4.918  1.00 15.62 ? 35  ARG B C   1 
ATOM   248  O O   . ARG A 1 29  ? 5.332   8.684   -5.356  1.00 15.90 ? 35  ARG B O   1 
ATOM   249  C CB  . ARG A 1 29  ? 5.636   11.615  -4.988  1.00 16.74 ? 35  ARG B CB  1 
ATOM   250  C CG  . ARG A 1 29  ? 5.315   12.852  -4.163  1.00 18.28 ? 35  ARG B CG  1 
ATOM   251  C CD  . ARG A 1 29  ? 3.965   12.817  -3.506  1.00 20.07 ? 35  ARG B CD  1 
ATOM   252  N NE  . ARG A 1 29  ? 2.937   13.075  -4.521  1.00 22.14 ? 35  ARG B NE  1 
ATOM   253  C CZ  . ARG A 1 29  ? 1.621   12.971  -4.299  1.00 21.31 ? 35  ARG B CZ  1 
ATOM   254  N NH1 . ARG A 1 29  ? 1.187   12.643  -3.108  1.00 21.16 ? 35  ARG B NH1 1 
ATOM   255  N NH2 . ARG A 1 29  ? 0.764   13.234  -5.264  1.00 21.76 ? 35  ARG B NH2 1 
ATOM   256  N N   . GLN A 1 30  ? 7.579   8.698   -5.121  1.00 14.19 ? 36  GLN B N   1 
ATOM   257  C CA  . GLN A 1 30  ? 7.819   7.468   -5.917  1.00 14.62 ? 36  GLN B CA  1 
ATOM   258  C C   . GLN A 1 30  ? 8.784   6.568   -5.173  1.00 14.47 ? 36  GLN B C   1 
ATOM   259  O O   . GLN A 1 30  ? 9.657   7.047   -4.396  1.00 14.53 ? 36  GLN B O   1 
ATOM   260  C CB  . GLN A 1 30  ? 8.411   7.735   -7.304  1.00 16.82 ? 36  GLN B CB  1 
ATOM   261  C CG  . GLN A 1 30  ? 7.678   8.802   -8.061  1.00 20.00 ? 36  GLN B CG  1 
ATOM   262  C CD  . GLN A 1 30  ? 8.186   8.862   -9.483  1.00 24.13 ? 36  GLN B CD  1 
ATOM   263  O OE1 . GLN A 1 30  ? 8.794   7.923   -9.997  1.00 25.11 ? 36  GLN B OE1 1 
ATOM   264  N NE2 . GLN A 1 30  ? 7.941   9.990   -10.108 1.00 27.48 ? 36  GLN B NE2 1 
ATOM   265  N N   . VAL A 1 31  ? 8.585   5.272   -5.339  1.00 13.27 ? 37  VAL B N   1 
ATOM   266  C CA  . VAL A 1 31  ? 9.504   4.271   -4.759  1.00 13.59 ? 37  VAL B CA  1 
ATOM   267  C C   . VAL A 1 31  ? 9.696   3.130   -5.747  1.00 13.91 ? 37  VAL B C   1 
ATOM   268  O O   . VAL A 1 31  ? 8.730   2.682   -6.346  1.00 13.81 ? 37  VAL B O   1 
ATOM   269  C CB  . VAL A 1 31  ? 9.016   3.801   -3.384  1.00 12.33 ? 37  VAL B CB  1 
ATOM   270  C CG1 . VAL A 1 31  ? 7.590   3.219   -3.397  1.00 12.27 ? 37  VAL B CG1 1 
ATOM   271  C CG2 . VAL A 1 31  ? 10.001  2.800   -2.737  1.00 14.03 ? 37  VAL B CG2 1 
ATOM   272  N N   . ARG A 1 32  ? 10.905  2.610   -5.820  1.00 14.77 ? 38  ARG B N   1 
ATOM   273  C CA  . ARG A 1 32  ? 11.207  1.428   -6.641  1.00 15.01 ? 38  ARG B CA  1 
ATOM   274  C C   . ARG A 1 32  ? 12.266  0.580   -5.940  1.00 15.27 ? 38  ARG B C   1 
ATOM   275  O O   . ARG A 1 32  ? 12.987  1.073   -5.057  1.00 13.84 ? 38  ARG B O   1 
ATOM   276  C CB  . ARG A 1 32  ? 11.690  1.807   -8.038  1.00 15.77 ? 38  ARG B CB  1 
ATOM   277  C CG  . ARG A 1 32  ? 13.035  2.523   -8.050  1.00 18.50 ? 38  ARG B CG  1 
ATOM   278  C CD  . ARG A 1 32  ? 13.342  3.036   -9.460  1.00 21.39 ? 38  ARG B CD  1 
ATOM   279  N NE  . ARG A 1 32  ? 14.630  3.725   -9.501  1.00 26.33 ? 38  ARG B NE  1 
ATOM   280  C CZ  . ARG A 1 32  ? 15.793  3.137   -9.736  1.00 24.99 ? 38  ARG B CZ  1 
ATOM   281  N NH1 . ARG A 1 32  ? 15.879  1.837   -9.933  1.00 28.20 ? 38  ARG B NH1 1 
ATOM   282  N NH2 . ARG A 1 32  ? 16.904  3.874   -9.742  1.00 29.91 ? 38  ARG B NH2 1 
ATOM   283  N N   A MET A 1 33  ? 12.321  -0.688  -6.354  0.22 15.13 ? 39  MET B N   1 
ATOM   284  N N   B MET A 1 33  ? 12.337  -0.701  -6.297  0.14 16.26 ? 39  MET B N   1 
ATOM   285  C CA  A MET A 1 33  ? 13.347  -1.686  -5.941  0.22 16.82 ? 39  MET B CA  1 
ATOM   286  C CA  B MET A 1 33  ? 13.328  -1.645  -5.715  0.14 18.17 ? 39  MET B CA  1 
ATOM   287  C C   A MET A 1 33  ? 14.695  -1.282  -6.545  0.22 16.14 ? 39  MET B C   1 
ATOM   288  C C   B MET A 1 33  ? 14.661  -1.482  -6.457  0.14 17.40 ? 39  MET B C   1 
ATOM   289  O O   A MET A 1 33  ? 14.765  -1.033  -7.764  0.22 16.20 ? 39  MET B O   1 
ATOM   290  O O   B MET A 1 33  ? 14.679  -1.683  -7.683  0.14 17.88 ? 39  MET B O   1 
ATOM   291  C CB  A MET A 1 33  ? 12.938  -3.079  -6.436  0.22 18.07 ? 39  MET B CB  1 
ATOM   292  C CB  B MET A 1 33  ? 12.831  -3.090  -5.817  0.14 20.36 ? 39  MET B CB  1 
ATOM   293  C CG  A MET A 1 33  ? 13.879  -4.213  -6.012  0.22 19.39 ? 39  MET B CG  1 
ATOM   294  C CG  B MET A 1 33  ? 13.861  -4.123  -5.376  0.14 22.80 ? 39  MET B CG  1 
ATOM   295  S SD  A MET A 1 33  ? 14.164  -4.259  -4.211  0.22 21.39 ? 39  MET B SD  1 
ATOM   296  S SD  B MET A 1 33  ? 13.137  -5.378  -4.303  0.14 26.96 ? 39  MET B SD  1 
ATOM   297  C CE  A MET A 1 33  ? 13.743  -5.945  -3.777  0.22 22.94 ? 39  MET B CE  1 
ATOM   298  C CE  B MET A 1 33  ? 14.465  -5.562  -3.114  0.14 25.26 ? 39  MET B CE  1 
ATOM   299  N N   . GLY A 1 34  ? 15.719  -1.149  -5.707  1.00 16.83 ? 40  GLY B N   1 
ATOM   300  C CA  . GLY A 1 34  ? 17.100  -0.984  -6.213  1.00 18.01 ? 40  GLY B CA  1 
ATOM   301  C C   . GLY A 1 34  ? 17.699  -2.339  -6.539  1.00 19.86 ? 40  GLY B C   1 
ATOM   302  O O   . GLY A 1 34  ? 17.111  -3.363  -6.156  1.00 20.35 ? 40  GLY B O   1 
ATOM   303  N N   . ASP A 1 35  ? 18.851  -2.328  -7.222  1.00 25.15 ? 41  ASP B N   1 
ATOM   304  C CA  . ASP A 1 35  ? 19.519  -3.603  -7.620  1.00 30.63 ? 41  ASP B CA  1 
ATOM   305  C C   . ASP A 1 35  ? 20.473  -4.043  -6.487  1.00 29.74 ? 41  ASP B C   1 
ATOM   306  O O   . ASP A 1 35  ? 21.052  -5.164  -6.565  1.00 27.38 ? 41  ASP B O   1 
ATOM   307  C CB  . ASP A 1 35  ? 20.089  -3.473  -9.047  1.00 40.30 ? 41  ASP B CB  1 
ATOM   308  C CG  . ASP A 1 35  ? 19.021  -3.642  -10.138 1.00 52.07 ? 41  ASP B CG  1 
ATOM   309  O OD1 . ASP A 1 35  ? 17.844  -3.921  -9.785  1.00 58.55 ? 41  ASP B OD1 1 
ATOM   310  O OD2 . ASP A 1 35  ? 19.350  -3.512  -11.345 1.00 61.23 ? 41  ASP B OD2 1 
ATOM   311  N N   . THR A 1 36  ? 20.533  -3.315  -5.380  1.00 21.95 ? 42  THR B N   1 
ATOM   312  C CA  . THR A 1 36  ? 21.455  -3.639  -4.256  1.00 21.00 ? 42  THR B CA  1 
ATOM   313  C C   . THR A 1 36  ? 21.009  -2.926  -2.979  1.00 18.03 ? 42  THR B C   1 
ATOM   314  O O   . THR A 1 36  ? 20.109  -1.984  -3.047  1.00 16.54 ? 42  THR B O   1 
ATOM   315  C CB  . THR A 1 36  ? 22.863  -3.246  -4.720  1.00 21.40 ? 42  THR B CB  1 
ATOM   316  O OG1 . THR A 1 36  ? 23.787  -3.758  -3.785  1.00 24.63 ? 42  THR B OG1 1 
ATOM   317  C CG2 . THR A 1 36  ? 23.050  -1.745  -4.769  1.00 23.05 ? 42  THR B CG2 1 
ATOM   318  N N   . HIS A 1 37  ? 21.695  -3.133  -1.853  1.00 18.97 ? 43  HIS B N   1 
ATOM   319  C CA  . HIS A 1 37  ? 21.530  -2.313  -0.612  1.00 18.92 ? 43  HIS B CA  1 
ATOM   320  C C   . HIS A 1 37  ? 21.796  -0.842  -0.943  1.00 19.37 ? 43  HIS B C   1 
ATOM   321  O O   . HIS A 1 37  ? 22.842  -0.538  -1.575  1.00 19.95 ? 43  HIS B O   1 
ATOM   322  C CB  . HIS A 1 37  ? 22.443  -2.887  0.494   1.00 18.05 ? 43  HIS B CB  1 
ATOM   323  C CG  . HIS A 1 37  ? 22.347  -2.296  1.859   1.00 16.40 ? 43  HIS B CG  1 
ATOM   324  N ND1 . HIS A 1 37  ? 22.715  -0.991  2.165   1.00 16.75 ? 43  HIS B ND1 1 
ATOM   325  C CD2 . HIS A 1 37  ? 21.912  -2.853  3.018   1.00 16.92 ? 43  HIS B CD2 1 
ATOM   326  C CE1 . HIS A 1 37  ? 22.559  -0.790  3.454   1.00 16.71 ? 43  HIS B CE1 1 
ATOM   327  N NE2 . HIS A 1 37  ? 22.024  -1.941  4.022   1.00 16.08 ? 43  HIS B NE2 1 
ATOM   328  N N   . GLN A 1 38  ? 20.933  0.079   -0.485  1.00 16.88 ? 44  GLN B N   1 
ATOM   329  C CA  . GLN A 1 38  ? 21.023  1.507   -0.841  1.00 16.49 ? 44  GLN B CA  1 
ATOM   330  C C   . GLN A 1 38  ? 21.873  2.330   0.149   1.00 18.88 ? 44  GLN B C   1 
ATOM   331  O O   . GLN A 1 38  ? 21.799  3.574   0.143   1.00 19.19 ? 44  GLN B O   1 
ATOM   332  C CB  . GLN A 1 38  ? 19.618  2.064   -1.038  1.00 16.28 ? 44  GLN B CB  1 
ATOM   333  C CG  . GLN A 1 38  ? 18.917  1.471   -2.230  1.00 15.71 ? 44  GLN B CG  1 
ATOM   334  C CD  . GLN A 1 38  ? 19.723  1.562   -3.504  1.00 16.17 ? 44  GLN B CD  1 
ATOM   335  O OE1 . GLN A 1 38  ? 19.990  0.579   -4.216  1.00 18.92 ? 44  GLN B OE1 1 
ATOM   336  N NE2 . GLN A 1 38  ? 20.195  2.758   -3.802  1.00 15.22 ? 44  GLN B NE2 1 
ATOM   337  N N   . ASN A 1 39  ? 22.742  1.701   0.907   1.00 17.59 ? 45  ASN B N   1 
ATOM   338  C CA  . ASN A 1 39  ? 23.822  2.404   1.672   1.00 15.28 ? 45  ASN B CA  1 
ATOM   339  C C   . ASN A 1 39  ? 23.254  3.275   2.787   1.00 17.76 ? 45  ASN B C   1 
ATOM   340  O O   . ASN A 1 39  ? 23.866  4.298   3.152   1.00 19.27 ? 45  ASN B O   1 
ATOM   341  C CB  . ASN A 1 39  ? 24.784  3.160   0.729   1.00 16.06 ? 45  ASN B CB  1 
ATOM   342  C CG  . ASN A 1 39  ? 26.142  3.385   1.384   1.00 17.12 ? 45  ASN B CG  1 
ATOM   343  O OD1 . ASN A 1 39  ? 26.609  2.553   2.155   1.00 15.88 ? 45  ASN B OD1 1 
ATOM   344  N ND2 . ASN A 1 39  ? 26.832  4.477   1.018   1.00 16.33 ? 45  ASN B ND2 1 
ATOM   345  N N   . VAL A 1 40  ? 22.213  2.782   3.455   1.00 18.83 ? 46  VAL B N   1 
ATOM   346  C CA  . VAL A 1 40  ? 21.574  3.436   4.636   1.00 20.27 ? 46  VAL B CA  1 
ATOM   347  C C   . VAL A 1 40  ? 21.871  2.606   5.891   1.00 18.94 ? 46  VAL B C   1 
ATOM   348  O O   . VAL A 1 40  ? 22.101  1.420   5.767   1.00 18.59 ? 46  VAL B O   1 
ATOM   349  C CB  . VAL A 1 40  ? 20.061  3.597   4.407   1.00 20.51 ? 46  VAL B CB  1 
ATOM   350  C CG1 . VAL A 1 40  ? 19.785  4.594   3.289   1.00 23.60 ? 46  VAL B CG1 1 
ATOM   351  C CG2 . VAL A 1 40  ? 19.364  2.265   4.126   1.00 23.15 ? 46  VAL B CG2 1 
ATOM   352  N N   . SER A 1 41  ? 21.862  3.220   7.067   1.00 21.28 ? 47  SER B N   1 
ATOM   353  C CA  . SER A 1 41  ? 21.972  2.483   8.344   1.00 21.05 ? 47  SER B CA  1 
ATOM   354  C C   . SER A 1 41  ? 20.694  1.697   8.618   1.00 21.81 ? 47  SER B C   1 
ATOM   355  O O   . SER A 1 41  ? 19.625  2.091   8.151   1.00 19.00 ? 47  SER B O   1 
ATOM   356  C CB  . SER A 1 41  ? 22.314  3.400   9.502   1.00 23.64 ? 47  SER B CB  1 
ATOM   357  O OG  . SER A 1 41  ? 21.304  4.371   9.700   1.00 25.65 ? 47  SER B OG  1 
ATOM   358  N N   . ASP A 1 42  ? 20.803  0.630   9.401   1.00 19.89 ? 48  ASP B N   1 
ATOM   359  C CA  . ASP A 1 42  ? 19.640  -0.134  9.875   1.00 19.45 ? 48  ASP B CA  1 
ATOM   360  C C   . ASP A 1 42  ? 18.995  0.627   11.026  1.00 21.14 ? 48  ASP B C   1 
ATOM   361  O O   . ASP A 1 42  ? 19.669  1.426   11.713  1.00 21.71 ? 48  ASP B O   1 
ATOM   362  C CB  . ASP A 1 42  ? 20.043  -1.548  10.249  1.00 22.38 ? 48  ASP B CB  1 
ATOM   363  C CG  . ASP A 1 42  ? 18.829  -2.444  10.389  1.00 27.80 ? 48  ASP B CG  1 
ATOM   364  O OD1 . ASP A 1 42  ? 17.793  -2.246  9.627   1.00 20.48 ? 48  ASP B OD1 1 
ATOM   365  O OD2 . ASP A 1 42  ? 18.879  -3.255  11.316  1.00 37.00 ? 48  ASP B OD2 1 
ATOM   366  N N   . ASN A 1 43  ? 17.706  0.357   11.252  1.00 18.84 ? 49  ASN B N   1 
ATOM   367  C CA  . ASN A 1 43  ? 16.934  0.957   12.366  1.00 19.25 ? 49  ASN B CA  1 
ATOM   368  C C   . ASN A 1 43  ? 15.725  0.052   12.620  1.00 20.14 ? 49  ASN B C   1 
ATOM   369  O O   . ASN A 1 43  ? 15.430  -0.846  11.779  1.00 20.28 ? 49  ASN B O   1 
ATOM   370  C CB  . ASN A 1 43  ? 16.630  2.426   12.139  1.00 19.60 ? 49  ASN B CB  1 
ATOM   371  C CG  . ASN A 1 43  ? 15.565  2.636   11.087  1.00 20.24 ? 49  ASN B CG  1 
ATOM   372  O OD1 . ASN A 1 43  ? 14.493  2.055   11.176  1.00 22.69 ? 49  ASN B OD1 1 
ATOM   373  N ND2 . ASN A 1 43  ? 15.857  3.406   10.085  1.00 19.10 ? 49  ASN B ND2 1 
ATOM   374  N N   . LYS A 1 44  ? 15.075  0.214   13.761  1.00 21.35 ? 50  LYS B N   1 
ATOM   375  C CA  . LYS A 1 44  ? 14.011  -0.723  14.184  1.00 22.44 ? 50  LYS B CA  1 
ATOM   376  C C   . LYS A 1 44  ? 12.735  -0.482  13.353  1.00 20.23 ? 50  LYS B C   1 
ATOM   377  O O   . LYS A 1 44  ? 11.863  -1.391  13.394  1.00 21.46 ? 50  LYS B O   1 
ATOM   378  C CB  . LYS A 1 44  ? 13.689  -0.529  15.673  1.00 25.57 ? 50  LYS B CB  1 
ATOM   379  C CG  . LYS A 1 44  ? 13.154  0.851   16.021  1.00 29.78 ? 50  LYS B CG  1 
ATOM   380  C CD  . LYS A 1 44  ? 12.938  1.071   17.513  1.00 39.65 ? 50  LYS B CD  1 
ATOM   381  C CE  . LYS A 1 44  ? 12.026  2.246   17.790  1.00 44.61 ? 50  LYS B CE  1 
ATOM   382  N NZ  . LYS A 1 44  ? 11.782  2.368   19.248  1.00 50.62 ? 50  LYS B NZ  1 
ATOM   383  N N   . GLU A 1 45  ? 12.651  0.639   12.640  1.00 19.04 ? 51  GLU B N   1 
ATOM   384  C CA  . GLU A 1 45  ? 11.444  0.948   11.809  1.00 19.81 ? 51  GLU B CA  1 
ATOM   385  C C   . GLU A 1 45  ? 11.497  0.194   10.479  1.00 18.54 ? 51  GLU B C   1 
ATOM   386  O O   . GLU A 1 45  ? 10.411  0.013   9.845   1.00 18.85 ? 51  GLU B O   1 
ATOM   387  C CB  . GLU A 1 45  ? 11.317  2.434   11.519  1.00 22.52 ? 51  GLU B CB  1 
ATOM   388  C CG  . GLU A 1 45  ? 11.105  3.321   12.743  1.00 27.33 ? 51  GLU B CG  1 
ATOM   389  C CD  . GLU A 1 45  ? 11.001  4.788   12.368  1.00 36.51 ? 51  GLU B CD  1 
ATOM   390  O OE1 . GLU A 1 45  ? 11.867  5.572   12.824  1.00 50.44 ? 51  GLU B OE1 1 
ATOM   391  O OE2 . GLU A 1 45  ? 10.100  5.154   11.588  1.00 45.34 ? 51  GLU B OE2 1 
ATOM   392  N N   . ARG A 1 46  ? 12.679  -0.155  9.967   1.00 16.65 ? 52  ARG B N   1 
ATOM   393  C CA  . ARG A 1 46  ? 12.736  -0.662  8.564   1.00 16.64 ? 52  ARG B CA  1 
ATOM   394  C C   . ARG A 1 46  ? 12.118  -2.048  8.395   1.00 15.88 ? 52  ARG B C   1 
ATOM   395  O O   . ARG A 1 46  ? 12.385  -3.007  9.176   1.00 17.35 ? 52  ARG B O   1 
ATOM   396  C CB  . ARG A 1 46  ? 14.177  -0.746  8.040   1.00 16.59 ? 52  ARG B CB  1 
ATOM   397  C CG  . ARG A 1 46  ? 14.894  0.575   7.922   1.00 17.85 ? 52  ARG B CG  1 
ATOM   398  C CD  . ARG A 1 46  ? 16.143  0.409   7.051   1.00 16.50 ? 52  ARG B CD  1 
ATOM   399  N NE  . ARG A 1 46  ? 16.883  1.638   7.107   1.00 17.70 ? 52  ARG B NE  1 
ATOM   400  C CZ  . ARG A 1 46  ? 16.502  2.774   6.529   1.00 17.44 ? 52  ARG B CZ  1 
ATOM   401  N NH1 . ARG A 1 46  ? 15.480  2.836   5.674   1.00 15.85 ? 52  ARG B NH1 1 
ATOM   402  N NH2 . ARG A 1 46  ? 17.210  3.874   6.720   1.00 20.83 ? 52  ARG B NH2 1 
ATOM   403  N N   . PHE A 1 47  ? 11.287  -2.235  7.373   1.00 14.30 ? 53  PHE B N   1 
ATOM   404  C CA  . PHE A 1 47  ? 10.822  -3.585  7.026   1.00 13.97 ? 53  PHE B CA  1 
ATOM   405  C C   . PHE A 1 47  ? 12.037  -4.421  6.564   1.00 15.76 ? 53  PHE B C   1 
ATOM   406  O O   . PHE A 1 47  ? 12.702  -3.996  5.592   1.00 16.19 ? 53  PHE B O   1 
ATOM   407  C CB  . PHE A 1 47  ? 9.727   -3.576  5.979   1.00 14.12 ? 53  PHE B CB  1 
ATOM   408  C CG  . PHE A 1 47  ? 8.418   -3.049  6.510   1.00 13.56 ? 53  PHE B CG  1 
ATOM   409  C CD1 . PHE A 1 47  ? 7.567   -3.903  7.198   1.00 13.76 ? 53  PHE B CD1 1 
ATOM   410  C CD2 . PHE A 1 47  ? 7.998   -1.748  6.306   1.00 14.51 ? 53  PHE B CD2 1 
ATOM   411  C CE1 . PHE A 1 47  ? 6.342   -3.453  7.675   1.00 14.53 ? 53  PHE B CE1 1 
ATOM   412  C CE2 . PHE A 1 47  ? 6.760   -1.309  6.783   1.00 14.36 ? 53  PHE B CE2 1 
ATOM   413  C CZ  . PHE A 1 47  ? 5.953   -2.164  7.508   1.00 13.12 ? 53  PHE B CZ  1 
ATOM   414  N N   . SER A 1 48  ? 12.309  -5.555  7.178   1.00 17.04 ? 54  SER B N   1 
ATOM   415  C CA  . SER A 1 48  ? 13.553  -6.315  6.862   1.00 18.13 ? 54  SER B CA  1 
ATOM   416  C C   . SER A 1 48  ? 13.347  -7.332  5.750   1.00 17.65 ? 54  SER B C   1 
ATOM   417  O O   . SER A 1 48  ? 14.294  -7.514  4.950   1.00 20.47 ? 54  SER B O   1 
ATOM   418  C CB  . SER A 1 48  ? 14.084  -6.976  8.104   1.00 17.20 ? 54  SER B CB  1 
ATOM   419  O OG  . SER A 1 48  ? 13.164  -7.859  8.682   1.00 17.68 ? 54  SER B OG  1 
ATOM   420  N N   . ASN A 1 49  ? 12.224  -8.024  5.705   1.00 16.25 ? 55  ASN B N   1 
ATOM   421  C CA  . ASN A 1 49  ? 12.071  -9.220  4.854   1.00 17.36 ? 55  ASN B CA  1 
ATOM   422  C C   . ASN A 1 49  ? 11.495  -8.897  3.476   1.00 17.06 ? 55  ASN B C   1 
ATOM   423  O O   . ASN A 1 49  ? 11.530  -9.770  2.591   1.00 18.40 ? 55  ASN B O   1 
ATOM   424  C CB  . ASN A 1 49  ? 11.261  -10.308 5.539   1.00 18.21 ? 55  ASN B CB  1 
ATOM   425  C CG  . ASN A 1 49  ? 12.018  -11.010 6.661   1.00 22.48 ? 55  ASN B CG  1 
ATOM   426  O OD1 . ASN A 1 49  ? 12.650  -10.373 7.512   1.00 22.46 ? 55  ASN B OD1 1 
ATOM   427  N ND2 . ASN A 1 49  ? 11.855  -12.327 6.728   1.00 26.04 ? 55  ASN B ND2 1 
ATOM   428  N N   . TYR A 1 50  ? 10.827  -7.748  3.346   1.00 14.44 ? 56  TYR B N   1 
ATOM   429  C CA  . TYR A 1 50  ? 10.021  -7.507  2.135   1.00 14.03 ? 56  TYR B CA  1 
ATOM   430  C C   . TYR A 1 50  ? 10.267  -6.081  1.675   1.00 13.04 ? 56  TYR B C   1 
ATOM   431  O O   . TYR A 1 50  ? 10.594  -5.221  2.508   1.00 14.03 ? 56  TYR B O   1 
ATOM   432  C CB  . TYR A 1 50  ? 8.533   -7.660  2.457   1.00 13.92 ? 56  TYR B CB  1 
ATOM   433  C CG  . TYR A 1 50  ? 8.145   -8.913  3.191   1.00 14.66 ? 56  TYR B CG  1 
ATOM   434  C CD1 . TYR A 1 50  ? 8.148   -10.136 2.538   1.00 17.07 ? 56  TYR B CD1 1 
ATOM   435  C CD2 . TYR A 1 50  ? 7.802   -8.907  4.527   1.00 15.48 ? 56  TYR B CD2 1 
ATOM   436  C CE1 . TYR A 1 50  ? 7.796   -11.322 3.180   1.00 19.36 ? 56  TYR B CE1 1 
ATOM   437  C CE2 . TYR A 1 50  ? 7.509   -10.085 5.205   1.00 17.59 ? 56  TYR B CE2 1 
ATOM   438  C CZ  . TYR A 1 50  ? 7.481   -11.290 4.523   1.00 17.68 ? 56  TYR B CZ  1 
ATOM   439  O OH  . TYR A 1 50  ? 7.145   -12.415 5.237   1.00 19.07 ? 56  TYR B OH  1 
ATOM   440  N N   . PRO A 1 51  ? 10.007  -5.758  0.397   1.00 12.85 ? 57  PRO B N   1 
ATOM   441  C CA  . PRO A 1 51  ? 10.280  -4.411  -0.140  1.00 12.99 ? 57  PRO B CA  1 
ATOM   442  C C   . PRO A 1 51  ? 9.165   -3.386  0.159   1.00 13.28 ? 57  PRO B C   1 
ATOM   443  O O   . PRO A 1 51  ? 8.552   -2.831  -0.740  1.00 13.56 ? 57  PRO B O   1 
ATOM   444  C CB  . PRO A 1 51  ? 10.416  -4.642  -1.676  1.00 15.21 ? 57  PRO B CB  1 
ATOM   445  C CG  . PRO A 1 51  ? 10.413  -6.136  -1.852  1.00 14.87 ? 57  PRO B CG  1 
ATOM   446  C CD  . PRO A 1 51  ? 9.689   -6.703  -0.666  1.00 13.02 ? 57  PRO B CD  1 
ATOM   447  N N   . MET A 1 52  ? 8.952   -3.185  1.472   1.00 12.86 ? 58  MET B N   1 
ATOM   448  C CA  . MET A 1 52  ? 7.831   -2.360  2.002   1.00 11.26 ? 58  MET B CA  1 
ATOM   449  C C   . MET A 1 52  ? 8.319   -1.018  2.530   1.00 11.48 ? 58  MET B C   1 
ATOM   450  O O   . MET A 1 52  ? 9.489   -0.829  2.975   1.00 12.71 ? 58  MET B O   1 
ATOM   451  C CB  . MET A 1 52  ? 7.117   -3.123  3.126   1.00 11.88 ? 58  MET B CB  1 
ATOM   452  C CG  . MET A 1 52  ? 6.441   -4.360  2.654   1.00 11.30 ? 58  MET B CG  1 
ATOM   453  S SD  . MET A 1 52  ? 5.994   -5.461  4.035   1.00 13.64 ? 58  MET B SD  1 
ATOM   454  C CE  . MET A 1 52  ? 5.138   -6.779  3.199   1.00 13.62 ? 58  MET B CE  1 
ATOM   455  N N   . VAL A 1 53  ? 7.399   -0.054  2.534   1.00 11.24 ? 59  VAL B N   1 
ATOM   456  C CA  . VAL A 1 53  ? 7.608   1.316   3.079   1.00 12.05 ? 59  VAL B CA  1 
ATOM   457  C C   . VAL A 1 53  ? 6.244   1.866   3.520   1.00 12.90 ? 59  VAL B C   1 
ATOM   458  O O   . VAL A 1 53  ? 5.220   1.487   2.907   1.00 12.67 ? 59  VAL B O   1 
ATOM   459  C CB  . VAL A 1 53  ? 8.350   2.211   2.048   1.00 12.19 ? 59  VAL B CB  1 
ATOM   460  C CG1 . VAL A 1 53  ? 7.567   2.385   0.758   1.00 13.02 ? 59  VAL B CG1 1 
ATOM   461  C CG2 . VAL A 1 53  ? 8.759   3.560   2.626   1.00 12.70 ? 59  VAL B CG2 1 
ATOM   462  N N   . LEU A 1 54  ? 6.259   2.760   4.483   1.00 12.81 ? 60  LEU B N   1 
ATOM   463  C CA  . LEU A 1 54  ? 5.053   3.468   4.970   1.00 12.45 ? 60  LEU B CA  1 
ATOM   464  C C   . LEU A 1 54  ? 5.031   4.896   4.484   1.00 13.77 ? 60  LEU B C   1 
ATOM   465  O O   . LEU A 1 54  ? 6.095   5.580   4.262   1.00 13.80 ? 60  LEU B O   1 
ATOM   466  C CB  . LEU A 1 54  ? 4.967   3.447   6.494   1.00 12.16 ? 60  LEU B CB  1 
ATOM   467  C CG  . LEU A 1 54  ? 5.040   2.083   7.142   1.00 12.96 ? 60  LEU B CG  1 
ATOM   468  C CD1 . LEU A 1 54  ? 4.775   2.143   8.643   1.00 15.34 ? 60  LEU B CD1 1 
ATOM   469  C CD2 . LEU A 1 54  ? 4.065   1.094   6.496   1.00 13.93 ? 60  LEU B CD2 1 
ATOM   470  N N   . GLY A 1 55  ? 3.821   5.420   4.322   1.00 12.77 ? 61  GLY B N   1 
ATOM   471  C CA  . GLY A 1 55  ? 3.626   6.881   4.235   1.00 13.21 ? 61  GLY B CA  1 
ATOM   472  C C   . GLY A 1 55  ? 4.006   7.560   5.544   1.00 13.80 ? 61  GLY B C   1 
ATOM   473  O O   . GLY A 1 55  ? 3.859   6.942   6.601   1.00 14.56 ? 61  GLY B O   1 
ATOM   474  N N   . ALA A 1 56  ? 4.331   8.840   5.473   1.00 14.59 ? 62  ALA B N   1 
ATOM   475  C CA  . ALA A 1 56  ? 4.710   9.646   6.658   1.00 16.27 ? 62  ALA B CA  1 
ATOM   476  C C   . ALA A 1 56  ? 3.447   10.017  7.449   1.00 17.30 ? 62  ALA B C   1 
ATOM   477  O O   . ALA A 1 56  ? 3.514   10.149  8.679   1.00 20.20 ? 62  ALA B O   1 
ATOM   478  C CB  . ALA A 1 56  ? 5.437   10.857  6.160   1.00 17.94 ? 62  ALA B CB  1 
ATOM   479  N N   . GLN A 1 57  ? 2.341   10.167  6.755   1.00 16.62 ? 63  GLN B N   1 
ATOM   480  C CA  . GLN A 1 57  ? 1.099   10.678  7.394   1.00 16.57 ? 63  GLN B CA  1 
ATOM   481  C C   . GLN A 1 57  ? 0.536   9.611   8.336   1.00 17.97 ? 63  GLN B C   1 
ATOM   482  O O   . GLN A 1 57  ? 0.577   8.394   8.025   1.00 17.97 ? 63  GLN B O   1 
ATOM   483  C CB  . GLN A 1 57  ? 0.077   11.064  6.312   1.00 18.46 ? 63  GLN B CB  1 
ATOM   484  C CG  . GLN A 1 57  ? 0.450   12.296  5.499   1.00 20.86 ? 63  GLN B CG  1 
ATOM   485  C CD  . GLN A 1 57  ? 1.663   12.081  4.606   1.00 20.83 ? 63  GLN B CD  1 
ATOM   486  O OE1 . GLN A 1 57  ? 1.808   11.021  4.014   1.00 18.78 ? 63  GLN B OE1 1 
ATOM   487  N NE2 . GLN A 1 57  ? 2.503   13.081  4.439   1.00 23.49 ? 63  GLN B NE2 1 
ATOM   488  N N   . ARG A 1 58  ? 0.006   10.022  9.492   1.00 17.40 ? 64  ARG B N   1 
ATOM   489  C CA  . ARG A 1 58  ? -0.746  9.163   10.426  1.00 17.24 ? 64  ARG B CA  1 
ATOM   490  C C   . ARG A 1 58  ? -2.190  9.655   10.500  1.00 16.69 ? 64  ARG B C   1 
ATOM   491  O O   . ARG A 1 58  ? -2.421  10.879  10.555  1.00 18.96 ? 64  ARG B O   1 
ATOM   492  C CB  . ARG A 1 58  ? -0.192  9.274   11.858  1.00 21.28 ? 64  ARG B CB  1 
ATOM   493  C CG  . ARG A 1 58  ? 1.056   8.459   12.186  1.00 30.34 ? 64  ARG B CG  1 
ATOM   494  C CD  . ARG A 1 58  ? 2.206   8.712   11.232  1.00 31.35 ? 64  ARG B CD  1 
ATOM   495  N NE  . ARG A 1 58  ? 3.634   8.589   11.577  1.00 37.64 ? 64  ARG B NE  1 
ATOM   496  C CZ  . ARG A 1 58  ? 4.176   8.126   12.703  1.00 37.77 ? 64  ARG B CZ  1 
ATOM   497  N NH1 . ARG A 1 58  ? 5.492   8.081   12.806  1.00 41.96 ? 64  ARG B NH1 1 
ATOM   498  N NH2 . ARG A 1 58  ? 3.446   7.692   13.709  1.00 42.53 ? 64  ARG B NH2 1 
ATOM   499  N N   . PHE A 1 59  ? -3.152  8.751   10.445  1.00 15.73 ? 65  PHE B N   1 
ATOM   500  C CA  . PHE A 1 59  ? -4.599  9.099   10.434  1.00 15.36 ? 65  PHE B CA  1 
ATOM   501  C C   . PHE A 1 59  ? -5.257  8.426   11.629  1.00 14.41 ? 65  PHE B C   1 
ATOM   502  O O   . PHE A 1 59  ? -5.115  7.226   11.813  1.00 14.31 ? 65  PHE B O   1 
ATOM   503  C CB  . PHE A 1 59  ? -5.240  8.610   9.115   1.00 17.58 ? 65  PHE B CB  1 
ATOM   504  C CG  . PHE A 1 59  ? -4.608  9.220   7.884   1.00 19.00 ? 65  PHE B CG  1 
ATOM   505  C CD1 . PHE A 1 59  ? -4.515  10.597  7.782   1.00 21.81 ? 65  PHE B CD1 1 
ATOM   506  C CD2 . PHE A 1 59  ? -4.097  8.449   6.861   1.00 27.07 ? 65  PHE B CD2 1 
ATOM   507  C CE1 . PHE A 1 59  ? -3.949  11.210  6.675   1.00 24.67 ? 65  PHE B CE1 1 
ATOM   508  C CE2 . PHE A 1 59  ? -3.553  9.070   5.736   1.00 20.62 ? 65  PHE B CE2 1 
ATOM   509  C CZ  . PHE A 1 59  ? -3.445  10.429  5.680   1.00 22.21 ? 65  PHE B CZ  1 
ATOM   510  N N   A SER A 1 60  ? -6.003  9.194   12.430  0.25 14.39 ? 66  SER B N   1 
ATOM   511  N N   B SER A 1 60  ? -5.995  9.199   12.438  0.25 14.59 ? 66  SER B N   1 
ATOM   512  C CA  A SER A 1 60  ? -6.721  8.671   13.622  0.25 15.03 ? 66  SER B CA  1 
ATOM   513  C CA  B SER A 1 60  ? -6.741  8.698   13.625  0.25 15.42 ? 66  SER B CA  1 
ATOM   514  C C   A SER A 1 60  ? -8.204  9.086   13.602  0.25 15.14 ? 66  SER B C   1 
ATOM   515  C C   B SER A 1 60  ? -8.182  9.209   13.628  0.25 15.83 ? 66  SER B C   1 
ATOM   516  O O   A SER A 1 60  ? -8.958  8.617   14.482  0.25 14.68 ? 66  SER B O   1 
ATOM   517  O O   B SER A 1 60  ? -8.817  9.159   14.696  0.25 15.13 ? 66  SER B O   1 
ATOM   518  C CB  A SER A 1 60  ? -5.988  9.078   14.888  0.25 15.41 ? 66  SER B CB  1 
ATOM   519  C CB  B SER A 1 60  ? -6.067  9.121   14.889  0.25 15.61 ? 66  SER B CB  1 
ATOM   520  O OG  A SER A 1 60  ? -4.811  8.262   15.069  0.25 15.86 ? 66  SER B OG  1 
ATOM   521  O OG  B SER A 1 60  ? -5.949  10.520  14.915  0.25 16.19 ? 66  SER B OG  1 
ATOM   522  N N   A SER A 1 61  ? -8.623  9.855   12.589  0.25 14.88 ? 67  SER B N   1 
ATOM   523  N N   B SER A 1 61  ? -8.670  9.690   12.488  0.25 16.30 ? 67  SER B N   1 
ATOM   524  C CA  A SER A 1 61  ? -10.029 10.299  12.389  0.25 15.73 ? 67  SER B CA  1 
ATOM   525  C CA  B SER A 1 61  ? -10.024 10.275  12.366  0.25 17.79 ? 67  SER B CA  1 
ATOM   526  C C   A SER A 1 61  ? -10.269 10.585  10.906  0.25 16.57 ? 67  SER B C   1 
ATOM   527  C C   B SER A 1 61  ? -10.257 10.729  10.928  0.25 17.73 ? 67  SER B C   1 
ATOM   528  O O   A SER A 1 61  ? -9.289  10.578  10.149  0.25 16.55 ? 67  SER B O   1 
ATOM   529  O O   B SER A 1 61  ? -9.260  11.047  10.245  0.25 16.52 ? 67  SER B O   1 
ATOM   530  C CB  A SER A 1 61  ? -10.328 11.524  13.230  0.25 15.65 ? 67  SER B CB  1 
ATOM   531  C CB  B SER A 1 61  ? -10.178 11.429  13.324  0.25 19.22 ? 67  SER B CB  1 
ATOM   532  O OG  A SER A 1 61  ? -9.599  12.641  12.758  0.25 15.24 ? 67  SER B OG  1 
ATOM   533  O OG  B SER A 1 61  ? -11.460 12.009  13.177  0.25 21.89 ? 67  SER B OG  1 
ATOM   534  N N   . GLY A 1 62  ? -11.524 10.838  10.523  1.00 18.05 ? 68  GLY B N   1 
ATOM   535  C CA  . GLY A 1 62  ? -11.830 11.466  9.230   1.00 18.96 ? 68  GLY B CA  1 
ATOM   536  C C   . GLY A 1 62  ? -11.886 10.488  8.069   1.00 15.82 ? 68  GLY B C   1 
ATOM   537  O O   . GLY A 1 62  ? -11.767 9.243   8.251   1.00 16.37 ? 68  GLY B O   1 
ATOM   538  N N   . LYS A 1 63  ? -12.007 11.108  6.919   1.00 16.25 ? 69  LYS B N   1 
ATOM   539  C CA  . LYS A 1 63  ? -12.096 10.431  5.633   1.00 16.09 ? 69  LYS B CA  1 
ATOM   540  C C   . LYS A 1 63  ? -10.889 10.888  4.827   1.00 14.88 ? 69  LYS B C   1 
ATOM   541  O O   . LYS A 1 63  ? -10.623 12.075  4.746   1.00 16.56 ? 69  LYS B O   1 
ATOM   542  C CB  . LYS A 1 63  ? -13.430 10.765  4.975   1.00 17.45 ? 69  LYS B CB  1 
ATOM   543  C CG  . LYS A 1 63  ? -14.666 10.213  5.686   1.00 18.03 ? 69  LYS B CG  1 
ATOM   544  C CD  . LYS A 1 63  ? -15.999 10.681  5.017   1.00 21.24 ? 69  LYS B CD  1 
ATOM   545  C CE  . LYS A 1 63  ? -17.226 10.159  5.734   1.00 24.56 ? 69  LYS B CE  1 
ATOM   546  N NZ  . LYS A 1 63  ? -18.457 10.624  5.057   1.00 28.79 ? 69  LYS B NZ  1 
ATOM   547  N N   . MET A 1 64  ? -10.190 9.933   4.209   1.00 14.11 ? 70  MET B N   1 
ATOM   548  C CA  . MET A 1 64  ? -8.946  10.161  3.451   1.00 14.77 ? 70  MET B CA  1 
ATOM   549  C C   . MET A 1 64  ? -8.996  9.397   2.129   1.00 13.29 ? 70  MET B C   1 
ATOM   550  O O   . MET A 1 64  ? -9.532  8.308   2.102   1.00 15.41 ? 70  MET B O   1 
ATOM   551  C CB  . MET A 1 64  ? -7.774  9.604   4.238   1.00 14.28 ? 70  MET B CB  1 
ATOM   552  C CG  . MET A 1 64  ? -7.348  10.449  5.420   1.00 15.60 ? 70  MET B CG  1 
ATOM   553  S SD  . MET A 1 64  ? -8.377  10.428  6.908   1.00 18.41 ? 70  MET B SD  1 
ATOM   554  C CE  . MET A 1 64  ? -8.541  8.713   7.341   1.00 17.45 ? 70  MET B CE  1 
ATOM   555  N N   . TYR A 1 65  ? -8.446  9.964   1.074   1.00 13.95 ? 71  TYR B N   1 
ATOM   556  C CA  . TYR A 1 65  ? -8.430  9.324   -0.265  1.00 14.27 ? 71  TYR B CA  1 
ATOM   557  C C   . TYR A 1 65  ? -7.101  9.642   -0.928  1.00 14.93 ? 71  TYR B C   1 
ATOM   558  O O   . TYR A 1 65  ? -6.595  10.805  -0.828  1.00 15.76 ? 71  TYR B O   1 
ATOM   559  C CB  . TYR A 1 65  ? -9.590  9.828   -1.136  1.00 15.70 ? 71  TYR B CB  1 
ATOM   560  C CG  . TYR A 1 65  ? -9.629  9.252   -2.525  1.00 15.36 ? 71  TYR B CG  1 
ATOM   561  C CD1 . TYR A 1 65  ? -10.083 7.963   -2.754  1.00 16.20 ? 71  TYR B CD1 1 
ATOM   562  C CD2 . TYR A 1 65  ? -9.116  9.973   -3.592  1.00 16.14 ? 71  TYR B CD2 1 
ATOM   563  C CE1 . TYR A 1 65  ? -10.090 7.412   -4.034  1.00 16.43 ? 71  TYR B CE1 1 
ATOM   564  C CE2 . TYR A 1 65  ? -9.110  9.439   -4.877  1.00 15.55 ? 71  TYR B CE2 1 
ATOM   565  C CZ  . TYR A 1 65  ? -9.589  8.167   -5.093  1.00 15.74 ? 71  TYR B CZ  1 
ATOM   566  O OH  . TYR A 1 65  ? -9.569  7.699   -6.379  1.00 18.44 ? 71  TYR B OH  1 
ATOM   567  N N   . TRP A 1 66  ? -6.469  8.630   -1.511  1.00 12.40 ? 72  TRP B N   1 
ATOM   568  C CA  . TRP A 1 66  ? -5.280  8.878   -2.359  1.00 13.22 ? 72  TRP B CA  1 
ATOM   569  C C   . TRP A 1 66  ? -5.240  7.857   -3.510  1.00 13.76 ? 72  TRP B C   1 
ATOM   570  O O   . TRP A 1 66  ? -6.001  6.875   -3.487  1.00 14.41 ? 72  TRP B O   1 
ATOM   571  C CB  . TRP A 1 66  ? -3.975  8.889   -1.528  1.00 12.54 ? 72  TRP B CB  1 
ATOM   572  C CG  . TRP A 1 66  ? -3.620  7.614   -0.833  1.00 12.93 ? 72  TRP B CG  1 
ATOM   573  C CD1 . TRP A 1 66  ? -2.750  6.634   -1.267  1.00 12.83 ? 72  TRP B CD1 1 
ATOM   574  C CD2 . TRP A 1 66  ? -4.072  7.160   0.448   1.00 13.63 ? 72  TRP B CD2 1 
ATOM   575  N NE1 . TRP A 1 66  ? -2.625  5.654   -0.325  1.00 13.36 ? 72  TRP B NE1 1 
ATOM   576  C CE2 . TRP A 1 66  ? -3.461  5.919   0.720   1.00 13.79 ? 72  TRP B CE2 1 
ATOM   577  C CE3 . TRP A 1 66  ? -4.940  7.707   1.404   1.00 15.38 ? 72  TRP B CE3 1 
ATOM   578  C CZ2 . TRP A 1 66  ? -3.666  5.235   1.907   1.00 15.19 ? 72  TRP B CZ2 1 
ATOM   579  C CZ3 . TRP A 1 66  ? -5.195  7.001   2.552   1.00 17.58 ? 72  TRP B CZ3 1 
ATOM   580  C CH2 . TRP A 1 66  ? -4.561  5.792   2.802   1.00 16.00 ? 72  TRP B CH2 1 
ATOM   581  N N   . GLU A 1 67  ? -4.367  8.089   -4.490  1.00 14.09 ? 73  GLU B N   1 
ATOM   582  C CA  . GLU A 1 67  ? -4.258  7.225   -5.693  1.00 14.14 ? 73  GLU B CA  1 
ATOM   583  C C   . GLU A 1 67  ? -2.804  6.843   -5.922  1.00 13.94 ? 73  GLU B C   1 
ATOM   584  O O   . GLU A 1 67  ? -1.924  7.648   -5.626  1.00 14.27 ? 73  GLU B O   1 
ATOM   585  C CB  . GLU A 1 67  ? -4.794  7.950   -6.925  1.00 14.92 ? 73  GLU B CB  1 
ATOM   586  C CG  . GLU A 1 67  ? -6.297  8.228   -6.792  1.00 18.03 ? 73  GLU B CG  1 
ATOM   587  C CD  . GLU A 1 67  ? -6.961  8.873   -7.999  1.00 22.35 ? 73  GLU B CD  1 
ATOM   588  O OE1 . GLU A 1 67  ? -6.192  9.328   -8.912  1.00 25.14 ? 73  GLU B OE1 1 
ATOM   589  O OE2 . GLU A 1 67  ? -8.251  8.917   -8.058  1.00 20.52 ? 73  GLU B OE2 1 
ATOM   590  N N   . VAL A 1 68  ? -2.599  5.606   -6.359  1.00 13.24 ? 74  VAL B N   1 
ATOM   591  C CA  . VAL A 1 68  ? -1.266  5.039   -6.629  1.00 13.56 ? 74  VAL B CA  1 
ATOM   592  C C   . VAL A 1 68  ? -1.214  4.482   -8.042  1.00 12.86 ? 74  VAL B C   1 
ATOM   593  O O   . VAL A 1 68  ? -2.105  3.719   -8.439  1.00 14.17 ? 74  VAL B O   1 
ATOM   594  C CB  . VAL A 1 68  ? -0.913  3.941   -5.620  1.00 13.62 ? 74  VAL B CB  1 
ATOM   595  C CG1 . VAL A 1 68  ? 0.526   3.507   -5.800  1.00 14.58 ? 74  VAL B CG1 1 
ATOM   596  C CG2 . VAL A 1 68  ? -1.207  4.369   -4.196  1.00 14.94 ? 74  VAL B CG2 1 
ATOM   597  N N   . ASP A 1 69  ? -0.154  4.836   -8.779  1.00 13.11 ? 75  ASP B N   1 
ATOM   598  C CA  . ASP A 1 69  ? 0.124   4.306   -10.134 1.00 14.42 ? 75  ASP B CA  1 
ATOM   599  C C   . ASP A 1 69  ? 0.906   3.007   -10.013 1.00 12.50 ? 75  ASP B C   1 
ATOM   600  O O   . ASP A 1 69  ? 1.956   2.984   -9.258  1.00 13.23 ? 75  ASP B O   1 
ATOM   601  C CB  . ASP A 1 69  ? 0.903   5.334   -10.966 1.00 16.54 ? 75  ASP B CB  1 
ATOM   602  C CG  . ASP A 1 69  ? 0.914   5.005   -12.455 1.00 18.52 ? 75  ASP B CG  1 
ATOM   603  O OD1 . ASP A 1 69  ? 1.415   3.980   -12.802 1.00 18.65 ? 75  ASP B OD1 1 
ATOM   604  O OD2 . ASP A 1 69  ? 0.262   5.722   -13.228 1.00 24.74 ? 75  ASP B OD2 1 
ATOM   605  N N   . VAL A 1 70  ? 0.400   1.945   -10.654 1.00 13.00 ? 76  VAL B N   1 
ATOM   606  C CA  . VAL A 1 70  ? 0.996   0.584   -10.644 1.00 13.89 ? 76  VAL B CA  1 
ATOM   607  C C   . VAL A 1 70  ? 1.335   0.100   -12.067 1.00 14.65 ? 76  VAL B C   1 
ATOM   608  O O   . VAL A 1 70  ? 1.558   -1.092  -12.270 1.00 14.76 ? 76  VAL B O   1 
ATOM   609  C CB  . VAL A 1 70  ? 0.057   -0.404  -9.902  1.00 13.79 ? 76  VAL B CB  1 
ATOM   610  C CG1 . VAL A 1 70  ? -0.197  0.015   -8.438  1.00 13.82 ? 76  VAL B CG1 1 
ATOM   611  C CG2 . VAL A 1 70  ? -1.264  -0.643  -10.620 1.00 14.34 ? 76  VAL B CG2 1 
ATOM   612  N N   . THR A 1 71  ? 1.410   1.025   -13.012 1.00 14.83 ? 77  THR B N   1 
ATOM   613  C CA  . THR A 1 71  ? 1.642   0.718   -14.447 1.00 15.99 ? 77  THR B CA  1 
ATOM   614  C C   . THR A 1 71  ? 2.834   -0.240  -14.609 1.00 16.41 ? 77  THR B C   1 
ATOM   615  O O   . THR A 1 71  ? 3.916   0.012   -14.045 1.00 16.05 ? 77  THR B O   1 
ATOM   616  C CB  . THR A 1 71  ? 1.900   1.996   -15.235 1.00 16.12 ? 77  THR B CB  1 
ATOM   617  O OG1 . THR A 1 71  ? 0.764   2.867   -15.159 1.00 18.36 ? 77  THR B OG1 1 
ATOM   618  C CG2 . THR A 1 71  ? 2.200   1.631   -16.666 1.00 19.15 ? 77  THR B CG2 1 
ATOM   619  N N   . GLN A 1 72  ? 2.596   -1.290  -15.384 1.00 19.78 ? 78  GLN B N   1 
ATOM   620  C CA  . GLN A 1 72  ? 3.540   -2.343  -15.841 1.00 23.56 ? 78  GLN B CA  1 
ATOM   621  C C   . GLN A 1 72  ? 4.142   -3.156  -14.693 1.00 24.56 ? 78  GLN B C   1 
ATOM   622  O O   . GLN A 1 72  ? 5.044   -3.993  -14.964 1.00 26.10 ? 78  GLN B O   1 
ATOM   623  C CB  . GLN A 1 72  ? 4.618   -1.742  -16.748 1.00 30.32 ? 78  GLN B CB  1 
ATOM   624  C CG  . GLN A 1 72  ? 5.556   -0.740  -16.091 1.00 38.74 ? 78  GLN B CG  1 
ATOM   625  C CD  . GLN A 1 72  ? 6.969   -0.754  -16.637 1.00 43.33 ? 78  GLN B CD  1 
ATOM   626  O OE1 . GLN A 1 72  ? 7.560   0.298   -16.899 1.00 47.18 ? 78  GLN B OE1 1 
ATOM   627  N NE2 . GLN A 1 72  ? 7.552   -1.945  -16.729 1.00 47.11 ? 78  GLN B NE2 1 
ATOM   628  N N   . LYS A 1 73  ? 3.668   -3.047  -13.455 1.00 16.53 ? 79  LYS B N   1 
ATOM   629  C CA  . LYS A 1 73  ? 4.168   -3.978  -12.430 1.00 15.84 ? 79  LYS B CA  1 
ATOM   630  C C   . LYS A 1 73  ? 3.479   -5.351  -12.445 1.00 13.68 ? 79  LYS B C   1 
ATOM   631  O O   . LYS A 1 73  ? 2.285   -5.462  -12.829 1.00 16.69 ? 79  LYS B O   1 
ATOM   632  C CB  . LYS A 1 73  ? 3.988   -3.322  -11.064 1.00 15.63 ? 79  LYS B CB  1 
ATOM   633  C CG  . LYS A 1 73  ? 4.877   -2.081  -10.892 1.00 15.48 ? 79  LYS B CG  1 
ATOM   634  C CD  . LYS A 1 73  ? 4.898   -1.533  -9.481  1.00 16.46 ? 79  LYS B CD  1 
ATOM   635  C CE  . LYS A 1 73  ? 5.538   -2.471  -8.481  1.00 15.54 ? 79  LYS B CE  1 
ATOM   636  N NZ  . LYS A 1 73  ? 6.928   -2.862  -8.865  1.00 14.29 ? 79  LYS B NZ  1 
ATOM   637  N N   . GLU A 1 74  ? 4.241   -6.378  -12.098 1.00 12.79 ? 80  GLU B N   1 
ATOM   638  C CA  . GLU A 1 74  ? 3.779   -7.777  -12.008 1.00 13.42 ? 80  GLU B CA  1 
ATOM   639  C C   . GLU A 1 74  ? 3.344   -8.138  -10.590 1.00 13.55 ? 80  GLU B C   1 
ATOM   640  O O   . GLU A 1 74  ? 2.678   -9.146  -10.381 1.00 14.16 ? 80  GLU B O   1 
ATOM   641  C CB  . GLU A 1 74  ? 4.907   -8.749  -12.399 1.00 14.55 ? 80  GLU B CB  1 
ATOM   642  C CG  . GLU A 1 74  ? 5.336   -8.620  -13.844 1.00 16.36 ? 80  GLU B CG  1 
ATOM   643  C CD  . GLU A 1 74  ? 6.542   -9.529  -14.156 1.00 16.96 ? 80  GLU B CD  1 
ATOM   644  O OE1 . GLU A 1 74  ? 6.834   -9.685  -15.362 1.00 21.26 ? 80  GLU B OE1 1 
ATOM   645  O OE2 . GLU A 1 74  ? 7.178   -10.080 -13.187 1.00 19.74 ? 80  GLU B OE2 1 
ATOM   646  N N   . ALA A 1 75  ? 3.809   -7.379  -9.600  1.00 12.62 ? 81  ALA B N   1 
ATOM   647  C CA  . ALA A 1 75  ? 3.513   -7.735  -8.194  1.00 12.69 ? 81  ALA B CA  1 
ATOM   648  C C   . ALA A 1 75  ? 3.612   -6.476  -7.339  1.00 14.23 ? 81  ALA B C   1 
ATOM   649  O O   . ALA A 1 75  ? 4.541   -5.667  -7.534  1.00 13.69 ? 81  ALA B O   1 
ATOM   650  C CB  . ALA A 1 75  ? 4.494   -8.780  -7.676  1.00 13.14 ? 81  ALA B CB  1 
ATOM   651  N N   . TRP A 1 76  ? 2.699   -6.335  -6.385  1.00 11.96 ? 82  TRP B N   1 
ATOM   652  C CA  . TRP A 1 76  ? 2.680   -5.197  -5.427  1.00 12.23 ? 82  TRP B CA  1 
ATOM   653  C C   . TRP A 1 76  ? 1.624   -5.486  -4.373  1.00 12.29 ? 82  TRP B C   1 
ATOM   654  O O   . TRP A 1 76  ? 0.724   -6.282  -4.620  1.00 12.76 ? 82  TRP B O   1 
ATOM   655  C CB  . TRP A 1 76  ? 2.408   -3.861  -6.123  1.00 12.43 ? 82  TRP B CB  1 
ATOM   656  C CG  . TRP A 1 76  ? 1.248   -3.828  -7.068  1.00 12.73 ? 82  TRP B CG  1 
ATOM   657  C CD1 . TRP A 1 76  ? 1.315   -3.961  -8.415  1.00 13.56 ? 82  TRP B CD1 1 
ATOM   658  C CD2 . TRP A 1 76  ? -0.171  -3.748  -6.778  1.00 12.00 ? 82  TRP B CD2 1 
ATOM   659  N NE1 . TRP A 1 76  ? 0.074   -3.913  -8.996  1.00 13.64 ? 82  TRP B NE1 1 
ATOM   660  C CE2 . TRP A 1 76  ? -0.868  -3.815  -7.993  1.00 13.49 ? 82  TRP B CE2 1 
ATOM   661  C CE3 . TRP A 1 76  ? -0.920  -3.660  -5.585  1.00 13.99 ? 82  TRP B CE3 1 
ATOM   662  C CZ2 . TRP A 1 76  ? -2.246  -3.703  -8.102  1.00 13.45 ? 82  TRP B CZ2 1 
ATOM   663  C CZ3 . TRP A 1 76  ? -2.297  -3.569  -5.679  1.00 13.14 ? 82  TRP B CZ3 1 
ATOM   664  C CH2 . TRP A 1 76  ? -2.936  -3.622  -6.917  1.00 14.05 ? 82  TRP B CH2 1 
ATOM   665  N N   . ASP A 1 77  ? 1.749   -4.828  -3.222  1.00 12.08 ? 83  ASP B N   1 
ATOM   666  C CA  . ASP A 1 77  ? 0.667   -4.789  -2.196  1.00 12.29 ? 83  ASP B CA  1 
ATOM   667  C C   . ASP A 1 77  ? 0.368   -3.300  -1.909  1.00 11.99 ? 83  ASP B C   1 
ATOM   668  O O   . ASP A 1 77  ? 1.369   -2.506  -1.862  1.00 11.80 ? 83  ASP B O   1 
ATOM   669  C CB  . ASP A 1 77  ? 1.048   -5.448  -0.884  1.00 13.62 ? 83  ASP B CB  1 
ATOM   670  C CG  . ASP A 1 77  ? 1.802   -6.772  -0.953  1.00 16.10 ? 83  ASP B CG  1 
ATOM   671  O OD1 . ASP A 1 77  ? 1.482   -7.544  -1.795  1.00 20.83 ? 83  ASP B OD1 1 
ATOM   672  O OD2 . ASP A 1 77  ? 2.678   -7.005  -0.100  1.00 18.91 ? 83  ASP B OD2 1 
ATOM   673  N N   . LEU A 1 78  ? -0.886  -2.894  -1.680  1.00 10.58 ? 84  LEU B N   1 
ATOM   674  C CA  . LEU A 1 78  ? -1.251  -1.505  -1.339  1.00 10.89 ? 84  LEU B CA  1 
ATOM   675  C C   . LEU A 1 78  ? -2.342  -1.546  -0.284  1.00 11.04 ? 84  LEU B C   1 
ATOM   676  O O   . LEU A 1 78  ? -3.221  -2.413  -0.337  1.00 10.81 ? 84  LEU B O   1 
ATOM   677  C CB  . LEU A 1 78  ? -1.775  -0.763  -2.560  1.00 10.99 ? 84  LEU B CB  1 
ATOM   678  C CG  . LEU A 1 78  ? -0.772  -0.396  -3.634  1.00 13.00 ? 84  LEU B CG  1 
ATOM   679  C CD1 . LEU A 1 78  ? -1.533  0.132   -4.820  1.00 13.83 ? 84  LEU B CD1 1 
ATOM   680  C CD2 . LEU A 1 78  ? 0.226   0.576   -3.070  1.00 13.60 ? 84  LEU B CD2 1 
ATOM   681  N N   . GLY A 1 79  ? -2.312  -0.535  0.580   1.00 10.27 ? 85  GLY B N   1 
ATOM   682  C CA  . GLY A 1 79  ? -3.465  -0.246  1.450   1.00 11.50 ? 85  GLY B CA  1 
ATOM   683  C C   . GLY A 1 79  ? -3.043  0.632   2.606   1.00 9.93  ? 85  GLY B C   1 
ATOM   684  O O   . GLY A 1 79  ? -2.381  1.649   2.407   1.00 10.99 ? 85  GLY B O   1 
ATOM   685  N N   A VAL A 1 80  ? -3.517  0.277   3.807   0.25 10.22 ? 86  VAL B N   1 
ATOM   686  N N   B VAL A 1 80  ? -3.403  0.213   3.812   0.25 10.65 ? 86  VAL B N   1 
ATOM   687  C CA  A VAL A 1 80  ? -3.138  0.935   5.090   0.25 10.53 ? 86  VAL B CA  1 
ATOM   688  C CA  B VAL A 1 80  ? -3.143  0.997   5.043   0.25 11.16 ? 86  VAL B CA  1 
ATOM   689  C C   A VAL A 1 80  ? -2.728  -0.121  6.106   0.25 11.05 ? 86  VAL B C   1 
ATOM   690  C C   B VAL A 1 80  ? -2.893  -0.008  6.175   0.25 11.38 ? 86  VAL B C   1 
ATOM   691  O O   A VAL A 1 80  ? -3.074  -1.320  5.976   0.25 11.53 ? 86  VAL B O   1 
ATOM   692  O O   B VAL A 1 80  ? -3.432  -1.118  6.131   0.25 11.75 ? 86  VAL B O   1 
ATOM   693  C CB  A VAL A 1 80  ? -4.279  1.767   5.704   0.25 10.81 ? 86  VAL B CB  1 
ATOM   694  C CB  B VAL A 1 80  ? -4.339  1.943   5.271   0.25 12.12 ? 86  VAL B CB  1 
ATOM   695  C CG1 A VAL A 1 80  ? -4.562  2.996   4.871   0.25 10.64 ? 86  VAL B CG1 1 
ATOM   696  C CG1 B VAL A 1 80  ? -5.591  1.174   5.660   0.25 12.36 ? 86  VAL B CG1 1 
ATOM   697  C CG2 A VAL A 1 80  ? -5.533  0.935   5.907   0.25 10.99 ? 86  VAL B CG2 1 
ATOM   698  C CG2 B VAL A 1 80  ? -4.035  3.036   6.272   0.25 12.65 ? 86  VAL B CG2 1 
ATOM   699  N N   . CYS A 1 81  ? -2.045  0.341   7.143   1.00 11.03 ? 87  CYS B N   1 
ATOM   700  C CA  . CYS A 1 81  ? -1.740  -0.526  8.271   1.00 12.44 ? 87  CYS B CA  1 
ATOM   701  C C   . CYS A 1 81  ? -1.645  0.278   9.545   1.00 12.29 ? 87  CYS B C   1 
ATOM   702  O O   . CYS A 1 81  ? -1.522  1.531   9.517   1.00 12.10 ? 87  CYS B O   1 
ATOM   703  C CB  . CYS A 1 81  ? -0.433  -1.277  8.068   1.00 13.30 ? 87  CYS B CB  1 
ATOM   704  S SG  . CYS A 1 81  ? 1.039   -0.220  7.954   1.00 14.38 ? 87  CYS B SG  1 
ATOM   705  N N   A ARG A 1 82  ? -1.738  -0.428  10.658  0.25 12.76 ? 88  ARG B N   1 
ATOM   706  N N   B ARG A 1 82  ? -1.737  -0.424  10.660  0.25 11.48 ? 88  ARG B N   1 
ATOM   707  C CA  A ARG A 1 82  ? -1.487  0.170   11.991  0.25 13.95 ? 88  ARG B CA  1 
ATOM   708  C CA  B ARG A 1 82  ? -1.563  0.189   12.003  0.25 11.72 ? 88  ARG B CA  1 
ATOM   709  C C   A ARG A 1 82  ? -0.077  0.751   12.032  0.25 13.34 ? 88  ARG B C   1 
ATOM   710  C C   B ARG A 1 82  ? -0.106  0.664   12.154  0.25 12.21 ? 88  ARG B C   1 
ATOM   711  O O   A ARG A 1 82  ? 0.834   0.177   11.429  0.25 13.17 ? 88  ARG B O   1 
ATOM   712  O O   B ARG A 1 82  ? 0.821   -0.074  11.740  0.25 11.78 ? 88  ARG B O   1 
ATOM   713  C CB  A ARG A 1 82  ? -1.629  -0.886  13.085  0.25 15.76 ? 88  ARG B CB  1 
ATOM   714  C CB  B ARG A 1 82  ? -1.991  -0.832  13.066  0.25 11.52 ? 88  ARG B CB  1 
ATOM   715  C CG  A ARG A 1 82  ? -3.067  -1.316  13.281  0.25 17.31 ? 88  ARG B CG  1 
ATOM   716  C CG  B ARG A 1 82  ? -2.102  -0.249  14.465  0.25 11.18 ? 88  ARG B CG  1 
ATOM   717  C CD  A ARG A 1 82  ? -3.215  -2.287  14.425  0.25 18.99 ? 88  ARG B CD  1 
ATOM   718  C CD  B ARG A 1 82  ? -2.418  -1.278  15.521  0.25 10.81 ? 88  ARG B CD  1 
ATOM   719  N NE  A ARG A 1 82  ? -4.557  -2.848  14.434  0.25 18.61 ? 88  ARG B NE  1 
ATOM   720  N NE  B ARG A 1 82  ? -3.613  -2.016  15.191  0.25 10.87 ? 88  ARG B NE  1 
ATOM   721  C CZ  A ARG A 1 82  ? -4.818  -4.107  14.728  0.25 18.97 ? 88  ARG B CZ  1 
ATOM   722  C CZ  B ARG A 1 82  ? -3.681  -3.343  15.041  0.25 10.64 ? 88  ARG B CZ  1 
ATOM   723  N NH1 A ARG A 1 82  ? -3.822  -4.931  15.000  0.25 18.68 ? 88  ARG B NH1 1 
ATOM   724  N NH1 B ARG A 1 82  ? -2.629  -4.099  15.243  0.25 12.07 ? 88  ARG B NH1 1 
ATOM   725  N NH2 A ARG A 1 82  ? -6.066  -4.536  14.746  0.25 20.30 ? 88  ARG B NH2 1 
ATOM   726  N NH2 B ARG A 1 82  ? -4.819  -3.899  14.671  0.25 10.64 ? 88  ARG B NH2 1 
ATOM   727  N N   . ASP A 1 83  ? 0.108   1.825   12.785  1.00 13.49 ? 89  ASP B N   1 
ATOM   728  C CA  . ASP A 1 83  ? 1.484   2.361   12.973  1.00 15.25 ? 89  ASP B CA  1 
ATOM   729  C C   . ASP A 1 83  ? 2.347   1.310   13.674  1.00 16.59 ? 89  ASP B C   1 
ATOM   730  O O   . ASP A 1 83  ? 3.591   1.342   13.485  1.00 20.14 ? 89  ASP B O   1 
ATOM   731  C CB  . ASP A 1 83  ? 1.399   3.666   13.749  1.00 17.15 ? 89  ASP B CB  1 
ATOM   732  C CG  . ASP A 1 83  ? 0.844   3.603   15.149  1.00 19.65 ? 89  ASP B CG  1 
ATOM   733  O OD1 . ASP A 1 83  ? 0.269   2.575   15.558  1.00 21.85 ? 89  ASP B OD1 1 
ATOM   734  O OD2 . ASP A 1 83  ? 0.958   4.681   15.818  1.00 23.23 ? 89  ASP B OD2 1 
ATOM   735  N N   . SER A 1 84  ? 1.792   0.410   14.487  1.00 14.30 ? 90  SER B N   1 
ATOM   736  C CA  . SER A 1 84  ? 2.580   -0.530  15.311  1.00 16.67 ? 90  SER B CA  1 
ATOM   737  C C   . SER A 1 84  ? 2.758   -1.917  14.667  1.00 14.81 ? 90  SER B C   1 
ATOM   738  O O   . SER A 1 84  ? 3.104   -2.855  15.391  1.00 16.54 ? 90  SER B O   1 
ATOM   739  C CB  . SER A 1 84  ? 1.948   -0.641  16.677  1.00 18.13 ? 90  SER B CB  1 
ATOM   740  O OG  . SER A 1 84  ? 0.619   -1.061  16.586  1.00 19.24 ? 90  SER B OG  1 
ATOM   741  N N   . VAL A 1 85  ? 2.498   -2.087  13.359  1.00 14.07 ? 91  VAL B N   1 
ATOM   742  C CA  . VAL A 1 85  ? 2.739   -3.406  12.722  1.00 14.95 ? 91  VAL B CA  1 
ATOM   743  C C   . VAL A 1 85  ? 4.192   -3.837  12.939  1.00 15.30 ? 91  VAL B C   1 
ATOM   744  O O   . VAL A 1 85  ? 5.130   -2.987  12.938  1.00 15.73 ? 91  VAL B O   1 
ATOM   745  C CB  . VAL A 1 85  ? 2.348   -3.447  11.232  1.00 13.73 ? 91  VAL B CB  1 
ATOM   746  C CG1 . VAL A 1 85  ? 0.846   -3.294  11.075  1.00 14.07 ? 91  VAL B CG1 1 
ATOM   747  C CG2 . VAL A 1 85  ? 3.112   -2.484  10.359  1.00 13.55 ? 91  VAL B CG2 1 
ATOM   748  N N   . GLN A 1 86  ? 4.353   -5.145  13.001  1.00 16.38 ? 92  GLN B N   1 
ATOM   749  C CA  . GLN A 1 86  ? 5.686   -5.821  13.000  1.00 18.18 ? 92  GLN B CA  1 
ATOM   750  C C   . GLN A 1 86  ? 6.494   -5.376  11.769  1.00 15.93 ? 92  GLN B C   1 
ATOM   751  O O   . GLN A 1 86  ? 5.953   -5.325  10.668  1.00 16.89 ? 92  GLN B O   1 
ATOM   752  C CB  . GLN A 1 86  ? 5.430   -7.331  13.059  1.00 19.89 ? 92  GLN B CB  1 
ATOM   753  C CG  . GLN A 1 86  ? 6.630   -8.257  12.870  1.00 23.02 ? 92  GLN B CG  1 
ATOM   754  C CD  . GLN A 1 86  ? 6.208   -9.710  12.718  1.00 25.71 ? 92  GLN B CD  1 
ATOM   755  O OE1 . GLN A 1 86  ? 5.043   -10.087 12.925  1.00 29.28 ? 92  GLN B OE1 1 
ATOM   756  N NE2 . GLN A 1 86  ? 7.146   -10.586 12.349  1.00 27.04 ? 92  GLN B NE2 1 
ATOM   757  N N   . ARG A 1 87  ? 7.782   -5.126  11.963  1.00 14.64 ? 93  ARG B N   1 
ATOM   758  C CA  . ARG A 1 87  ? 8.711   -4.682  10.887  1.00 14.35 ? 93  ARG B CA  1 
ATOM   759  C C   . ARG A 1 87  ? 9.704   -5.805  10.541  1.00 15.61 ? 93  ARG B C   1 
ATOM   760  O O   . ARG A 1 87  ? 10.125  -5.833  9.379   1.00 16.40 ? 93  ARG B O   1 
ATOM   761  C CB  . ARG A 1 87  ? 9.493   -3.428  11.268  1.00 15.19 ? 93  ARG B CB  1 
ATOM   762  C CG  . ARG A 1 87  ? 8.649   -2.249  11.738  1.00 15.06 ? 93  ARG B CG  1 
ATOM   763  C CD  . ARG A 1 87  ? 7.541   -1.867  10.753  1.00 15.73 ? 93  ARG B CD  1 
ATOM   764  N NE  . ARG A 1 87  ? 6.653   -0.856  11.380  1.00 17.14 ? 93  ARG B NE  1 
ATOM   765  C CZ  . ARG A 1 87  ? 6.849   0.452   11.437  1.00 17.10 ? 93  ARG B CZ  1 
ATOM   766  N NH1 . ARG A 1 87  ? 7.893   1.008   10.860  1.00 18.29 ? 93  ARG B NH1 1 
ATOM   767  N NH2 . ARG A 1 87  ? 5.999   1.207   12.103  1.00 18.87 ? 93  ARG B NH2 1 
ATOM   768  N N   . LYS A 1 88  ? 10.052  -6.669  11.492  1.00 16.20 ? 94  LYS B N   1 
ATOM   769  C CA  . LYS A 1 88  ? 11.166  -7.632  11.305  1.00 16.42 ? 94  LYS B CA  1 
ATOM   770  C C   . LYS A 1 88  ? 10.630  -9.037  11.136  1.00 18.51 ? 94  LYS B C   1 
ATOM   771  O O   . LYS A 1 88  ? 9.648   -9.396  11.844  1.00 19.61 ? 94  LYS B O   1 
ATOM   772  C CB  . LYS A 1 88  ? 12.135  -7.547  12.491  1.00 17.32 ? 94  LYS B CB  1 
ATOM   773  C CG  . LYS A 1 88  ? 12.647  -6.168  12.828  1.00 19.28 ? 94  LYS B CG  1 
ATOM   774  C CD  . LYS A 1 88  ? 13.306  -5.425  11.671  1.00 19.12 ? 94  LYS B CD  1 
ATOM   775  C CE  . LYS A 1 88  ? 13.818  -4.085  12.122  1.00 19.34 ? 94  LYS B CE  1 
ATOM   776  N NZ  . LYS A 1 88  ? 14.483  -3.348  11.022  1.00 21.03 ? 94  LYS B NZ  1 
ATOM   777  N N   . GLY A 1 89  ? 11.260  -9.831  10.286  1.00 18.92 ? 95  GLY B N   1 
ATOM   778  C CA  . GLY A 1 89  ? 10.899  -11.241 10.129  1.00 19.37 ? 95  GLY B CA  1 
ATOM   779  C C   . GLY A 1 89  ? 9.716   -11.467 9.217   1.00 20.62 ? 95  GLY B C   1 
ATOM   780  O O   . GLY A 1 89  ? 9.299   -10.484 8.497   1.00 19.95 ? 95  GLY B O   1 
ATOM   781  N N   . GLN A 1 90  ? 9.201   -12.695 9.217   1.00 20.21 ? 96  GLN B N   1 
ATOM   782  C CA  . GLN A 1 90  ? 8.121   -13.116 8.311   1.00 22.32 ? 96  GLN B CA  1 
ATOM   783  C C   . GLN A 1 90  ? 6.774   -12.856 8.968   1.00 20.50 ? 96  GLN B C   1 
ATOM   784  O O   . GLN A 1 90  ? 6.674   -12.958 10.210  1.00 21.33 ? 96  GLN B O   1 
ATOM   785  C CB  . GLN A 1 90  ? 8.294   -14.594 7.953   1.00 27.11 ? 96  GLN B CB  1 
ATOM   786  C CG  . GLN A 1 90  ? 9.489   -14.826 7.058   1.00 34.52 ? 96  GLN B CG  1 
ATOM   787  C CD  . GLN A 1 90  ? 9.906   -16.267 7.111   1.00 45.46 ? 96  GLN B CD  1 
ATOM   788  O OE1 . GLN A 1 90  ? 9.405   -17.086 6.340   1.00 55.47 ? 96  GLN B OE1 1 
ATOM   789  N NE2 . GLN A 1 90  ? 10.788  -16.579 8.055   1.00 47.55 ? 96  GLN B NE2 1 
ATOM   790  N N   . PHE A 1 91  ? 5.791   -12.433 8.160   1.00 18.43 ? 97  PHE B N   1 
ATOM   791  C CA  . PHE A 1 91  ? 4.399   -12.193 8.608   1.00 17.76 ? 97  PHE B CA  1 
ATOM   792  C C   . PHE A 1 91  ? 3.480   -12.176 7.385   1.00 17.25 ? 97  PHE B C   1 
ATOM   793  O O   . PHE A 1 91  ? 3.917   -11.930 6.248   1.00 19.07 ? 97  PHE B O   1 
ATOM   794  C CB  . PHE A 1 91  ? 4.268   -10.883 9.389   1.00 16.82 ? 97  PHE B CB  1 
ATOM   795  C CG  . PHE A 1 91  ? 4.750   -9.670  8.645   1.00 17.37 ? 97  PHE B CG  1 
ATOM   796  C CD1 . PHE A 1 91  ? 3.888   -8.996  7.795   1.00 18.53 ? 97  PHE B CD1 1 
ATOM   797  C CD2 . PHE A 1 91  ? 6.007   -9.144  8.865   1.00 18.35 ? 97  PHE B CD2 1 
ATOM   798  C CE1 . PHE A 1 91  ? 4.307   -7.865  7.129   1.00 16.74 ? 97  PHE B CE1 1 
ATOM   799  C CE2 . PHE A 1 91  ? 6.422   -8.003  8.203   1.00 17.86 ? 97  PHE B CE2 1 
ATOM   800  C CZ  . PHE A 1 91  ? 5.557   -7.355  7.358   1.00 17.52 ? 97  PHE B CZ  1 
ATOM   801  N N   A SER A 1 92  ? 2.199   -12.464 7.603   0.25 18.15 ? 98  SER B N   1 
ATOM   802  N N   B SER A 1 92  ? 2.199   -12.446 7.636   0.25 17.20 ? 98  SER B N   1 
ATOM   803  C CA  A SER A 1 92  ? 1.152   -12.382 6.557   0.25 18.39 ? 98  SER B CA  1 
ATOM   804  C CA  B SER A 1 92  ? 1.105   -12.398 6.639   0.25 16.85 ? 98  SER B CA  1 
ATOM   805  C C   A SER A 1 92  ? 0.440   -11.036 6.664   0.25 16.82 ? 98  SER B C   1 
ATOM   806  C C   B SER A 1 92  ? 0.454   -11.014 6.676   0.25 15.96 ? 98  SER B C   1 
ATOM   807  O O   A SER A 1 92  ? 0.309   -10.499 7.786   0.25 17.14 ? 98  SER B O   1 
ATOM   808  O O   B SER A 1 92  ? 0.409   -10.400 7.771   0.25 16.29 ? 98  SER B O   1 
ATOM   809  C CB  A SER A 1 92  ? 0.164   -13.497 6.661   0.25 21.20 ? 98  SER B CB  1 
ATOM   810  C CB  B SER A 1 92  ? 0.085   -13.479 6.896   0.25 18.12 ? 98  SER B CB  1 
ATOM   811  O OG  A SER A 1 92  ? -0.118  -13.760 8.021   0.25 24.32 ? 98  SER B OG  1 
ATOM   812  O OG  B SER A 1 92  ? 0.648   -14.764 6.636   0.25 18.83 ? 98  SER B OG  1 
ATOM   813  N N   . LEU A 1 93  ? -0.014  -10.537 5.523   1.00 15.81 ? 99  LEU B N   1 
ATOM   814  C CA  . LEU A 1 93  ? -0.824  -9.315  5.466   1.00 15.50 ? 99  LEU B CA  1 
ATOM   815  C C   . LEU A 1 93  ? -2.257  -9.702  5.784   1.00 15.88 ? 99  LEU B C   1 
ATOM   816  O O   . LEU A 1 93  ? -2.951  -10.265 4.952   1.00 16.94 ? 99  LEU B O   1 
ATOM   817  C CB  . LEU A 1 93  ? -0.709  -8.652  4.094   1.00 16.87 ? 99  LEU B CB  1 
ATOM   818  C CG  . LEU A 1 93  ? 0.662   -8.145  3.686   1.00 18.20 ? 99  LEU B CG  1 
ATOM   819  C CD1 . LEU A 1 93  ? 0.630   -7.564  2.276   1.00 18.63 ? 99  LEU B CD1 1 
ATOM   820  C CD2 . LEU A 1 93  ? 1.232   -7.121  4.654   1.00 18.32 ? 99  LEU B CD2 1 
ATOM   821  N N   . SER A 1 94  ? -2.778  -9.344  6.962   1.00 15.51 ? 100 SER B N   1 
ATOM   822  C CA  . SER A 1 94  ? -4.129  -9.708  7.413   1.00 15.50 ? 100 SER B CA  1 
ATOM   823  C C   . SER A 1 94  ? -4.591  -8.631  8.376   1.00 13.33 ? 100 SER B C   1 
ATOM   824  O O   . SER A 1 94  ? -3.761  -8.019  9.046   1.00 13.05 ? 100 SER B O   1 
ATOM   825  C CB  . SER A 1 94  ? -4.202  -11.047 8.099   1.00 17.15 ? 100 SER B CB  1 
ATOM   826  O OG  . SER A 1 94  ? -3.474  -11.004 9.320   1.00 20.28 ? 100 SER B OG  1 
ATOM   827  N N   . PRO A 1 95  ? -5.888  -8.447  8.551   1.00 13.31 ? 101 PRO B N   1 
ATOM   828  C CA  . PRO A 1 95  ? -6.386  -7.525  9.571   1.00 14.54 ? 101 PRO B CA  1 
ATOM   829  C C   . PRO A 1 95  ? -5.969  -7.925  10.986  1.00 13.80 ? 101 PRO B C   1 
ATOM   830  O O   . PRO A 1 95  ? -5.642  -7.019  11.811  1.00 14.65 ? 101 PRO B O   1 
ATOM   831  C CB  . PRO A 1 95  ? -7.903  -7.552  9.389   1.00 15.27 ? 101 PRO B CB  1 
ATOM   832  C CG  . PRO A 1 95  ? -8.068  -7.895  7.901   1.00 15.28 ? 101 PRO B CG  1 
ATOM   833  C CD  . PRO A 1 95  ? -6.950  -8.880  7.629   1.00 14.75 ? 101 PRO B CD  1 
ATOM   834  N N   . GLU A 1 96  ? -5.832  -9.227  11.230  1.00 15.14 ? 102 GLU B N   1 
ATOM   835  C CA  . GLU A 1 96  ? -5.358  -9.715  12.565  1.00 18.92 ? 102 GLU B CA  1 
ATOM   836  C C   . GLU A 1 96  ? -3.955  -9.177  12.850  1.00 17.74 ? 102 GLU B C   1 
ATOM   837  O O   . GLU A 1 96  ? -3.619  -8.870  14.021  1.00 19.17 ? 102 GLU B O   1 
ATOM   838  C CB  . GLU A 1 96  ? -5.416  -11.239 12.630  1.00 24.27 ? 102 GLU B CB  1 
ATOM   839  C CG  . GLU A 1 96  ? -6.796  -11.771 12.321  1.00 33.44 ? 102 GLU B CG  1 
ATOM   840  C CD  . GLU A 1 96  ? -7.021  -12.299 10.906  1.00 40.12 ? 102 GLU B CD  1 
ATOM   841  O OE1 . GLU A 1 96  ? -7.339  -11.476 9.967   1.00 27.66 ? 102 GLU B OE1 1 
ATOM   842  O OE2 . GLU A 1 96  ? -6.916  -13.565 10.748  1.00 45.18 ? 102 GLU B OE2 1 
ATOM   843  N N   . ASN A 1 97  ? -3.118  -8.994  11.825  1.00 16.16 ? 103 ASN B N   1 
ATOM   844  C CA  . ASN A 1 97  ? -1.745  -8.456  11.998  1.00 15.41 ? 103 ASN B CA  1 
ATOM   845  C C   . ASN A 1 97  ? -1.688  -6.948  11.774  1.00 14.86 ? 103 ASN B C   1 
ATOM   846  O O   . ASN A 1 97  ? -0.592  -6.380  11.845  1.00 16.44 ? 103 ASN B O   1 
ATOM   847  C CB  . ASN A 1 97  ? -0.762  -9.146  11.038  1.00 17.01 ? 103 ASN B CB  1 
ATOM   848  C CG  . ASN A 1 97  ? -0.426  -10.558 11.441  1.00 19.93 ? 103 ASN B CG  1 
ATOM   849  O OD1 . ASN A 1 97  ? -0.621  -10.927 12.615  1.00 21.28 ? 103 ASN B OD1 1 
ATOM   850  N ND2 . ASN A 1 97  ? -0.031  -11.377 10.475  1.00 20.81 ? 103 ASN B ND2 1 
ATOM   851  N N   . GLY A 1 98  ? -2.831  -6.270  11.587  1.00 13.31 ? 104 GLY B N   1 
ATOM   852  C CA  . GLY A 1 98  ? -2.872  -4.813  11.437  1.00 12.51 ? 104 GLY B CA  1 
ATOM   853  C C   . GLY A 1 98  ? -2.738  -4.271  10.027  1.00 12.19 ? 104 GLY B C   1 
ATOM   854  O O   . GLY A 1 98  ? -2.367  -3.108  9.888   1.00 12.45 ? 104 GLY B O   1 
ATOM   855  N N   . PHE A 1 99  ? -3.133  -5.053  9.004   1.00 13.13 ? 105 PHE B N   1 
ATOM   856  C CA  . PHE A 1 99  ? -3.037  -4.618  7.580   1.00 12.53 ? 105 PHE B CA  1 
ATOM   857  C C   . PHE A 1 99  ? -4.385  -4.746  6.870   1.00 11.62 ? 105 PHE B C   1 
ATOM   858  O O   . PHE A 1 99  ? -5.036  -5.810  7.043   1.00 13.15 ? 105 PHE B O   1 
ATOM   859  C CB  . PHE A 1 99  ? -2.044  -5.495  6.809   1.00 12.63 ? 105 PHE B CB  1 
ATOM   860  C CG  . PHE A 1 99  ? -0.626  -5.416  7.334   1.00 12.01 ? 105 PHE B CG  1 
ATOM   861  C CD1 . PHE A 1 99  ? -0.193  -6.316  8.286   1.00 12.69 ? 105 PHE B CD1 1 
ATOM   862  C CD2 . PHE A 1 99  ? 0.288   -4.522  6.792   1.00 11.77 ? 105 PHE B CD2 1 
ATOM   863  C CE1 . PHE A 1 99  ? 1.101   -6.264  8.769   1.00 13.94 ? 105 PHE B CE1 1 
ATOM   864  C CE2 . PHE A 1 99  ? 1.590   -4.480  7.262   1.00 13.18 ? 105 PHE B CE2 1 
ATOM   865  C CZ  . PHE A 1 99  ? 1.995   -5.393  8.206   1.00 12.01 ? 105 PHE B CZ  1 
ATOM   866  N N   . TRP A 1 100 ? -4.746  -3.720  6.097   1.00 10.96 ? 106 TRP B N   1 
ATOM   867  C CA  . TRP A 1 100 ? -5.956  -3.692  5.227   1.00 10.19 ? 106 TRP B CA  1 
ATOM   868  C C   . TRP A 1 100 ? -5.476  -3.398  3.805   1.00 9.70  ? 106 TRP B C   1 
ATOM   869  O O   . TRP A 1 100 ? -5.187  -2.228  3.481   1.00 11.03 ? 106 TRP B O   1 
ATOM   870  C CB  . TRP A 1 100 ? -7.005  -2.700  5.757   1.00 10.56 ? 106 TRP B CB  1 
ATOM   871  C CG  . TRP A 1 100 ? -7.505  -3.124  7.115   1.00 10.87 ? 106 TRP B CG  1 
ATOM   872  C CD1 . TRP A 1 100 ? -8.598  -3.879  7.418   1.00 12.22 ? 106 TRP B CD1 1 
ATOM   873  C CD2 . TRP A 1 100 ? -6.891  -2.782  8.383   1.00 10.85 ? 106 TRP B CD2 1 
ATOM   874  N NE1 . TRP A 1 100 ? -8.661  -4.094  8.784   1.00 12.51 ? 106 TRP B NE1 1 
ATOM   875  C CE2 . TRP A 1 100 ? -7.645  -3.412  9.391   1.00 12.00 ? 106 TRP B CE2 1 
ATOM   876  C CE3 . TRP A 1 100 ? -5.752  -2.045  8.728   1.00 12.01 ? 106 TRP B CE3 1 
ATOM   877  C CZ2 . TRP A 1 100 ? -7.268  -3.320  10.749  1.00 13.07 ? 106 TRP B CZ2 1 
ATOM   878  C CZ3 . TRP A 1 100 ? -5.431  -1.909  10.064  1.00 13.01 ? 106 TRP B CZ3 1 
ATOM   879  C CH2 . TRP A 1 100 ? -6.151  -2.573  11.039  1.00 12.72 ? 106 TRP B CH2 1 
ATOM   880  N N   . THR A 1 101 ? -5.285  -4.484  3.032   1.00 10.72 ? 107 THR B N   1 
ATOM   881  C CA  . THR A 1 101 ? -4.488  -4.409  1.778   1.00 10.21 ? 107 THR B CA  1 
ATOM   882  C C   . THR A 1 101 ? -5.139  -5.259  0.668   1.00 10.46 ? 107 THR B C   1 
ATOM   883  O O   . THR A 1 101 ? -5.875  -6.186  0.959   1.00 11.04 ? 107 THR B O   1 
ATOM   884  C CB  . THR A 1 101 ? -3.060  -4.904  1.967   1.00 11.14 ? 107 THR B CB  1 
ATOM   885  O OG1 . THR A 1 101 ? -3.054  -6.277  2.328   1.00 12.17 ? 107 THR B OG1 1 
ATOM   886  C CG2 . THR A 1 101 ? -2.336  -4.040  2.977   1.00 11.10 ? 107 THR B CG2 1 
ATOM   887  N N   . ILE A 1 102 ? -4.772  -4.923  -0.560  1.00 10.52 ? 108 ILE B N   1 
ATOM   888  C CA  . ILE A 1 102 ? -4.994  -5.783  -1.760  1.00 11.67 ? 108 ILE B CA  1 
ATOM   889  C C   . ILE A 1 102 ? -3.634  -5.965  -2.428  1.00 10.93 ? 108 ILE B C   1 
ATOM   890  O O   . ILE A 1 102 ? -2.682  -5.191  -2.166  1.00 11.43 ? 108 ILE B O   1 
ATOM   891  C CB  . ILE A 1 102 ? -6.059  -5.230  -2.735  1.00 12.30 ? 108 ILE B CB  1 
ATOM   892  C CG1 . ILE A 1 102 ? -5.617  -3.953  -3.451  1.00 13.16 ? 108 ILE B CG1 1 
ATOM   893  C CG2 . ILE A 1 102 ? -7.370  -5.048  -2.004  1.00 13.24 ? 108 ILE B CG2 1 
ATOM   894  C CD1 . ILE A 1 102 ? -6.521  -3.512  -4.595  1.00 13.73 ? 108 ILE B CD1 1 
ATOM   895  N N   . TRP A 1 103 ? -3.575  -6.937  -3.319  1.00 11.52 ? 109 TRP B N   1 
ATOM   896  C CA  . TRP A 1 103 ? -2.321  -7.175  -4.047  1.00 12.12 ? 109 TRP B CA  1 
ATOM   897  C C   . TRP A 1 103 ? -2.555  -7.791  -5.396  1.00 12.08 ? 109 TRP B C   1 
ATOM   898  O O   . TRP A 1 103 ? -3.588  -8.342  -5.702  1.00 12.21 ? 109 TRP B O   1 
ATOM   899  C CB  . TRP A 1 103 ? -1.361  -8.003  -3.253  1.00 15.21 ? 109 TRP B CB  1 
ATOM   900  C CG  . TRP A 1 103 ? -1.803  -9.373  -2.914  1.00 17.34 ? 109 TRP B CG  1 
ATOM   901  C CD1 . TRP A 1 103 ? -1.813  -10.444 -3.760  1.00 18.02 ? 109 TRP B CD1 1 
ATOM   902  C CD2 . TRP A 1 103 ? -2.138  -9.854  -1.611  1.00 18.95 ? 109 TRP B CD2 1 
ATOM   903  N NE1 . TRP A 1 103 ? -2.151  -11.569 -3.072  1.00 21.22 ? 109 TRP B NE1 1 
ATOM   904  C CE2 . TRP A 1 103 ? -2.298  -11.257 -1.752  1.00 19.77 ? 109 TRP B CE2 1 
ATOM   905  C CE3 . TRP A 1 103 ? -2.196  -9.262  -0.341  1.00 19.99 ? 109 TRP B CE3 1 
ATOM   906  C CZ2 . TRP A 1 103 ? -2.639  -12.072 -0.681  1.00 21.72 ? 109 TRP B CZ2 1 
ATOM   907  C CZ3 . TRP A 1 103 ? -2.510  -10.079 0.716   1.00 21.44 ? 109 TRP B CZ3 1 
ATOM   908  C CH2 . TRP A 1 103 ? -2.709  -11.451 0.546   1.00 19.78 ? 109 TRP B CH2 1 
ATOM   909  N N   . LEU A 1 104 ? -1.474  -7.669  -6.201  1.00 12.63 ? 110 LEU B N   1 
ATOM   910  C CA  . LEU A 1 104 ? -1.329  -8.410  -7.458  1.00 12.30 ? 110 LEU B CA  1 
ATOM   911  C C   . LEU A 1 104 ? -0.195  -9.404  -7.278  1.00 11.69 ? 110 LEU B C   1 
ATOM   912  O O   . LEU A 1 104 ? 0.859   -9.025  -6.788  1.00 12.20 ? 110 LEU B O   1 
ATOM   913  C CB  . LEU A 1 104 ? -0.975  -7.465  -8.584  1.00 12.57 ? 110 LEU B CB  1 
ATOM   914  C CG  . LEU A 1 104 ? -0.595  -8.101  -9.927  1.00 12.52 ? 110 LEU B CG  1 
ATOM   915  C CD1 . LEU A 1 104 ? -1.716  -8.916  -10.526 1.00 13.56 ? 110 LEU B CD1 1 
ATOM   916  C CD2 . LEU A 1 104 ? -0.103  -7.053  -10.903 1.00 13.75 ? 110 LEU B CD2 1 
ATOM   917  N N   . TRP A 1 105 ? -0.398  -10.638 -7.734  1.00 13.42 ? 111 TRP B N   1 
ATOM   918  C CA  . TRP A 1 105 ? 0.614   -11.696 -7.637  1.00 14.83 ? 111 TRP B CA  1 
ATOM   919  C C   . TRP A 1 105 ? 0.285   -12.759 -8.666  1.00 15.69 ? 111 TRP B C   1 
ATOM   920  O O   . TRP A 1 105 ? -0.851  -13.263 -8.660  1.00 15.82 ? 111 TRP B O   1 
ATOM   921  C CB  . TRP A 1 105 ? 0.606   -12.261 -6.223  1.00 18.46 ? 111 TRP B CB  1 
ATOM   922  C CG  . TRP A 1 105 ? 1.410   -13.481 -6.041  1.00 23.23 ? 111 TRP B CG  1 
ATOM   923  C CD1 . TRP A 1 105 ? 0.989   -14.777 -5.867  1.00 24.09 ? 111 TRP B CD1 1 
ATOM   924  C CD2 . TRP A 1 105 ? 2.820   -13.484 -6.045  1.00 23.81 ? 111 TRP B CD2 1 
ATOM   925  N NE1 . TRP A 1 105 ? 2.069   -15.578 -5.721  1.00 24.57 ? 111 TRP B NE1 1 
ATOM   926  C CE2 . TRP A 1 105 ? 3.206   -14.824 -5.838  1.00 22.24 ? 111 TRP B CE2 1 
ATOM   927  C CE3 . TRP A 1 105 ? 3.778   -12.490 -6.181  1.00 23.08 ? 111 TRP B CE3 1 
ATOM   928  C CZ2 . TRP A 1 105 ? 4.531   -15.201 -5.748  1.00 28.75 ? 111 TRP B CZ2 1 
ATOM   929  C CZ3 . TRP A 1 105 ? 5.092   -12.871 -6.149  1.00 29.41 ? 111 TRP B CZ3 1 
ATOM   930  C CH2 . TRP A 1 105 ? 5.462   -14.202 -5.943  1.00 30.15 ? 111 TRP B CH2 1 
ATOM   931  N N   . GLN A 1 106 ? 1.247   -13.067 -9.552  1.00 15.12 ? 112 GLN B N   1 
ATOM   932  C CA  . GLN A 1 106 ? 1.038   -14.169 -10.531 1.00 15.96 ? 112 GLN B CA  1 
ATOM   933  C C   . GLN A 1 106 ? -0.273  -14.014 -11.271 1.00 16.73 ? 112 GLN B C   1 
ATOM   934  O O   . GLN A 1 106 ? -1.046  -15.051 -11.440 1.00 17.89 ? 112 GLN B O   1 
ATOM   935  C CB  . GLN A 1 106 ? 1.222   -15.510 -9.814  1.00 17.45 ? 112 GLN B CB  1 
ATOM   936  C CG  . GLN A 1 106 ? 2.631   -15.691 -9.271  1.00 18.49 ? 112 GLN B CG  1 
ATOM   937  C CD  . GLN A 1 106 ? 2.964   -17.075 -8.776  1.00 21.03 ? 112 GLN B CD  1 
ATOM   938  O OE1 . GLN A 1 106 ? 4.146   -17.403 -8.563  1.00 23.33 ? 112 GLN B OE1 1 
ATOM   939  N NE2 . GLN A 1 106 ? 1.949   -17.912 -8.651  1.00 18.33 ? 112 GLN B NE2 1 
ATOM   940  N N   . ASP A 1 107 ? -0.500  -12.834 -11.836 1.00 17.15 ? 113 ASP B N   1 
ATOM   941  C CA  . ASP A 1 107 ? -1.619  -12.585 -12.755 1.00 21.67 ? 113 ASP B CA  1 
ATOM   942  C C   . ASP A 1 107 ? -2.986  -12.699 -12.060 1.00 22.08 ? 113 ASP B C   1 
ATOM   943  O O   . ASP A 1 107 ? -3.988  -12.789 -12.781 1.00 29.80 ? 113 ASP B O   1 
ATOM   944  C CB  . ASP A 1 107 ? -1.528  -13.638 -13.859 1.00 25.06 ? 113 ASP B CB  1 
ATOM   945  C CG  . ASP A 1 107 ? -2.190  -13.266 -15.145 1.00 33.93 ? 113 ASP B CG  1 
ATOM   946  O OD1 . ASP A 1 107 ? -2.214  -12.053 -15.478 1.00 36.71 ? 113 ASP B OD1 1 
ATOM   947  O OD2 . ASP A 1 107 ? -2.642  -14.223 -15.831 1.00 44.40 ? 113 ASP B OD2 1 
ATOM   948  N N   . SER A 1 108 ? -3.052  -12.681 -10.735 1.00 18.16 ? 114 SER B N   1 
ATOM   949  C CA  . SER A 1 108 ? -4.358  -12.628 -10.019 1.00 19.63 ? 114 SER B CA  1 
ATOM   950  C C   . SER A 1 108 ? -4.320  -11.526 -8.956  1.00 16.60 ? 114 SER B C   1 
ATOM   951  O O   . SER A 1 108 ? -3.237  -11.233 -8.345  1.00 14.91 ? 114 SER B O   1 
ATOM   952  C CB  . SER A 1 108 ? -4.744  -14.000 -9.533  1.00 24.04 ? 114 SER B CB  1 
ATOM   953  O OG  . SER A 1 108 ? -4.084  -14.357 -8.349  1.00 33.65 ? 114 SER B OG  1 
ATOM   954  N N   . TYR A 1 109 ? -5.460  -10.904 -8.739  1.00 14.80 ? 115 TYR B N   1 
ATOM   955  C CA  . TYR A 1 109 ? -5.643  -9.857  -7.689  1.00 13.13 ? 115 TYR B CA  1 
ATOM   956  C C   . TYR A 1 109 ? -6.377  -10.491 -6.513  1.00 12.34 ? 115 TYR B C   1 
ATOM   957  O O   . TYR A 1 109 ? -7.336  -11.246 -6.706  1.00 13.78 ? 115 TYR B O   1 
ATOM   958  C CB  . TYR A 1 109 ? -6.406  -8.686  -8.267  1.00 12.43 ? 115 TYR B CB  1 
ATOM   959  C CG  . TYR A 1 109 ? -5.700  -7.982  -9.415  1.00 13.45 ? 115 TYR B CG  1 
ATOM   960  C CD1 . TYR A 1 109 ? -5.933  -8.351  -10.727 1.00 14.23 ? 115 TYR B CD1 1 
ATOM   961  C CD2 . TYR A 1 109 ? -4.890  -6.882  -9.199  1.00 13.17 ? 115 TYR B CD2 1 
ATOM   962  C CE1 . TYR A 1 109 ? -5.334  -7.697  -11.794 1.00 15.56 ? 115 TYR B CE1 1 
ATOM   963  C CE2 . TYR A 1 109 ? -4.255  -6.233  -10.254 1.00 13.43 ? 115 TYR B CE2 1 
ATOM   964  C CZ  . TYR A 1 109 ? -4.510  -6.628  -11.557 1.00 14.76 ? 115 TYR B CZ  1 
ATOM   965  O OH  . TYR A 1 109 ? -3.874  -6.073  -12.648 1.00 15.56 ? 115 TYR B OH  1 
ATOM   966  N N   A GLU A 1 110 ? -5.933  -10.188 -5.293  0.25 13.23 ? 116 GLU B N   1 
ATOM   967  N N   B GLU A 1 110 ? -5.892  -10.222 -5.297  0.25 12.81 ? 116 GLU B N   1 
ATOM   968  C CA  A GLU A 1 110 ? -6.528  -10.761 -4.056  0.25 13.82 ? 116 GLU B CA  1 
ATOM   969  C CA  B GLU A 1 110 ? -6.450  -10.763 -4.027  0.25 13.11 ? 116 GLU B CA  1 
ATOM   970  C C   A GLU A 1 110 ? -6.548  -9.723  -2.931  0.25 12.85 ? 116 GLU B C   1 
ATOM   971  C C   B GLU A 1 110 ? -6.626  -9.620  -3.014  0.25 12.30 ? 116 GLU B C   1 
ATOM   972  O O   A GLU A 1 110 ? -5.600  -8.946  -2.806  0.25 13.03 ? 116 GLU B O   1 
ATOM   973  O O   B GLU A 1 110 ? -5.905  -8.611  -3.093  0.25 11.94 ? 116 GLU B O   1 
ATOM   974  C CB  A GLU A 1 110 ? -5.757  -11.997 -3.603  0.25 15.47 ? 116 GLU B CB  1 
ATOM   975  C CB  B GLU A 1 110 ? -5.544  -11.847 -3.437  0.25 14.16 ? 116 GLU B CB  1 
ATOM   976  C CG  A GLU A 1 110 ? -5.777  -13.111 -4.641  0.25 17.37 ? 116 GLU B CG  1 
ATOM   977  C CG  B GLU A 1 110 ? -5.308  -13.042 -4.358  0.25 15.90 ? 116 GLU B CG  1 
ATOM   978  C CD  A GLU A 1 110 ? -4.973  -14.327 -4.239  0.25 20.02 ? 116 GLU B CD  1 
ATOM   979  C CD  B GLU A 1 110 ? -6.426  -14.075 -4.369  0.25 17.02 ? 116 GLU B CD  1 
ATOM   980  O OE1 A GLU A 1 110 ? -3.920  -14.148 -3.598  0.25 22.81 ? 116 GLU B OE1 1 
ATOM   981  O OE1 B GLU A 1 110 ? -7.108  -14.234 -3.348  0.25 20.57 ? 116 GLU B OE1 1 
ATOM   982  O OE2 A GLU A 1 110 ? -5.416  -15.454 -4.548  0.25 20.32 ? 116 GLU B OE2 1 
ATOM   983  O OE2 B GLU A 1 110 ? -6.584  -14.744 -5.396  0.25 21.99 ? 116 GLU B OE2 1 
ATOM   984  N N   . ALA A 1 111 ? -7.601  -9.763  -2.111  1.00 12.50 ? 117 ALA B N   1 
ATOM   985  C CA  . ALA A 1 111 ? -7.673  -8.951  -0.891  1.00 12.93 ? 117 ALA B CA  1 
ATOM   986  C C   . ALA A 1 111 ? -7.010  -9.716  0.240   1.00 13.14 ? 117 ALA B C   1 
ATOM   987  O O   . ALA A 1 111 ? -7.176  -10.957 0.406   1.00 13.20 ? 117 ALA B O   1 
ATOM   988  C CB  . ALA A 1 111 ? -9.105  -8.624  -0.508  1.00 13.54 ? 117 ALA B CB  1 
ATOM   989  N N   . GLY A 1 112 ? -6.243  -8.977  1.046   1.00 12.68 ? 118 GLY B N   1 
ATOM   990  C CA  . GLY A 1 112 ? -5.482  -9.480  2.208   1.00 13.95 ? 118 GLY B CA  1 
ATOM   991  C C   . GLY A 1 112 ? -6.344  -9.830  3.402   1.00 14.02 ? 118 GLY B C   1 
ATOM   992  O O   . GLY A 1 112 ? -6.064  -9.393  4.496   1.00 15.48 ? 118 GLY B O   1 
ATOM   993  N N   . THR A 1 113 ? -7.391  -10.602 3.218   1.00 15.36 ? 119 THR B N   1 
ATOM   994  C CA  . THR A 1 113 ? -8.110  -11.254 4.337   1.00 17.37 ? 119 THR B CA  1 
ATOM   995  C C   . THR A 1 113 ? -7.360  -12.527 4.730   1.00 16.34 ? 119 THR B C   1 
ATOM   996  O O   . THR A 1 113 ? -6.437  -12.928 4.038   1.00 19.24 ? 119 THR B O   1 
ATOM   997  C CB  . THR A 1 113 ? -9.527  -11.523 3.874   1.00 14.82 ? 119 THR B CB  1 
ATOM   998  O OG1 . THR A 1 113 ? -9.507  -12.264 2.645   1.00 15.30 ? 119 THR B OG1 1 
ATOM   999  C CG2 . THR A 1 113 ? -10.345 -10.293 3.652   1.00 16.33 ? 119 THR B CG2 1 
ATOM   1000 N N   . SER A 1 114 ? -7.793  -13.190 5.806   1.00 19.95 ? 120 SER B N   1 
ATOM   1001 C CA  . SER A 1 114 ? -7.198  -14.477 6.232   1.00 23.71 ? 120 SER B CA  1 
ATOM   1002 C C   . SER A 1 114 ? -8.286  -15.552 6.297   1.00 24.49 ? 120 SER B C   1 
ATOM   1003 O O   . SER A 1 114 ? -9.162  -15.506 7.161   1.00 26.86 ? 120 SER B O   1 
ATOM   1004 C CB  . SER A 1 114 ? -6.482  -14.352 7.560   1.00 28.36 ? 120 SER B CB  1 
ATOM   1005 O OG  . SER A 1 114 ? -5.748  -15.557 7.815   1.00 33.37 ? 120 SER B OG  1 
ATOM   1006 N N   . PRO A 1 115 ? -8.349  -16.483 5.332   1.00 23.03 ? 121 PRO B N   1 
ATOM   1007 C CA  . PRO A 1 115 ? -7.458  -16.534 4.180   1.00 23.50 ? 121 PRO B CA  1 
ATOM   1008 C C   . PRO A 1 115 ? -7.838  -15.505 3.105   1.00 17.99 ? 121 PRO B C   1 
ATOM   1009 O O   . PRO A 1 115 ? -8.886  -14.855 3.190   1.00 17.72 ? 121 PRO B O   1 
ATOM   1010 C CB  . PRO A 1 115 ? -7.678  -17.939 3.621   1.00 27.17 ? 121 PRO B CB  1 
ATOM   1011 C CG  . PRO A 1 115 ? -9.128  -18.214 3.942   1.00 26.59 ? 121 PRO B CG  1 
ATOM   1012 C CD  . PRO A 1 115 ? -9.391  -17.535 5.275   1.00 25.42 ? 121 PRO B CD  1 
ATOM   1013 N N   . GLN A 1 116 ? -6.956  -15.332 2.129   1.00 18.96 ? 122 GLN B N   1 
ATOM   1014 C CA  . GLN A 1 116 ? -7.102  -14.272 1.106   1.00 18.05 ? 122 GLN B CA  1 
ATOM   1015 C C   . GLN A 1 116 ? -8.357  -14.500 0.241   1.00 15.81 ? 122 GLN B C   1 
ATOM   1016 O O   . GLN A 1 116 ? -8.818  -15.642 0.103   1.00 17.02 ? 122 GLN B O   1 
ATOM   1017 C CB  . GLN A 1 116 ? -5.857  -14.123 0.240   1.00 23.73 ? 122 GLN B CB  1 
ATOM   1018 C CG  . GLN A 1 116 ? -5.667  -15.220 -0.777  1.00 30.77 ? 122 GLN B CG  1 
ATOM   1019 C CD  . GLN A 1 116 ? -4.453  -16.048 -0.460  1.00 41.17 ? 122 GLN B CD  1 
ATOM   1020 O OE1 . GLN A 1 116 ? -4.239  -16.476 0.677   1.00 49.29 ? 122 GLN B OE1 1 
ATOM   1021 N NE2 . GLN A 1 116 ? -3.670  -16.295 -1.492  1.00 48.70 ? 122 GLN B NE2 1 
ATOM   1022 N N   . THR A 1 117 ? -8.899  -13.397 -0.266  1.00 14.26 ? 123 THR B N   1 
ATOM   1023 C CA  . THR A 1 117 ? -10.131 -13.391 -1.074  1.00 13.25 ? 123 THR B CA  1 
ATOM   1024 C C   . THR A 1 117 ? -9.796  -13.047 -2.525  1.00 13.34 ? 123 THR B C   1 
ATOM   1025 O O   . THR A 1 117 ? -9.236  -11.967 -2.802  1.00 14.36 ? 123 THR B O   1 
ATOM   1026 C CB  . THR A 1 117 ? -11.129 -12.394 -0.469  1.00 13.42 ? 123 THR B CB  1 
ATOM   1027 O OG1 . THR A 1 117 ? -11.368 -12.795 0.886   1.00 14.96 ? 123 THR B OG1 1 
ATOM   1028 C CG2 . THR A 1 117 ? -12.400 -12.326 -1.267  1.00 14.55 ? 123 THR B CG2 1 
ATOM   1029 N N   . THR A 1 118 ? -10.263 -13.867 -3.475  1.00 13.59 ? 124 THR B N   1 
ATOM   1030 C CA  . THR A 1 118 ? -10.181 -13.575 -4.912  1.00 14.98 ? 124 THR B CA  1 
ATOM   1031 C C   . THR A 1 118 ? -10.941 -12.327 -5.324  1.00 13.85 ? 124 THR B C   1 
ATOM   1032 O O   . THR A 1 118 ? -12.113 -12.136 -4.895  1.00 16.77 ? 124 THR B O   1 
ATOM   1033 C CB  . THR A 1 118 ? -10.784 -14.768 -5.667  1.00 18.50 ? 124 THR B CB  1 
ATOM   1034 O OG1 . THR A 1 118 ? -9.982  -15.903 -5.358  1.00 20.36 ? 124 THR B OG1 1 
ATOM   1035 C CG2 . THR A 1 118 ? -10.914 -14.484 -7.140  1.00 21.49 ? 124 THR B CG2 1 
ATOM   1036 N N   . LEU A 1 119 ? -10.305 -11.446 -6.080  1.00 11.78 ? 125 LEU B N   1 
ATOM   1037 C CA  . LEU A 1 119 ? -10.920 -10.210 -6.611  1.00 12.37 ? 125 LEU B CA  1 
ATOM   1038 C C   . LEU A 1 119 ? -11.305 -10.486 -8.073  1.00 14.74 ? 125 LEU B C   1 
ATOM   1039 O O   . LEU A 1 119 ? -10.673 -11.379 -8.717  1.00 19.65 ? 125 LEU B O   1 
ATOM   1040 C CB  . LEU A 1 119 ? -9.977  -8.998  -6.512  1.00 13.07 ? 125 LEU B CB  1 
ATOM   1041 C CG  . LEU A 1 119 ? -9.556  -8.666  -5.075  1.00 13.28 ? 125 LEU B CG  1 
ATOM   1042 C CD1 . LEU A 1 119 ? -8.517  -7.560  -5.047  1.00 14.14 ? 125 LEU B CD1 1 
ATOM   1043 C CD2 . LEU A 1 119 ? -10.760 -8.282  -4.220  1.00 13.92 ? 125 LEU B CD2 1 
ATOM   1044 N N   . HIS A 1 120 ? -12.298 -9.773  -8.550  1.00 14.81 ? 126 HIS B N   1 
ATOM   1045 C CA  . HIS A 1 120 ? -12.869 -9.981  -9.905  1.00 14.37 ? 126 HIS B CA  1 
ATOM   1046 C C   . HIS A 1 120 ? -12.611 -8.688  -10.661 1.00 16.10 ? 126 HIS B C   1 
ATOM   1047 O O   . HIS A 1 120 ? -13.396 -7.712  -10.536 1.00 21.22 ? 126 HIS B O   1 
ATOM   1048 C CB  . HIS A 1 120 ? -14.364 -10.312 -9.782  1.00 16.20 ? 126 HIS B CB  1 
ATOM   1049 C CG  . HIS A 1 120 ? -14.664 -11.567 -9.026  1.00 17.37 ? 126 HIS B CG  1 
ATOM   1050 N ND1 . HIS A 1 120 ? -15.013 -11.564 -7.676  1.00 19.68 ? 126 HIS B ND1 1 
ATOM   1051 C CD2 . HIS A 1 120 ? -14.612 -12.865 -9.382  1.00 19.28 ? 126 HIS B CD2 1 
ATOM   1052 C CE1 . HIS A 1 120 ? -15.171 -12.813 -7.270  1.00 20.55 ? 126 HIS B CE1 1 
ATOM   1053 N NE2 . HIS A 1 120 ? -14.992 -13.624 -8.294  1.00 19.23 ? 126 HIS B NE2 1 
ATOM   1054 N N   . ILE A 1 121 ? -11.518 -8.613  -11.388 1.00 19.35 ? 127 ILE B N   1 
ATOM   1055 C CA  . ILE A 1 121 ? -11.113 -7.392  -12.127 1.00 21.45 ? 127 ILE B CA  1 
ATOM   1056 C C   . ILE A 1 121 ? -11.069 -7.733  -13.641 1.00 20.95 ? 127 ILE B C   1 
ATOM   1057 O O   . ILE A 1 121 ? -10.283 -8.613  -14.044 1.00 27.07 ? 127 ILE B O   1 
ATOM   1058 C CB  . ILE A 1 121 ? -9.768  -6.883  -11.562 1.00 22.21 ? 127 ILE B CB  1 
ATOM   1059 C CG1 . ILE A 1 121 ? -9.920  -6.449  -10.094 1.00 21.21 ? 127 ILE B CG1 1 
ATOM   1060 C CG2 . ILE A 1 121 ? -9.252  -5.776  -12.465 1.00 25.87 ? 127 ILE B CG2 1 
ATOM   1061 C CD1 . ILE A 1 121 ? -8.706  -5.744  -9.494  1.00 24.28 ? 127 ILE B CD1 1 
ATOM   1062 N N   . GLN A 1 122 ? -11.929 -7.097  -14.409 1.00 25.71 ? 128 GLN B N   1 
ATOM   1063 C CA  . GLN A 1 122 ? -12.028 -7.305  -15.886 1.00 27.70 ? 128 GLN B CA  1 
ATOM   1064 C C   . GLN A 1 122 ? -11.015 -6.396  -16.602 1.00 24.72 ? 128 GLN B C   1 
ATOM   1065 O O   . GLN A 1 122 ? -10.438 -6.845  -17.621 1.00 24.96 ? 128 GLN B O   1 
ATOM   1066 C CB  . GLN A 1 122 ? -13.478 -7.036  -16.326 1.00 33.30 ? 128 GLN B CB  1 
ATOM   1067 C CG  . GLN A 1 122 ? -13.743 -7.247  -17.816 1.00 43.45 ? 128 GLN B CG  1 
ATOM   1068 C CD  . GLN A 1 122 ? -13.467 -8.660  -18.285 1.00 47.99 ? 128 GLN B CD  1 
ATOM   1069 O OE1 . GLN A 1 122 ? -13.329 -9.592  -17.494 1.00 53.43 ? 128 GLN B OE1 1 
ATOM   1070 N NE2 . GLN A 1 122 ? -13.349 -8.824  -19.594 1.00 51.52 ? 128 GLN B NE2 1 
ATOM   1071 N N   . VAL A 1 123 ? -10.740 -5.225  -16.040 1.00 21.35 ? 129 VAL B N   1 
ATOM   1072 C CA  . VAL A 1 123 ? -9.809  -4.217  -16.646 1.00 20.06 ? 129 VAL B CA  1 
ATOM   1073 C C   . VAL A 1 123 ? -8.584  -4.054  -15.745 1.00 20.50 ? 129 VAL B C   1 
ATOM   1074 O O   . VAL A 1 123 ? -8.719  -3.469  -14.668 1.00 19.38 ? 129 VAL B O   1 
ATOM   1075 C CB  . VAL A 1 123 ? -10.496 -2.861  -16.860 1.00 21.92 ? 129 VAL B CB  1 
ATOM   1076 C CG1 . VAL A 1 123 ? -9.530  -1.830  -17.435 1.00 22.41 ? 129 VAL B CG1 1 
ATOM   1077 C CG2 . VAL A 1 123 ? -11.711 -2.978  -17.778 1.00 23.99 ? 129 VAL B CG2 1 
ATOM   1078 N N   . PRO A 1 124 ? -7.411  -4.659  -16.056 1.00 19.23 ? 130 PRO B N   1 
ATOM   1079 C CA  . PRO A 1 124 ? -6.248  -4.555  -15.159 1.00 19.62 ? 130 PRO B CA  1 
ATOM   1080 C C   . PRO A 1 124 ? -5.983  -3.098  -14.837 1.00 19.08 ? 130 PRO B C   1 
ATOM   1081 O O   . PRO A 1 124 ? -5.819  -2.288  -15.723 1.00 18.59 ? 130 PRO B O   1 
ATOM   1082 C CB  . PRO A 1 124 ? -5.131  -5.208  -16.010 1.00 21.72 ? 130 PRO B CB  1 
ATOM   1083 C CG  . PRO A 1 124 ? -5.911  -6.283  -16.789 1.00 22.40 ? 130 PRO B CG  1 
ATOM   1084 C CD  . PRO A 1 124 ? -7.163  -5.577  -17.192 1.00 22.14 ? 130 PRO B CD  1 
ATOM   1085 N N   . PRO A 1 125 ? -5.946  -2.690  -13.550 1.00 16.20 ? 131 PRO B N   1 
ATOM   1086 C CA  . PRO A 1 125 ? -5.751  -1.293  -13.199 1.00 16.40 ? 131 PRO B CA  1 
ATOM   1087 C C   . PRO A 1 125 ? -4.317  -0.799  -13.443 1.00 15.55 ? 131 PRO B C   1 
ATOM   1088 O O   . PRO A 1 125 ? -3.377  -1.539  -13.097 1.00 16.42 ? 131 PRO B O   1 
ATOM   1089 C CB  . PRO A 1 125 ? -6.125  -1.247  -11.701 1.00 17.82 ? 131 PRO B CB  1 
ATOM   1090 C CG  . PRO A 1 125 ? -6.051  -2.639  -11.203 1.00 18.85 ? 131 PRO B CG  1 
ATOM   1091 C CD  . PRO A 1 125 ? -6.314  -3.532  -12.392 1.00 16.53 ? 131 PRO B CD  1 
ATOM   1092 N N   . CYS A 1 126 ? -4.203  0.410   -13.968 1.00 16.49 ? 132 CYS B N   1 
ATOM   1093 C CA  . CYS A 1 126 ? -2.920  1.165   -14.017 1.00 16.88 ? 132 CYS B CA  1 
ATOM   1094 C C   . CYS A 1 126 ? -2.835  2.123   -12.821 1.00 15.79 ? 132 CYS B C   1 
ATOM   1095 O O   . CYS A 1 126 ? -1.743  2.542   -12.446 1.00 14.48 ? 132 CYS B O   1 
ATOM   1096 C CB  . CYS A 1 126 ? -2.729  1.934   -15.311 1.00 20.44 ? 132 CYS B CB  1 
ATOM   1097 S SG  . CYS A 1 126 ? -2.650  0.801   -16.728 1.00 26.71 ? 132 CYS B SG  1 
ATOM   1098 N N   A GLN A 1 127 ? -3.973  2.511   -12.227 0.25 15.57 ? 133 GLN B N   1 
ATOM   1099 N N   B GLN A 1 127 ? -3.984  2.417   -12.207 0.25 16.15 ? 133 GLN B N   1 
ATOM   1100 C CA  A GLN A 1 127 ? -3.987  3.345   -10.987 0.25 15.74 ? 133 GLN B CA  1 
ATOM   1101 C CA  B GLN A 1 127 ? -4.063  3.307   -11.022 0.25 16.90 ? 133 GLN B CA  1 
ATOM   1102 C C   A GLN A 1 127 ? -5.122  2.882   -10.063 0.25 15.15 ? 133 GLN B C   1 
ATOM   1103 C C   B GLN A 1 127 ? -5.110  2.739   -10.057 0.25 15.92 ? 133 GLN B C   1 
ATOM   1104 O O   A GLN A 1 127 ? -6.223  2.590   -10.566 0.25 13.27 ? 133 GLN B O   1 
ATOM   1105 O O   B GLN A 1 127 ? -6.113  2.140   -10.516 0.25 13.82 ? 133 GLN B O   1 
ATOM   1106 C CB  A GLN A 1 127 ? -4.190  4.842   -11.246 0.25 17.17 ? 133 GLN B CB  1 
ATOM   1107 C CB  B GLN A 1 127 ? -4.383  4.743   -11.444 0.25 19.36 ? 133 GLN B CB  1 
ATOM   1108 C CG  A GLN A 1 127 ? -3.099  5.512   -12.066 0.25 18.39 ? 133 GLN B CG  1 
ATOM   1109 C CG  B GLN A 1 127 ? -3.268  5.408   -12.233 0.25 21.49 ? 133 GLN B CG  1 
ATOM   1110 C CD  A GLN A 1 127 ? -3.443  5.489   -13.534 0.25 19.90 ? 133 GLN B CD  1 
ATOM   1111 C CD  B GLN A 1 127 ? -3.490  6.883   -12.459 0.25 23.49 ? 133 GLN B CD  1 
ATOM   1112 O OE1 A GLN A 1 127 ? -4.611  5.540   -13.911 0.25 20.27 ? 133 GLN B OE1 1 
ATOM   1113 O OE1 B GLN A 1 127 ? -4.327  7.524   -11.821 0.25 27.28 ? 133 GLN B OE1 1 
ATOM   1114 N NE2 A GLN A 1 127 ? -2.424  5.377   -14.373 0.25 20.25 ? 133 GLN B NE2 1 
ATOM   1115 N NE2 B GLN A 1 127 ? -2.717  7.438   -13.372 0.25 25.86 ? 133 GLN B NE2 1 
ATOM   1116 N N   . ILE A 1 128 ? -4.826  2.857   -8.763  1.00 14.22 ? 134 ILE B N   1 
ATOM   1117 C CA  . ILE A 1 128 ? -5.695  2.325   -7.682  1.00 13.93 ? 134 ILE B CA  1 
ATOM   1118 C C   . ILE A 1 128 ? -6.033  3.520   -6.795  1.00 14.94 ? 134 ILE B C   1 
ATOM   1119 O O   . ILE A 1 128 ? -5.113  4.295   -6.371  1.00 13.87 ? 134 ILE B O   1 
ATOM   1120 C CB  . ILE A 1 128 ? -4.967  1.237   -6.888  1.00 14.95 ? 134 ILE B CB  1 
ATOM   1121 C CG1 . ILE A 1 128 ? -4.515  0.022   -7.714  1.00 17.53 ? 134 ILE B CG1 1 
ATOM   1122 C CG2 . ILE A 1 128 ? -5.834  0.825   -5.694  1.00 15.04 ? 134 ILE B CG2 1 
ATOM   1123 C CD1 . ILE A 1 128 ? -5.623  -0.815  -8.170  1.00 17.76 ? 134 ILE B CD1 1 
ATOM   1124 N N   . GLY A 1 129 ? -7.321  3.694   -6.472  1.00 14.42 ? 135 GLY B N   1 
ATOM   1125 C CA  . GLY A 1 129 ? -7.763  4.666   -5.467  1.00 14.15 ? 135 GLY B CA  1 
ATOM   1126 C C   . GLY A 1 129 ? -8.027  3.962   -4.155  1.00 13.64 ? 135 GLY B C   1 
ATOM   1127 O O   . GLY A 1 129 ? -8.547  2.841   -4.129  1.00 13.50 ? 135 GLY B O   1 
ATOM   1128 N N   . ILE A 1 130 ? -7.542  4.553   -3.060  1.00 13.05 ? 136 ILE B N   1 
ATOM   1129 C CA  . ILE A 1 130 ? -7.720  3.995   -1.692  1.00 13.07 ? 136 ILE B CA  1 
ATOM   1130 C C   . ILE A 1 130 ? -8.478  5.016   -0.843  1.00 13.85 ? 136 ILE B C   1 
ATOM   1131 O O   . ILE A 1 130 ? -8.076  6.181   -0.742  1.00 13.68 ? 136 ILE B O   1 
ATOM   1132 C CB  . ILE A 1 130 ? -6.352  3.672   -1.055  1.00 14.70 ? 136 ILE B CB  1 
ATOM   1133 C CG1 . ILE A 1 130 ? -5.580  2.692   -1.940  1.00 16.65 ? 136 ILE B CG1 1 
ATOM   1134 C CG2 . ILE A 1 130 ? -6.482  3.183   0.386   1.00 14.83 ? 136 ILE B CG2 1 
ATOM   1135 C CD1 . ILE A 1 130 ? -4.191  2.461   -1.547  1.00 20.05 ? 136 ILE B CD1 1 
ATOM   1136 N N   . PHE A 1 131 ? -9.563  4.550   -0.256  1.00 13.00 ? 137 PHE B N   1 
ATOM   1137 C CA  . PHE A 1 131 ? -10.436 5.399   0.596   1.00 13.18 ? 137 PHE B CA  1 
ATOM   1138 C C   . PHE A 1 131 ? -10.483 4.799   1.987   1.00 12.43 ? 137 PHE B C   1 
ATOM   1139 O O   . PHE A 1 131 ? -10.732 3.591   2.143   1.00 12.79 ? 137 PHE B O   1 
ATOM   1140 C CB  . PHE A 1 131 ? -11.857 5.432   0.043   1.00 14.60 ? 137 PHE B CB  1 
ATOM   1141 C CG  . PHE A 1 131 ? -12.862 6.181   0.885   1.00 14.82 ? 137 PHE B CG  1 
ATOM   1142 C CD1 . PHE A 1 131 ? -12.742 7.539   1.081   1.00 16.55 ? 137 PHE B CD1 1 
ATOM   1143 C CD2 . PHE A 1 131 ? -13.906 5.514   1.506   1.00 16.91 ? 137 PHE B CD2 1 
ATOM   1144 C CE1 . PHE A 1 131 ? -13.688 8.225   1.836   1.00 19.13 ? 137 PHE B CE1 1 
ATOM   1145 C CE2 . PHE A 1 131 ? -14.819 6.195   2.305   1.00 18.75 ? 137 PHE B CE2 1 
ATOM   1146 C CZ  . PHE A 1 131 ? -14.709 7.548   2.461   1.00 16.67 ? 137 PHE B CZ  1 
ATOM   1147 N N   . VAL A 1 132 ? -10.237 5.637   3.011   1.00 12.20 ? 138 VAL B N   1 
ATOM   1148 C CA  . VAL A 1 132 ? -10.358 5.232   4.434   1.00 12.86 ? 138 VAL B CA  1 
ATOM   1149 C C   . VAL A 1 132 ? -11.374 6.138   5.134   1.00 12.04 ? 138 VAL B C   1 
ATOM   1150 O O   . VAL A 1 132 ? -11.247 7.345   5.088   1.00 14.64 ? 138 VAL B O   1 
ATOM   1151 C CB  . VAL A 1 132 ? -9.002  5.284   5.156   1.00 12.59 ? 138 VAL B CB  1 
ATOM   1152 C CG1 . VAL A 1 132 ? -9.164  4.835   6.613   1.00 14.72 ? 138 VAL B CG1 1 
ATOM   1153 C CG2 . VAL A 1 132 ? -7.999  4.418   4.415   1.00 14.73 ? 138 VAL B CG2 1 
ATOM   1154 N N   . ASP A 1 133 ? -12.368 5.508   5.743   1.00 12.75 ? 139 ASP B N   1 
ATOM   1155 C CA  . ASP A 1 133 ? -13.286 6.208   6.696   1.00 14.66 ? 139 ASP B CA  1 
ATOM   1156 C C   . ASP A 1 133 ? -12.979 5.673   8.092   1.00 13.00 ? 139 ASP B C   1 
ATOM   1157 O O   . ASP A 1 133 ? -13.347 4.534   8.432   1.00 14.13 ? 139 ASP B O   1 
ATOM   1158 C CB  . ASP A 1 133 ? -14.724 6.042   6.245   1.00 13.90 ? 139 ASP B CB  1 
ATOM   1159 C CG  . ASP A 1 133 ? -15.712 6.806   7.119   1.00 16.91 ? 139 ASP B CG  1 
ATOM   1160 O OD1 . ASP A 1 133 ? -15.374 7.099   8.297   1.00 17.96 ? 139 ASP B OD1 1 
ATOM   1161 O OD2 . ASP A 1 133 ? -16.852 7.014   6.603   1.00 21.28 ? 139 ASP B OD2 1 
ATOM   1162 N N   . TYR A 1 134 ? -12.239 6.455   8.889   1.00 13.89 ? 140 TYR B N   1 
ATOM   1163 C CA  . TYR A 1 134 ? -11.759 5.977   10.197  1.00 13.66 ? 140 TYR B CA  1 
ATOM   1164 C C   . TYR A 1 134 ? -12.942 5.643   11.136  1.00 14.23 ? 140 TYR B C   1 
ATOM   1165 O O   . TYR A 1 134 ? -13.049 4.548   11.656  1.00 16.26 ? 140 TYR B O   1 
ATOM   1166 C CB  . TYR A 1 134 ? -10.809 6.992   10.834  1.00 14.08 ? 140 TYR B CB  1 
ATOM   1167 C CG  . TYR A 1 134 ? -9.981  6.349   11.915  1.00 13.84 ? 140 TYR B CG  1 
ATOM   1168 C CD1 . TYR A 1 134 ? -10.545 6.030   13.145  1.00 13.68 ? 140 TYR B CD1 1 
ATOM   1169 C CD2 . TYR A 1 134 ? -8.684  5.907   11.691  1.00 14.39 ? 140 TYR B CD2 1 
ATOM   1170 C CE1 . TYR A 1 134 ? -9.861  5.365   14.134  1.00 14.84 ? 140 TYR B CE1 1 
ATOM   1171 C CE2 . TYR A 1 134 ? -7.977  5.230   12.678  1.00 13.70 ? 140 TYR B CE2 1 
ATOM   1172 C CZ  . TYR A 1 134 ? -8.562  4.942   13.908  1.00 13.71 ? 140 TYR B CZ  1 
ATOM   1173 O OH  . TYR A 1 134 ? -7.883  4.274   14.885  1.00 14.45 ? 140 TYR B OH  1 
ATOM   1174 N N   . GLU A 1 135 ? -13.872 6.567   11.243  1.00 16.15 ? 141 GLU B N   1 
ATOM   1175 C CA  . GLU A 1 135 ? -15.000 6.374   12.195  1.00 17.38 ? 141 GLU B CA  1 
ATOM   1176 C C   . GLU A 1 135 ? -15.864 5.202   11.771  1.00 15.74 ? 141 GLU B C   1 
ATOM   1177 O O   . GLU A 1 135 ? -16.279 4.403   12.658  1.00 18.36 ? 141 GLU B O   1 
ATOM   1178 C CB  . GLU A 1 135 ? -15.806 7.658   12.299  1.00 18.52 ? 141 GLU B CB  1 
ATOM   1179 C CG  . GLU A 1 135 ? -15.178 8.623   13.312  1.00 25.39 ? 141 GLU B CG  1 
ATOM   1180 C CD  . GLU A 1 135 ? -13.903 9.237   12.831  1.00 27.27 ? 141 GLU B CD  1 
ATOM   1181 O OE1 . GLU A 1 135 ? -13.052 9.476   13.647  1.00 27.47 ? 141 GLU B OE1 1 
ATOM   1182 O OE2 . GLU A 1 135 ? -13.758 9.431   11.592  1.00 31.51 ? 141 GLU B OE2 1 
ATOM   1183 N N   . ALA A 1 136 ? -16.137 5.038   10.483  1.00 15.41 ? 142 ALA B N   1 
ATOM   1184 C CA  . ALA A 1 136 ? -17.007 3.957   9.994   1.00 16.24 ? 142 ALA B CA  1 
ATOM   1185 C C   . ALA A 1 136 ? -16.293 2.601   10.011  1.00 16.56 ? 142 ALA B C   1 
ATOM   1186 O O   . ALA A 1 136 ? -16.979 1.550   9.967   1.00 18.21 ? 142 ALA B O   1 
ATOM   1187 C CB  . ALA A 1 136 ? -17.474 4.294   8.607   1.00 16.65 ? 142 ALA B CB  1 
ATOM   1188 N N   . GLY A 1 137 ? -14.966 2.561   10.092  1.00 13.26 ? 143 GLY B N   1 
ATOM   1189 C CA  . GLY A 1 137 ? -14.221 1.313   10.037  1.00 13.23 ? 143 GLY B CA  1 
ATOM   1190 C C   . GLY A 1 137 ? -14.291 0.724   8.625   1.00 12.81 ? 143 GLY B C   1 
ATOM   1191 O O   . GLY A 1 137 ? -14.549 -0.487  8.510   1.00 13.61 ? 143 GLY B O   1 
ATOM   1192 N N   . VAL A 1 138 ? -13.952 1.527   7.618   1.00 13.01 ? 144 VAL B N   1 
ATOM   1193 C CA  . VAL A 1 138 ? -14.029 1.122   6.180   1.00 12.38 ? 144 VAL B CA  1 
ATOM   1194 C C   . VAL A 1 138 ? -12.711 1.429   5.473   1.00 13.04 ? 144 VAL B C   1 
ATOM   1195 O O   . VAL A 1 138 ? -12.176 2.557   5.602   1.00 14.27 ? 144 VAL B O   1 
ATOM   1196 C CB  . VAL A 1 138 ? -15.192 1.853   5.493   1.00 13.46 ? 144 VAL B CB  1 
ATOM   1197 C CG1 . VAL A 1 138 ? -15.168 1.720   3.974   1.00 13.78 ? 144 VAL B CG1 1 
ATOM   1198 C CG2 . VAL A 1 138 ? -16.509 1.368   6.064   1.00 15.25 ? 144 VAL B CG2 1 
ATOM   1199 N N   . VAL A 1 139 ? -12.232 0.455   4.691   1.00 12.27 ? 145 VAL B N   1 
ATOM   1200 C CA  . VAL A 1 139 ? -11.156 0.712   3.703   1.00 11.20 ? 145 VAL B CA  1 
ATOM   1201 C C   . VAL A 1 139 ? -11.649 0.198   2.343   1.00 11.03 ? 145 VAL B C   1 
ATOM   1202 O O   . VAL A 1 139 ? -11.935 -1.014  2.267   1.00 12.84 ? 145 VAL B O   1 
ATOM   1203 C CB  . VAL A 1 139 ? -9.845  0.017   4.111   1.00 11.85 ? 145 VAL B CB  1 
ATOM   1204 C CG1 . VAL A 1 139 ? -8.723  0.348   3.115   1.00 11.44 ? 145 VAL B CG1 1 
ATOM   1205 C CG2 . VAL A 1 139 ? -9.438  0.360   5.528   1.00 11.96 ? 145 VAL B CG2 1 
ATOM   1206 N N   . SER A 1 140 ? -11.705 1.047   1.347   1.00 11.45 ? 146 SER B N   1 
ATOM   1207 C CA  . SER A 1 140 ? -12.196 0.655   0.004   1.00 12.01 ? 146 SER B CA  1 
ATOM   1208 C C   . SER A 1 140 ? -11.137 0.954   -1.052  1.00 11.47 ? 146 SER B C   1 
ATOM   1209 O O   . SER A 1 140 ? -10.373 1.917   -0.945  1.00 13.04 ? 146 SER B O   1 
ATOM   1210 C CB  . SER A 1 140 ? -13.492 1.384   -0.307  1.00 12.64 ? 146 SER B CB  1 
ATOM   1211 O OG  . SER A 1 140 ? -14.551 0.932   0.544   1.00 13.52 ? 146 SER B OG  1 
ATOM   1212 N N   . PHE A 1 141 ? -11.163 0.130   -2.098  1.00 11.50 ? 147 PHE B N   1 
ATOM   1213 C CA  . PHE A 1 141 ? -10.216 0.193   -3.229  1.00 11.26 ? 147 PHE B CA  1 
ATOM   1214 C C   . PHE A 1 141 ? -11.019 0.359   -4.514  1.00 11.24 ? 147 PHE B C   1 
ATOM   1215 O O   . PHE A 1 141 ? -12.001 -0.396  -4.730  1.00 12.57 ? 147 PHE B O   1 
ATOM   1216 C CB  . PHE A 1 141 ? -9.327  -1.073  -3.279  1.00 11.23 ? 147 PHE B CB  1 
ATOM   1217 C CG  . PHE A 1 141 ? -8.479  -1.232  -2.045  1.00 10.94 ? 147 PHE B CG  1 
ATOM   1218 C CD1 . PHE A 1 141 ? -8.992  -1.836  -0.892  1.00 10.78 ? 147 PHE B CD1 1 
ATOM   1219 C CD2 . PHE A 1 141 ? -7.143  -0.843  -2.068  1.00 11.84 ? 147 PHE B CD2 1 
ATOM   1220 C CE1 . PHE A 1 141 ? -8.190  -1.949  0.254   1.00 11.33 ? 147 PHE B CE1 1 
ATOM   1221 C CE2 . PHE A 1 141 ? -6.371  -0.949  -0.906  1.00 11.08 ? 147 PHE B CE2 1 
ATOM   1222 C CZ  . PHE A 1 141 ? -6.877  -1.544  0.218   1.00 10.65 ? 147 PHE B CZ  1 
ATOM   1223 N N   . TYR A 1 142 ? -10.496 1.213   -5.388  1.00 12.02 ? 148 TYR B N   1 
ATOM   1224 C CA  . TYR A 1 142 ? -11.186 1.602   -6.646  1.00 14.23 ? 148 TYR B CA  1 
ATOM   1225 C C   . TYR A 1 142 ? -10.238 1.453   -7.831  1.00 15.01 ? 148 TYR B C   1 
ATOM   1226 O O   . TYR A 1 142 ? -9.061  1.751   -7.767  1.00 15.14 ? 148 TYR B O   1 
ATOM   1227 C CB  . TYR A 1 142 ? -11.784 3.002   -6.558  1.00 13.70 ? 148 TYR B CB  1 
ATOM   1228 C CG  . TYR A 1 142 ? -12.835 3.128   -5.475  1.00 15.16 ? 148 TYR B CG  1 
ATOM   1229 C CD1 . TYR A 1 142 ? -14.139 2.757   -5.700  1.00 15.72 ? 148 TYR B CD1 1 
ATOM   1230 C CD2 . TYR A 1 142 ? -12.502 3.534   -4.197  1.00 15.85 ? 148 TYR B CD2 1 
ATOM   1231 C CE1 . TYR A 1 142 ? -15.098 2.800   -4.694  1.00 16.01 ? 148 TYR B CE1 1 
ATOM   1232 C CE2 . TYR A 1 142 ? -13.445 3.584   -3.176  1.00 15.73 ? 148 TYR B CE2 1 
ATOM   1233 C CZ  . TYR A 1 142 ? -14.766 3.277   -3.429  1.00 16.41 ? 148 TYR B CZ  1 
ATOM   1234 O OH  . TYR A 1 142 ? -15.683 3.275   -2.386  1.00 18.39 ? 148 TYR B OH  1 
ATOM   1235 N N   . ASN A 1 143 ? -10.807 1.027   -8.961  1.00 15.46 ? 149 ASN B N   1 
ATOM   1236 C CA  . ASN A 1 143 ? -10.053 0.836   -10.237 1.00 15.28 ? 149 ASN B CA  1 
ATOM   1237 C C   . ASN A 1 143 ? -10.166 2.137   -11.038 1.00 15.99 ? 149 ASN B C   1 
ATOM   1238 O O   . ASN A 1 143 ? -11.194 2.353   -11.711 1.00 16.65 ? 149 ASN B O   1 
ATOM   1239 C CB  . ASN A 1 143 ? -10.652 -0.349  -10.986 1.00 15.22 ? 149 ASN B CB  1 
ATOM   1240 C CG  . ASN A 1 143 ? -9.903  -0.687  -12.268 1.00 14.67 ? 149 ASN B CG  1 
ATOM   1241 O OD1 . ASN A 1 143 ? -9.145  0.156   -12.739 1.00 17.15 ? 149 ASN B OD1 1 
ATOM   1242 N ND2 . ASN A 1 143 ? -10.053 -1.900  -12.748 1.00 16.11 ? 149 ASN B ND2 1 
ATOM   1243 N N   . ILE A 1 144 ? -9.154  3.001   -11.024 1.00 16.18 ? 150 ILE B N   1 
ATOM   1244 C CA  . ILE A 1 144 ? -9.243  4.344   -11.648 1.00 16.53 ? 150 ILE B CA  1 
ATOM   1245 C C   . ILE A 1 144 ? -9.282  4.124   -13.180 1.00 18.25 ? 150 ILE B C   1 
ATOM   1246 O O   . ILE A 1 144 ? -9.951  4.914   -13.870 1.00 21.17 ? 150 ILE B O   1 
ATOM   1247 C CB  . ILE A 1 144 ? -8.065  5.221   -11.199 1.00 18.33 ? 150 ILE B CB  1 
ATOM   1248 C CG1 . ILE A 1 144 ? -7.999  5.382   -9.676  1.00 18.24 ? 150 ILE B CG1 1 
ATOM   1249 C CG2 . ILE A 1 144 ? -8.090  6.571   -11.898 1.00 19.97 ? 150 ILE B CG2 1 
ATOM   1250 C CD1 . ILE A 1 144 ? -9.315  5.723   -9.062  1.00 22.63 ? 150 ILE B CD1 1 
ATOM   1251 N N   . THR A 1 145 ? -8.613  3.103   -13.681 1.00 16.93 ? 151 THR B N   1 
ATOM   1252 C CA  . THR A 1 145 ? -8.572  2.799   -15.160 1.00 18.08 ? 151 THR B CA  1 
ATOM   1253 C C   . THR A 1 145 ? -9.964  2.439   -15.671 1.00 21.55 ? 151 THR B C   1 
ATOM   1254 O O   . THR A 1 145 ? -10.272 2.786   -16.815 1.00 25.66 ? 151 THR B O   1 
ATOM   1255 C CB  . THR A 1 145 ? -7.592  1.643   -15.403 1.00 17.92 ? 151 THR B CB  1 
ATOM   1256 O OG1 . THR A 1 145 ? -6.372  2.027   -14.772 1.00 17.80 ? 151 THR B OG1 1 
ATOM   1257 C CG2 . THR A 1 145 ? -7.360  1.376   -16.872 1.00 20.40 ? 151 THR B CG2 1 
ATOM   1258 N N   . ASP A 1 146 ? -10.788 1.786   -14.859 1.00 20.48 ? 152 ASP B N   1 
ATOM   1259 C CA  . ASP A 1 146 ? -12.193 1.402   -15.186 1.00 21.39 ? 152 ASP B CA  1 
ATOM   1260 C C   . ASP A 1 146 ? -13.207 2.361   -14.536 1.00 21.27 ? 152 ASP B C   1 
ATOM   1261 O O   . ASP A 1 146 ? -14.117 1.881   -13.847 1.00 22.72 ? 152 ASP B O   1 
ATOM   1262 C CB  . ASP A 1 146 ? -12.362 -0.054  -14.841 1.00 21.44 ? 152 ASP B CB  1 
ATOM   1263 C CG  . ASP A 1 146 ? -13.699 -0.603  -15.253 1.00 26.29 ? 152 ASP B CG  1 
ATOM   1264 O OD1 . ASP A 1 146 ? -14.114 -0.290  -16.388 1.00 26.78 ? 152 ASP B OD1 1 
ATOM   1265 O OD2 . ASP A 1 146 ? -14.298 -1.309  -14.423 1.00 25.98 ? 152 ASP B OD2 1 
ATOM   1266 N N   . HIS A 1 147 ? -13.056 3.663   -14.745 1.00 22.96 ? 153 HIS B N   1 
ATOM   1267 C CA  . HIS A 1 147 ? -14.066 4.691   -14.385 1.00 27.02 ? 153 HIS B CA  1 
ATOM   1268 C C   . HIS A 1 147 ? -14.349 4.597   -12.877 1.00 27.26 ? 153 HIS B C   1 
ATOM   1269 O O   . HIS A 1 147 ? -15.459 4.901   -12.461 1.00 27.55 ? 153 HIS B O   1 
ATOM   1270 C CB  . HIS A 1 147 ? -15.379 4.500   -15.157 1.00 33.13 ? 153 HIS B CB  1 
ATOM   1271 C CG  . HIS A 1 147 ? -15.262 4.362   -16.644 1.00 42.00 ? 153 HIS B CG  1 
ATOM   1272 N ND1 . HIS A 1 147 ? -14.722 5.355   -17.451 1.00 53.05 ? 153 HIS B ND1 1 
ATOM   1273 C CD2 . HIS A 1 147 ? -15.658 3.370   -17.477 1.00 50.14 ? 153 HIS B CD2 1 
ATOM   1274 C CE1 . HIS A 1 147 ? -14.759 4.965   -18.714 1.00 54.08 ? 153 HIS B CE1 1 
ATOM   1275 N NE2 . HIS A 1 147 ? -15.338 3.749   -18.758 1.00 54.03 ? 153 HIS B NE2 1 
ATOM   1276 N N   . GLY A 1 148 ? -13.378 4.165   -12.074 1.00 22.01 ? 154 GLY B N   1 
ATOM   1277 C CA  . GLY A 1 148 ? -13.536 4.235   -10.608 1.00 18.78 ? 154 GLY B CA  1 
ATOM   1278 C C   . GLY A 1 148 ? -14.297 3.066   -10.034 1.00 17.36 ? 154 GLY B C   1 
ATOM   1279 O O   . GLY A 1 148 ? -14.842 3.240   -8.964  1.00 17.51 ? 154 GLY B O   1 
ATOM   1280 N N   . SER A 1 149 ? -14.432 1.969   -10.749 1.00 17.14 ? 155 SER B N   1 
ATOM   1281 C CA  . SER A 1 149 ? -15.251 0.827   -10.298 1.00 14.97 ? 155 SER B CA  1 
ATOM   1282 C C   . SER A 1 149 ? -14.727 0.277   -8.971  1.00 16.01 ? 155 SER B C   1 
ATOM   1283 O O   . SER A 1 149 ? -13.496 0.204   -8.761  1.00 16.48 ? 155 SER B O   1 
ATOM   1284 C CB  . SER A 1 149 ? -15.353 -0.252  -11.332 1.00 16.31 ? 155 SER B CB  1 
ATOM   1285 O OG  . SER A 1 149 ? -14.095 -0.753  -11.814 1.00 17.12 ? 155 SER B OG  1 
ATOM   1286 N N   . LEU A 1 150 ? -15.611 -0.235  -8.147  1.00 15.09 ? 156 LEU B N   1 
ATOM   1287 C CA  . LEU A 1 150 ? -15.177 -0.823  -6.853  1.00 13.65 ? 156 LEU B CA  1 
ATOM   1288 C C   . LEU A 1 150 ? -14.421 -2.124  -7.076  1.00 13.08 ? 156 LEU B C   1 
ATOM   1289 O O   . LEU A 1 150 ? -14.874 -3.043  -7.802  1.00 14.46 ? 156 LEU B O   1 
ATOM   1290 C CB  . LEU A 1 150 ? -16.399 -1.066  -5.956  1.00 14.30 ? 156 LEU B CB  1 
ATOM   1291 C CG  . LEU A 1 150 ? -16.133 -1.666  -4.568  1.00 14.19 ? 156 LEU B CG  1 
ATOM   1292 C CD1 . LEU A 1 150 ? -15.422 -0.711  -3.638  1.00 13.94 ? 156 LEU B CD1 1 
ATOM   1293 C CD2 . LEU A 1 150 ? -17.484 -2.051  -3.924  1.00 15.21 ? 156 LEU B CD2 1 
ATOM   1294 N N   . ILE A 1 151 ? -13.292 -2.254  -6.393  1.00 11.91 ? 157 ILE B N   1 
ATOM   1295 C CA  . ILE A 1 151 ? -12.494 -3.488  -6.326  1.00 12.98 ? 157 ILE B CA  1 
ATOM   1296 C C   . ILE A 1 151 ? -12.862 -4.281  -5.062  1.00 12.31 ? 157 ILE B C   1 
ATOM   1297 O O   . ILE A 1 151 ? -13.078 -5.492  -5.119  1.00 13.03 ? 157 ILE B O   1 
ATOM   1298 C CB  . ILE A 1 151 ? -10.987 -3.154  -6.414  1.00 13.41 ? 157 ILE B CB  1 
ATOM   1299 C CG1 . ILE A 1 151 ? -10.615 -2.551  -7.755  1.00 13.37 ? 157 ILE B CG1 1 
ATOM   1300 C CG2 . ILE A 1 151 ? -10.158 -4.389  -6.125  1.00 12.71 ? 157 ILE B CG2 1 
ATOM   1301 C CD1 . ILE A 1 151 ? -9.209  -1.988  -7.802  1.00 14.58 ? 157 ILE B CD1 1 
ATOM   1302 N N   . TYR A 1 152 ? -12.788 -3.624  -3.889  1.00 11.52 ? 158 TYR B N   1 
ATOM   1303 C CA  . TYR A 1 152 ? -12.981 -4.355  -2.605  1.00 10.97 ? 158 TYR B CA  1 
ATOM   1304 C C   . TYR A 1 152 ? -13.261 -3.326  -1.499  1.00 11.29 ? 158 TYR B C   1 
ATOM   1305 O O   . TYR A 1 152 ? -12.633 -2.254  -1.476  1.00 11.76 ? 158 TYR B O   1 
ATOM   1306 C CB  . TYR A 1 152 ? -11.711 -5.159  -2.212  1.00 11.46 ? 158 TYR B CB  1 
ATOM   1307 C CG  . TYR A 1 152 ? -11.971 -6.123  -1.097  1.00 11.43 ? 158 TYR B CG  1 
ATOM   1308 C CD1 . TYR A 1 152 ? -12.558 -7.367  -1.319  1.00 12.59 ? 158 TYR B CD1 1 
ATOM   1309 C CD2 . TYR A 1 152 ? -11.640 -5.812  0.215   1.00 11.26 ? 158 TYR B CD2 1 
ATOM   1310 C CE1 . TYR A 1 152 ? -12.880 -8.213  -0.275  1.00 12.68 ? 158 TYR B CE1 1 
ATOM   1311 C CE2 . TYR A 1 152 ? -11.921 -6.684  1.251   1.00 12.12 ? 158 TYR B CE2 1 
ATOM   1312 C CZ  . TYR A 1 152 ? -12.535 -7.884  1.013   1.00 12.90 ? 158 TYR B CZ  1 
ATOM   1313 O OH  . TYR A 1 152 ? -12.905 -8.737  2.012   1.00 14.75 ? 158 TYR B OH  1 
ATOM   1314 N N   . THR A 1 153 ? -14.108 -3.746  -0.562  1.00 11.55 ? 159 THR B N   1 
ATOM   1315 C CA  . THR A 1 153 ? -14.412 -2.997  0.688   1.00 12.60 ? 159 THR B CA  1 
ATOM   1316 C C   . THR A 1 153 ? -14.152 -3.925  1.860   1.00 11.41 ? 159 THR B C   1 
ATOM   1317 O O   . THR A 1 153 ? -14.844 -4.942  2.053   1.00 12.72 ? 159 THR B O   1 
ATOM   1318 C CB  . THR A 1 153 ? -15.835 -2.408  0.712   1.00 13.32 ? 159 THR B CB  1 
ATOM   1319 O OG1 . THR A 1 153 ? -15.892 -1.375  -0.260  1.00 13.13 ? 159 THR B OG1 1 
ATOM   1320 C CG2 . THR A 1 153 ? -16.200 -1.846  2.072   1.00 13.82 ? 159 THR B CG2 1 
ATOM   1321 N N   . PHE A 1 154 ? -13.214 -3.508  2.733   1.00 12.07 ? 160 PHE B N   1 
ATOM   1322 C CA  . PHE A 1 154 ? -13.112 -4.041  4.115   1.00 12.07 ? 160 PHE B CA  1 
ATOM   1323 C C   . PHE A 1 154 ? -14.054 -3.210  4.994   1.00 12.46 ? 160 PHE B C   1 
ATOM   1324 O O   . PHE A 1 154 ? -13.895 -2.004  5.063   1.00 12.68 ? 160 PHE B O   1 
ATOM   1325 C CB  . PHE A 1 154 ? -11.712 -3.860  4.698   1.00 12.36 ? 160 PHE B CB  1 
ATOM   1326 C CG  . PHE A 1 154 ? -10.621 -4.703  4.089   1.00 10.31 ? 160 PHE B CG  1 
ATOM   1327 C CD1 . PHE A 1 154 ? -9.872  -4.225  3.001   1.00 10.06 ? 160 PHE B CD1 1 
ATOM   1328 C CD2 . PHE A 1 154 ? -10.228 -5.889  4.672   1.00 11.35 ? 160 PHE B CD2 1 
ATOM   1329 C CE1 . PHE A 1 154 ? -8.839  -5.004  2.490   1.00 10.57 ? 160 PHE B CE1 1 
ATOM   1330 C CE2 . PHE A 1 154 ? -9.191  -6.669  4.152   1.00 11.56 ? 160 PHE B CE2 1 
ATOM   1331 C CZ  . PHE A 1 154 ? -8.476  -6.176  3.091   1.00 10.12 ? 160 PHE B CZ  1 
ATOM   1332 N N   . SER A 1 155 ? -15.006 -3.883  5.642   1.00 13.50 ? 161 SER B N   1 
ATOM   1333 C CA  . SER A 1 155 ? -15.906 -3.185  6.561   1.00 15.33 ? 161 SER B CA  1 
ATOM   1334 C C   . SER A 1 155 ? -15.783 -3.804  7.957   1.00 14.96 ? 161 SER B C   1 
ATOM   1335 O O   . SER A 1 155 ? -15.148 -4.859  8.116   1.00 15.83 ? 161 SER B O   1 
ATOM   1336 C CB  . SER A 1 155 ? -17.301 -3.188  6.002   1.00 18.08 ? 161 SER B CB  1 
ATOM   1337 O OG  . SER A 1 155 ? -17.864 -4.458  6.056   1.00 20.40 ? 161 SER B OG  1 
ATOM   1338 N N   . GLU A 1 156 ? -16.359 -3.116  8.951   1.00 17.92 ? 162 GLU B N   1 
ATOM   1339 C CA  . GLU A 1 156 ? -16.230 -3.533  10.375  1.00 18.46 ? 162 GLU B CA  1 
ATOM   1340 C C   . GLU A 1 156 ? -14.745 -3.662  10.741  1.00 17.30 ? 162 GLU B C   1 
ATOM   1341 O O   . GLU A 1 156 ? -14.333 -4.626  11.469  1.00 18.85 ? 162 GLU B O   1 
ATOM   1342 C CB  . GLU A 1 156 ? -16.885 -4.877  10.662  1.00 23.13 ? 162 GLU B CB  1 
ATOM   1343 C CG  . GLU A 1 156 ? -18.263 -5.072  10.084  1.00 28.50 ? 162 GLU B CG  1 
ATOM   1344 C CD  . GLU A 1 156 ? -18.846 -6.373  10.601  1.00 38.48 ? 162 GLU B CD  1 
ATOM   1345 O OE1 . GLU A 1 156 ? -18.545 -7.460  10.021  1.00 42.02 ? 162 GLU B OE1 1 
ATOM   1346 O OE2 . GLU A 1 156 ? -19.515 -6.310  11.646  1.00 45.68 ? 162 GLU B OE2 1 
ATOM   1347 N N   . CYS A 1 157 ? -13.920 -2.767  10.197  1.00 15.33 ? 163 CYS B N   1 
ATOM   1348 C CA  . CYS A 1 157 ? -12.472 -2.778  10.515  1.00 14.00 ? 163 CYS B CA  1 
ATOM   1349 C C   . CYS A 1 157 ? -12.232 -2.407  11.991  1.00 15.09 ? 163 CYS B C   1 
ATOM   1350 O O   . CYS A 1 157 ? -12.892 -1.451  12.468  1.00 17.05 ? 163 CYS B O   1 
ATOM   1351 C CB  . CYS A 1 157 ? -11.658 -1.838  9.642   1.00 13.56 ? 163 CYS B CB  1 
ATOM   1352 S SG  . CYS A 1 157 ? -11.706 -2.262  7.871   1.00 14.50 ? 163 CYS B SG  1 
ATOM   1353 N N   . VAL A 1 158 ? -11.309 -3.104  12.631  1.00 14.21 ? 164 VAL B N   1 
ATOM   1354 C CA  . VAL A 1 158 ? -10.931 -2.733  14.016  1.00 15.24 ? 164 VAL B CA  1 
ATOM   1355 C C   . VAL A 1 158 ? -9.502  -2.184  13.946  1.00 13.93 ? 164 VAL B C   1 
ATOM   1356 O O   . VAL A 1 158 ? -8.530  -2.944  14.088  1.00 15.68 ? 164 VAL B O   1 
ATOM   1357 C CB  . VAL A 1 158 ? -11.143 -3.927  14.960  1.00 17.82 ? 164 VAL B CB  1 
ATOM   1358 C CG1 . VAL A 1 158 ? -10.718 -3.521  16.372  1.00 19.07 ? 164 VAL B CG1 1 
ATOM   1359 C CG2 . VAL A 1 158 ? -12.586 -4.419  14.912  1.00 18.81 ? 164 VAL B CG2 1 
ATOM   1360 N N   . PHE A 1 159 ? -9.340  -0.892  13.656  1.00 13.55 ? 165 PHE B N   1 
ATOM   1361 C CA  . PHE A 1 159 ? -8.012  -0.298  13.363  1.00 13.95 ? 165 PHE B CA  1 
ATOM   1362 C C   . PHE A 1 159 ? -7.108  -0.400  14.595  1.00 15.80 ? 165 PHE B C   1 
ATOM   1363 O O   . PHE A 1 159 ? -5.937  -0.770  14.467  1.00 14.81 ? 165 PHE B O   1 
ATOM   1364 C CB  . PHE A 1 159 ? -8.156  1.102   12.801  1.00 13.96 ? 165 PHE B CB  1 
ATOM   1365 C CG  . PHE A 1 159 ? -8.913  1.192   11.492  1.00 12.60 ? 165 PHE B CG  1 
ATOM   1366 C CD1 . PHE A 1 159 ? -8.550  0.375   10.428  1.00 13.15 ? 165 PHE B CD1 1 
ATOM   1367 C CD2 . PHE A 1 159 ? -9.915  2.141   11.319  1.00 14.58 ? 165 PHE B CD2 1 
ATOM   1368 C CE1 . PHE A 1 159 ? -9.250  0.467   9.221   1.00 13.26 ? 165 PHE B CE1 1 
ATOM   1369 C CE2 . PHE A 1 159 ? -10.592 2.248   10.117  1.00 15.40 ? 165 PHE B CE2 1 
ATOM   1370 C CZ  . PHE A 1 159 ? -10.218 1.444   9.061   1.00 14.08 ? 165 PHE B CZ  1 
ATOM   1371 N N   . ALA A 1 160 ? -7.661  -0.102  15.762  1.00 15.36 ? 166 ALA B N   1 
ATOM   1372 C CA  . ALA A 1 160 ? -6.994  -0.255  17.072  1.00 15.48 ? 166 ALA B CA  1 
ATOM   1373 C C   . ALA A 1 160 ? -5.709  0.596   17.166  1.00 15.40 ? 166 ALA B C   1 
ATOM   1374 O O   . ALA A 1 160 ? -4.782  0.211   17.939  1.00 15.95 ? 166 ALA B O   1 
ATOM   1375 C CB  . ALA A 1 160 ? -6.746  -1.701  17.380  1.00 15.38 ? 166 ALA B CB  1 
ATOM   1376 N N   . GLY A 1 161 ? -5.611  1.689   16.434  1.00 16.45 ? 167 GLY B N   1 
ATOM   1377 C CA  . GLY A 1 161 ? -4.432  2.570   16.471  1.00 17.13 ? 167 GLY B CA  1 
ATOM   1378 C C   . GLY A 1 161 ? -4.440  3.554   15.329  1.00 15.67 ? 167 GLY B C   1 
ATOM   1379 O O   . GLY A 1 161 ? -5.312  3.465   14.448  1.00 14.32 ? 167 GLY B O   1 
ATOM   1380 N N   . PRO A 1 162 ? -3.458  4.446   15.266  1.00 14.21 ? 168 PRO B N   1 
ATOM   1381 C CA  . PRO A 1 162 ? -3.256  5.329   14.121  1.00 13.75 ? 168 PRO B CA  1 
ATOM   1382 C C   . PRO A 1 162 ? -2.958  4.458   12.885  1.00 14.18 ? 168 PRO B C   1 
ATOM   1383 O O   . PRO A 1 162 ? -2.324  3.407   13.017  1.00 14.21 ? 168 PRO B O   1 
ATOM   1384 C CB  . PRO A 1 162 ? -2.058  6.224   14.473  1.00 14.53 ? 168 PRO B CB  1 
ATOM   1385 C CG  . PRO A 1 162 ? -1.922  6.051   15.988  1.00 14.72 ? 168 PRO B CG  1 
ATOM   1386 C CD  . PRO A 1 162 ? -2.440  4.684   16.308  1.00 13.84 ? 168 PRO B CD  1 
ATOM   1387 N N   . LEU A 1 163 ? -3.393  4.934   11.740  1.00 14.62 ? 169 LEU B N   1 
ATOM   1388 C CA  . LEU A 1 163 ? -3.167  4.244   10.439  1.00 12.39 ? 169 LEU B CA  1 
ATOM   1389 C C   . LEU A 1 163 ? -2.114  4.994   9.627   1.00 13.28 ? 169 LEU B C   1 
ATOM   1390 O O   . LEU A 1 163 ? -2.083  6.222   9.613   1.00 14.52 ? 169 LEU B O   1 
ATOM   1391 C CB  . LEU A 1 163 ? -4.467  4.176   9.634   1.00 12.50 ? 169 LEU B CB  1 
ATOM   1392 C CG  . LEU A 1 163 ? -5.565  3.246   10.167  1.00 12.97 ? 169 LEU B CG  1 
ATOM   1393 C CD1 . LEU A 1 163 ? -6.792  3.410   9.290   1.00 14.18 ? 169 LEU B CD1 1 
ATOM   1394 C CD2 . LEU A 1 163 ? -5.071  1.801   10.221  1.00 14.10 ? 169 LEU B CD2 1 
ATOM   1395 N N   . ARG A 1 164 ? -1.303  4.220   8.906   1.00 12.26 ? 170 ARG B N   1 
ATOM   1396 C CA  . ARG A 1 164 ? -0.359  4.752   7.912   1.00 12.48 ? 170 ARG B CA  1 
ATOM   1397 C C   . ARG A 1 164 ? -0.606  4.147   6.535   1.00 11.54 ? 170 ARG B C   1 
ATOM   1398 O O   . ARG A 1 164 ? -0.914  2.953   6.426   1.00 12.39 ? 170 ARG B O   1 
ATOM   1399 C CB  . ARG A 1 164 ? 1.062   4.465   8.388   1.00 13.76 ? 170 ARG B CB  1 
ATOM   1400 C CG  . ARG A 1 164 ? 1.320   5.228   9.692   1.00 16.11 ? 170 ARG B CG  1 
ATOM   1401 C CD  . ARG A 1 164 ? 2.724   5.112   10.244  1.00 18.58 ? 170 ARG B CD  1 
ATOM   1402 N NE  . ARG A 1 164 ? 3.658   5.798   9.359   1.00 16.95 ? 170 ARG B NE  1 
ATOM   1403 C CZ  . ARG A 1 164 ? 4.962   5.867   9.593   1.00 17.09 ? 170 ARG B CZ  1 
ATOM   1404 N NH1 . ARG A 1 164 ? 5.448   5.383   10.712  1.00 17.77 ? 170 ARG B NH1 1 
ATOM   1405 N NH2 . ARG A 1 164 ? 5.737   6.494   8.740   1.00 16.44 ? 170 ARG B NH2 1 
ATOM   1406 N N   . PRO A 1 165 ? -0.423  4.947   5.471   1.00 11.83 ? 171 PRO B N   1 
ATOM   1407 C CA  . PRO A 1 165 ? -0.459  4.372   4.123   1.00 10.98 ? 171 PRO B CA  1 
ATOM   1408 C C   . PRO A 1 165 ? 0.635   3.304   4.025   1.00 10.90 ? 171 PRO B C   1 
ATOM   1409 O O   . PRO A 1 165 ? 1.723   3.487   4.554   1.00 11.84 ? 171 PRO B O   1 
ATOM   1410 C CB  . PRO A 1 165 ? -0.151  5.551   3.197   1.00 11.66 ? 171 PRO B CB  1 
ATOM   1411 C CG  . PRO A 1 165 ? -0.587  6.805   4.015   1.00 13.55 ? 171 PRO B CG  1 
ATOM   1412 C CD  . PRO A 1 165 ? -0.215  6.408   5.434   1.00 13.85 ? 171 PRO B CD  1 
ATOM   1413 N N   . PHE A 1 166 ? 0.359   2.207   3.321   1.00 10.30 ? 172 PHE B N   1 
ATOM   1414 C CA  . PHE A 1 166 ? 1.248   1.040   3.252   1.00 10.65 ? 172 PHE B CA  1 
ATOM   1415 C C   . PHE A 1 166 ? 1.502   0.707   1.777   1.00 10.22 ? 172 PHE B C   1 
ATOM   1416 O O   . PHE A 1 166 ? 0.568   0.676   0.943   1.00 10.47 ? 172 PHE B O   1 
ATOM   1417 C CB  . PHE A 1 166 ? 0.600   -0.148  3.956   1.00 10.29 ? 172 PHE B CB  1 
ATOM   1418 C CG  . PHE A 1 166 ? 1.352   -1.444  3.756   1.00 10.81 ? 172 PHE B CG  1 
ATOM   1419 C CD1 . PHE A 1 166 ? 2.475   -1.730  4.521   1.00 11.81 ? 172 PHE B CD1 1 
ATOM   1420 C CD2 . PHE A 1 166 ? 0.982   -2.367  2.786   1.00 11.50 ? 172 PHE B CD2 1 
ATOM   1421 C CE1 . PHE A 1 166 ? 3.191   -2.917  4.338   1.00 11.90 ? 172 PHE B CE1 1 
ATOM   1422 C CE2 . PHE A 1 166 ? 1.703   -3.543  2.594   1.00 10.99 ? 172 PHE B CE2 1 
ATOM   1423 C CZ  . PHE A 1 166 ? 2.800   -3.810  3.371   1.00 11.68 ? 172 PHE B CZ  1 
ATOM   1424 N N   . PHE A 1 167 ? 2.759   0.336   1.464   1.00 10.76 ? 173 PHE B N   1 
ATOM   1425 C CA  . PHE A 1 167 ? 3.223   0.066   0.084   1.00 10.26 ? 173 PHE B CA  1 
ATOM   1426 C C   . PHE A 1 167 ? 4.163   -1.131  0.097   1.00 10.78 ? 173 PHE B C   1 
ATOM   1427 O O   . PHE A 1 167 ? 5.056   -1.175  0.932   1.00 11.68 ? 173 PHE B O   1 
ATOM   1428 C CB  . PHE A 1 167 ? 3.951   1.269   -0.535  1.00 10.89 ? 173 PHE B CB  1 
ATOM   1429 C CG  . PHE A 1 167 ? 3.179   2.564   -0.441  1.00 10.65 ? 173 PHE B CG  1 
ATOM   1430 C CD1 . PHE A 1 167 ? 3.251   3.344   0.696   1.00 11.23 ? 173 PHE B CD1 1 
ATOM   1431 C CD2 . PHE A 1 167 ? 2.375   3.008   -1.485  1.00 12.40 ? 173 PHE B CD2 1 
ATOM   1432 C CE1 . PHE A 1 167 ? 2.507   4.521   0.806   1.00 11.61 ? 173 PHE B CE1 1 
ATOM   1433 C CE2 . PHE A 1 167 ? 1.681   4.199   -1.406  1.00 12.16 ? 173 PHE B CE2 1 
ATOM   1434 C CZ  . PHE A 1 167 ? 1.744   4.946   -0.249  1.00 12.60 ? 173 PHE B CZ  1 
ATOM   1435 N N   . ASN A 1 168 ? 4.048   -1.985  -0.912  1.00 11.50 ? 174 ASN B N   1 
ATOM   1436 C CA  . ASN A 1 168 ? 5.060   -3.029  -1.200  1.00 11.19 ? 174 ASN B CA  1 
ATOM   1437 C C   . ASN A 1 168 ? 5.313   -2.996  -2.700  1.00 11.29 ? 174 ASN B C   1 
ATOM   1438 O O   . ASN A 1 168 ? 4.389   -3.255  -3.455  1.00 11.93 ? 174 ASN B O   1 
ATOM   1439 C CB  . ASN A 1 168 ? 4.616   -4.415  -0.719  1.00 11.71 ? 174 ASN B CB  1 
ATOM   1440 C CG  . ASN A 1 168 ? 5.666   -5.488  -0.893  1.00 13.85 ? 174 ASN B CG  1 
ATOM   1441 O OD1 . ASN A 1 168 ? 6.731   -5.254  -1.435  1.00 14.97 ? 174 ASN B OD1 1 
ATOM   1442 N ND2 . ASN A 1 168 ? 5.355   -6.671  -0.408  1.00 15.40 ? 174 ASN B ND2 1 
ATOM   1443 N N   . VAL A 1 169 ? 6.538   -2.662  -3.131  1.00 11.94 ? 175 VAL B N   1 
ATOM   1444 C CA  . VAL A 1 169 ? 6.856   -2.604  -4.588  1.00 12.42 ? 175 VAL B CA  1 
ATOM   1445 C C   . VAL A 1 169 ? 7.008   -4.025  -5.154  1.00 13.56 ? 175 VAL B C   1 
ATOM   1446 O O   . VAL A 1 169 ? 7.122   -4.164  -6.393  1.00 13.83 ? 175 VAL B O   1 
ATOM   1447 C CB  . VAL A 1 169 ? 8.104   -1.758  -4.929  1.00 13.63 ? 175 VAL B CB  1 
ATOM   1448 C CG1 . VAL A 1 169 ? 7.876   -0.332  -4.517  1.00 14.23 ? 175 VAL B CG1 1 
ATOM   1449 C CG2 . VAL A 1 169 ? 9.373   -2.336  -4.292  1.00 13.53 ? 175 VAL B CG2 1 
ATOM   1450 N N   . GLY A 1 170 ? 7.081   -5.031  -4.276  1.00 12.86 ? 176 GLY B N   1 
ATOM   1451 C CA  . GLY A 1 170 ? 7.321   -6.431  -4.690  1.00 14.49 ? 176 GLY B CA  1 
ATOM   1452 C C   . GLY A 1 170 ? 8.750   -6.731  -5.076  1.00 14.43 ? 176 GLY B C   1 
ATOM   1453 O O   . GLY A 1 170 ? 9.562   -5.820  -5.329  1.00 13.73 ? 176 GLY B O   1 
ATOM   1454 N N   . PHE A 1 171 ? 9.031   -8.032  -5.148  0.36 14.82 ? 177 PHE B N   1 
ATOM   1455 C CA  . PHE A 1 171 ? 10.330  -8.615  -5.556  0.36 14.53 ? 177 PHE B CA  1 
ATOM   1456 C C   . PHE A 1 171 ? 10.505  -8.421  -7.065  0.36 14.29 ? 177 PHE B C   1 
ATOM   1457 O O   . PHE A 1 171 ? 9.495   -8.212  -7.757  0.36 13.47 ? 177 PHE B O   1 
ATOM   1458 C CB  . PHE A 1 171 ? 10.382  -10.084 -5.125  0.36 14.78 ? 177 PHE B CB  1 
ATOM   1459 C CG  . PHE A 1 171 ? 10.375  -10.300 -3.631  0.36 14.91 ? 177 PHE B CG  1 
ATOM   1460 C CD1 . PHE A 1 171 ? 11.453  -9.899  -2.864  0.36 15.17 ? 177 PHE B CD1 1 
ATOM   1461 C CD2 . PHE A 1 171 ? 9.318   -10.928 -2.992  0.36 15.58 ? 177 PHE B CD2 1 
ATOM   1462 C CE1 . PHE A 1 171 ? 11.471  -10.108 -1.496  0.36 15.07 ? 177 PHE B CE1 1 
ATOM   1463 C CE2 . PHE A 1 171 ? 9.335   -11.132 -1.619  0.36 15.29 ? 177 PHE B CE2 1 
ATOM   1464 C CZ  . PHE A 1 171 ? 10.417  -10.722 -0.874  0.36 15.20 ? 177 PHE B CZ  1 
ATOM   1465 N N   . ASN A 1 172 ? 11.742  -8.489  -7.566  1.00 14.18 ? 178 ASN B N   1 
ATOM   1466 C CA  . ASN A 1 172 ? 11.978  -8.400  -9.027  1.00 12.72 ? 178 ASN B CA  1 
ATOM   1467 C C   . ASN A 1 172 ? 12.871  -9.595  -9.413  1.00 13.20 ? 178 ASN B C   1 
ATOM   1468 O O   . ASN A 1 172 ? 13.882  -9.394  -10.144 1.00 15.28 ? 178 ASN B O   1 
ATOM   1469 C CB  . ASN A 1 172 ? 12.552  -7.064  -9.443  1.00 14.40 ? 178 ASN B CB  1 
ATOM   1470 C CG  . ASN A 1 172 ? 12.635  -6.895  -10.930 1.00 14.02 ? 178 ASN B CG  1 
ATOM   1471 O OD1 . ASN A 1 172 ? 11.857  -7.464  -11.686 1.00 14.43 ? 178 ASN B OD1 1 
ATOM   1472 N ND2 . ASN A 1 172 ? 13.607  -6.112  -11.378 1.00 15.74 ? 178 ASN B ND2 1 
ATOM   1473 N N   . TYR A 1 173 ? 12.483  -10.778 -9.017  1.00 13.66 ? 179 TYR B N   1 
ATOM   1474 C CA  . TYR A 1 173 ? 13.208  -12.007 -9.445  1.00 12.93 ? 179 TYR B CA  1 
ATOM   1475 C C   . TYR A 1 173 ? 13.083  -12.191 -10.959 1.00 14.65 ? 179 TYR B C   1 
ATOM   1476 O O   . TYR A 1 173 ? 14.016  -12.774 -11.591 1.00 15.90 ? 179 TYR B O   1 
ATOM   1477 C CB  . TYR A 1 173 ? 12.639  -13.242 -8.750  1.00 13.81 ? 179 TYR B CB  1 
ATOM   1478 C CG  . TYR A 1 173 ? 12.874  -13.311 -7.262  1.00 16.73 ? 179 TYR B CG  1 
ATOM   1479 C CD1 . TYR A 1 173 ? 14.119  -13.657 -6.770  1.00 20.05 ? 179 TYR B CD1 1 
ATOM   1480 C CD2 . TYR A 1 173 ? 11.839  -13.106 -6.365  1.00 19.54 ? 179 TYR B CD2 1 
ATOM   1481 C CE1 . TYR A 1 173 ? 14.391  -13.678 -5.406  1.00 21.85 ? 179 TYR B CE1 1 
ATOM   1482 C CE2 . TYR A 1 173 ? 12.098  -13.128 -4.990  1.00 20.82 ? 179 TYR B CE2 1 
ATOM   1483 C CZ  . TYR A 1 173 ? 13.360  -13.427 -4.517  1.00 23.06 ? 179 TYR B CZ  1 
ATOM   1484 O OH  . TYR A 1 173 ? 13.590  -13.489 -3.157  1.00 26.89 ? 179 TYR B OH  1 
ATOM   1485 N N   . SER A 1 174 ? 11.984  -11.769 -11.579 1.00 13.17 ? 180 SER B N   1 
ATOM   1486 C CA  . SER A 1 174 ? 11.639  -12.023 -12.997 1.00 14.21 ? 180 SER B CA  1 
ATOM   1487 C C   . SER A 1 174 ? 12.343  -11.039 -13.933 1.00 15.09 ? 180 SER B C   1 
ATOM   1488 O O   . SER A 1 174 ? 12.312  -11.296 -15.164 1.00 16.42 ? 180 SER B O   1 
ATOM   1489 C CB  . SER A 1 174 ? 10.172  -11.929 -13.275 1.00 14.75 ? 180 SER B CB  1 
ATOM   1490 O OG  . SER A 1 174 ? 9.711   -10.613 -12.981 1.00 15.50 ? 180 SER B OG  1 
ATOM   1491 N N   . GLY A 1 175 ? 12.810  -9.906  -13.413 1.00 13.56 ? 181 GLY B N   1 
ATOM   1492 C CA  . GLY A 1 175 ? 13.245  -8.798  -14.285 1.00 13.75 ? 181 GLY B CA  1 
ATOM   1493 C C   . GLY A 1 175 ? 12.084  -8.051  -14.919 1.00 15.52 ? 181 GLY B C   1 
ATOM   1494 O O   . GLY A 1 175 ? 12.329  -7.171  -15.739 1.00 17.55 ? 181 GLY B O   1 
ATOM   1495 N N   . GLY A 1 176 ? 10.838  -8.387  -14.595 1.00 14.00 ? 182 GLY B N   1 
ATOM   1496 C CA  . GLY A 1 176 ? 9.657   -7.721  -15.168 1.00 14.29 ? 182 GLY B CA  1 
ATOM   1497 C C   . GLY A 1 176 ? 8.906   -6.851  -14.147 1.00 14.51 ? 182 GLY B C   1 
ATOM   1498 O O   . GLY A 1 176 ? 7.859   -6.293  -14.551 1.00 15.95 ? 182 GLY B O   1 
ATOM   1499 N N   . ASN A 1 177 ? 9.457   -6.657  -12.952 1.00 12.17 ? 183 ASN B N   1 
ATOM   1500 C CA  . ASN A 1 177 ? 8.757   -5.880  -11.906 1.00 12.54 ? 183 ASN B CA  1 
ATOM   1501 C C   . ASN A 1 177 ? 9.586   -4.719  -11.354 1.00 13.46 ? 183 ASN B C   1 
ATOM   1502 O O   . ASN A 1 177 ? 9.365   -4.320  -10.218 1.00 14.71 ? 183 ASN B O   1 
ATOM   1503 C CB  . ASN A 1 177 ? 8.339   -6.791  -10.749 1.00 12.43 ? 183 ASN B CB  1 
ATOM   1504 C CG  . ASN A 1 177 ? 7.274   -6.146  -9.890  1.00 12.67 ? 183 ASN B CG  1 
ATOM   1505 O OD1 . ASN A 1 177 ? 6.404   -5.464  -10.407 1.00 13.22 ? 183 ASN B OD1 1 
ATOM   1506 N ND2 . ASN A 1 177 ? 7.359   -6.412  -8.594  1.00 12.72 ? 183 ASN B ND2 1 
ATOM   1507 N N   . ALA A 1 178 ? 10.457  -4.128  -12.157 1.00 13.36 ? 184 ALA B N   1 
ATOM   1508 C CA  . ALA A 1 178 ? 11.318  -3.000  -11.700 1.00 14.32 ? 184 ALA B CA  1 
ATOM   1509 C C   . ALA A 1 178 ? 10.547  -1.677  -11.593 1.00 14.40 ? 184 ALA B C   1 
ATOM   1510 O O   . ALA A 1 178 ? 11.072  -0.771  -10.898 1.00 16.64 ? 184 ALA B O   1 
ATOM   1511 C CB  . ALA A 1 178 ? 12.477  -2.809  -12.676 1.00 14.57 ? 184 ALA B CB  1 
ATOM   1512 N N   . ALA A 1 179 ? 9.401   -1.538  -12.258 1.00 14.26 ? 185 ALA B N   1 
ATOM   1513 C CA  . ALA A 1 179 ? 8.703   -0.236  -12.328 1.00 13.87 ? 185 ALA B CA  1 
ATOM   1514 C C   . ALA A 1 179 ? 8.359   0.244   -10.918 1.00 14.39 ? 185 ALA B C   1 
ATOM   1515 O O   . ALA A 1 179 ? 8.073   -0.547  -10.006 1.00 13.75 ? 185 ALA B O   1 
ATOM   1516 C CB  . ALA A 1 179 ? 7.510   -0.341  -13.211 1.00 14.01 ? 185 ALA B CB  1 
ATOM   1517 N N   . PRO A 1 180 ? 8.295   1.580   -10.711 1.00 14.36 ? 186 PRO B N   1 
ATOM   1518 C CA  . PRO A 1 180 ? 7.963   2.141   -9.399  1.00 13.77 ? 186 PRO B CA  1 
ATOM   1519 C C   . PRO A 1 180 ? 6.454   2.110   -9.063  1.00 12.53 ? 186 PRO B C   1 
ATOM   1520 O O   . PRO A 1 180 ? 5.615   1.940   -9.965  1.00 13.45 ? 186 PRO B O   1 
ATOM   1521 C CB  . PRO A 1 180 ? 8.393   3.619   -9.550  1.00 15.05 ? 186 PRO B CB  1 
ATOM   1522 C CG  . PRO A 1 180 ? 8.221   3.906   -11.002 1.00 16.61 ? 186 PRO B CG  1 
ATOM   1523 C CD  . PRO A 1 180 ? 8.636   2.609   -11.699 1.00 16.32 ? 186 PRO B CD  1 
ATOM   1524 N N   . LEU A 1 181 ? 6.156   2.249   -7.769  1.00 12.75 ? 187 LEU B N   1 
ATOM   1525 C CA  . LEU A 1 181 ? 4.865   2.775   -7.306  1.00 12.46 ? 187 LEU B CA  1 
ATOM   1526 C C   . LEU A 1 181 ? 4.995   4.299   -7.298  1.00 13.32 ? 187 LEU B C   1 
ATOM   1527 O O   . LEU A 1 181 ? 6.007   4.816   -6.741  1.00 15.25 ? 187 LEU B O   1 
ATOM   1528 C CB  . LEU A 1 181 ? 4.543   2.209   -5.931  1.00 13.14 ? 187 LEU B CB  1 
ATOM   1529 C CG  . LEU A 1 181 ? 4.294   0.689   -5.857  1.00 14.02 ? 187 LEU B CG  1 
ATOM   1530 C CD1 . LEU A 1 181 ? 4.087   0.232   -4.422  1.00 14.95 ? 187 LEU B CD1 1 
ATOM   1531 C CD2 . LEU A 1 181 ? 3.086   0.289   -6.711  1.00 15.51 ? 187 LEU B CD2 1 
ATOM   1532 N N   . LYS A 1 182 ? 3.980   4.997   -7.768  1.00 13.27 ? 188 LYS B N   1 
ATOM   1533 C CA  . LYS A 1 182 ? 3.979   6.486   -7.793  1.00 14.22 ? 188 LYS B CA  1 
ATOM   1534 C C   . LYS A 1 182 ? 2.704   6.992   -7.142  1.00 14.68 ? 188 LYS B C   1 
ATOM   1535 O O   . LYS A 1 182 ? 1.616   6.607   -7.596  1.00 14.67 ? 188 LYS B O   1 
ATOM   1536 C CB  . LYS A 1 182 ? 4.101   7.033   -9.218  1.00 16.41 ? 188 LYS B CB  1 
ATOM   1537 C CG  . LYS A 1 182 ? 5.249   6.505   -10.046 1.00 20.54 ? 188 LYS B CG  1 
ATOM   1538 C CD  . LYS A 1 182 ? 5.394   7.276   -11.345 1.00 25.36 ? 188 LYS B CD  1 
ATOM   1539 C CE  . LYS A 1 182 ? 6.344   6.648   -12.334 1.00 29.64 ? 188 LYS B CE  1 
ATOM   1540 N NZ  . LYS A 1 182 ? 6.293   7.397   -13.616 1.00 35.11 ? 188 LYS B NZ  1 
ATOM   1541 N N   . LEU A 1 183 ? 2.821   7.935   -6.249  1.00 14.38 ? 189 LEU B N   1 
ATOM   1542 C CA  . LEU A 1 183 ? 1.641   8.685   -5.722  1.00 14.67 ? 189 LEU B CA  1 
ATOM   1543 C C   . LEU A 1 183 ? 1.198   9.700   -6.762  1.00 16.43 ? 189 LEU B C   1 
ATOM   1544 O O   . LEU A 1 183 ? 2.033   10.558  -7.156  1.00 19.54 ? 189 LEU B O   1 
ATOM   1545 C CB  . LEU A 1 183 ? 2.013   9.289   -4.369  1.00 15.36 ? 189 LEU B CB  1 
ATOM   1546 C CG  . LEU A 1 183 ? 1.994   8.242   -3.247  1.00 16.56 ? 189 LEU B CG  1 
ATOM   1547 C CD1 . LEU A 1 183 ? 2.899   8.600   -2.079  1.00 20.74 ? 189 LEU B CD1 1 
ATOM   1548 C CD2 . LEU A 1 183 ? 0.564   7.916   -2.795  1.00 15.21 ? 189 LEU B CD2 1 
ATOM   1549 N N   . CYS A 1 184 ? -0.034  9.572   -7.249  1.00 17.50 ? 190 CYS B N   1 
ATOM   1550 C CA  . CYS A 1 184 ? -0.557  10.421  -8.369  1.00 19.52 ? 190 CYS B CA  1 
ATOM   1551 C C   . CYS A 1 184 ? -1.017  11.767  -7.841  1.00 23.14 ? 190 CYS B C   1 
ATOM   1552 O O   . CYS A 1 184 ? -1.544  11.862  -6.749  1.00 22.89 ? 190 CYS B O   1 
ATOM   1553 C CB  . CYS A 1 184 ? -1.815  9.866   -9.008  1.00 22.48 ? 190 CYS B CB  1 
ATOM   1554 S SG  . CYS A 1 184 ? -1.789  8.113   -9.371  1.00 23.04 ? 190 CYS B SG  1 
ATOM   1555 N N   . PRO A 1 185 ? -0.854  12.834  -8.643  1.00 27.37 ? 191 PRO B N   1 
ATOM   1556 C CA  . PRO A 1 185 ? -1.218  14.170  -8.215  1.00 33.19 ? 191 PRO B CA  1 
ATOM   1557 C C   . PRO A 1 185 ? -2.737  14.237  -8.067  1.00 31.06 ? 191 PRO B C   1 
ATOM   1558 O O   . PRO A 1 185 ? -3.448  13.519  -8.764  1.00 34.02 ? 191 PRO B O   1 
ATOM   1559 C CB  . PRO A 1 185 ? -0.615  15.060  -9.322  1.00 32.82 ? 191 PRO B CB  1 
ATOM   1560 C CG  . PRO A 1 185 ? -0.578  14.168  -10.531 1.00 31.85 ? 191 PRO B CG  1 
ATOM   1561 C CD  . PRO A 1 185 ? -0.249  12.799  -9.986  1.00 29.50 ? 191 PRO B CD  1 
ATOM   1562 N N   . LEU A 1 186 ? -3.144  15.080  -7.126  1.00 37.30 ? 192 LEU B N   1 
ATOM   1563 C CA  . LEU A 1 186 ? -4.516  15.565  -6.833  1.00 40.37 ? 192 LEU B CA  1 
ATOM   1564 C C   . LEU A 1 186 ? -5.070  16.324  -8.041  1.00 45.74 ? 192 LEU B C   1 
ATOM   1565 O O   . LEU A 1 186 ? -6.302  16.380  -8.159  1.00 50.85 ? 192 LEU B O   1 
ATOM   1566 C CB  . LEU A 1 186 ? -4.420  16.488  -5.613  1.00 39.74 ? 192 LEU B CB  1 
HETATM 1567 N N1  . VWV B 2 .   ? 16.402  -9.663  -3.389  0.36 24.76 ? 201 VWV B N1  1 
HETATM 1568 C C4  . VWV B 2 .   ? 16.771  -9.843  -1.983  0.36 27.55 ? 201 VWV B C4  1 
HETATM 1569 C C5  . VWV B 2 .   ? 16.042  -8.277  -3.695  0.36 24.17 ? 201 VWV B C5  1 
HETATM 1570 C C6  . VWV B 2 .   ? 16.093  -8.021  -5.190  0.36 22.72 ? 201 VWV B C6  1 
HETATM 1571 C C7  . VWV B 2 .   ? 15.276  -10.638 -5.344  0.36 23.31 ? 201 VWV B C7  1 
HETATM 1572 C C8  . VWV B 2 .   ? 15.325  -10.558 -3.824  0.36 23.76 ? 201 VWV B C8  1 
HETATM 1573 C C1  . VWV B 2 .   ? 13.794  -7.204  -0.105  0.36 29.67 ? 201 VWV B C1  1 
HETATM 1574 C C2  . VWV B 2 .   ? 14.521  -8.333  0.521   0.36 30.07 ? 201 VWV B C2  1 
HETATM 1575 O O1  . VWV B 2 .   ? 15.676  -8.665  -0.301  0.36 29.87 ? 201 VWV B O1  1 
HETATM 1576 C C3  . VWV B 2 .   ? 15.656  -9.822  -0.965  0.36 29.26 ? 201 VWV B C3  1 
HETATM 1577 O O2  . VWV B 2 .   ? 14.902  -10.730 -0.766  0.36 32.14 ? 201 VWV B O2  1 
HETATM 1578 S S1  . VWV B 2 .   ? 14.910  -9.049  -6.043  0.36 20.97 ? 201 VWV B S1  1 
HETATM 1579 O O3  . VWV B 2 .   ? 15.222  -9.053  -7.446  0.36 22.76 ? 201 VWV B O3  1 
HETATM 1580 O O4  . VWV B 2 .   ? 13.584  -8.663  -5.668  0.36 20.75 ? 201 VWV B O4  1 
HETATM 1581 C C1  . EDO C 3 .   ? 15.688  -16.398 9.984   1.00 40.74 ? 202 EDO B C1  1 
HETATM 1582 O O1  . EDO C 3 .   ? 15.295  -15.114 9.562   1.00 31.88 ? 202 EDO B O1  1 
HETATM 1583 C C2  . EDO C 3 .   ? 15.273  -17.429 9.027   1.00 37.72 ? 202 EDO B C2  1 
HETATM 1584 O O2  . EDO C 3 .   ? 15.906  -17.217 7.802   1.00 47.11 ? 202 EDO B O2  1 
HETATM 1585 S S   . SO4 D 4 .   ? 1.487   -14.897 10.407  1.00 41.82 ? 203 SO4 B S   1 
HETATM 1586 O O1  . SO4 D 4 .   ? 1.988   -13.549 10.393  1.00 27.00 ? 203 SO4 B O1  1 
HETATM 1587 O O2  . SO4 D 4 .   ? 2.216   -15.658 11.371  1.00 47.94 ? 203 SO4 B O2  1 
HETATM 1588 O O3  . SO4 D 4 .   ? 0.082   -14.871 10.758  1.00 48.67 ? 203 SO4 B O3  1 
HETATM 1589 O O4  . SO4 D 4 .   ? 1.626   -15.536 9.118   1.00 45.14 ? 203 SO4 B O4  1 
HETATM 1590 O O   . HOH E 5 .   ? 15.727  -5.054  -9.470  1.00 35.70 ? 301 HOH B O   1 
HETATM 1591 O O   . HOH E 5 .   ? 15.455  6.403   -0.434  1.00 20.02 ? 302 HOH B O   1 
HETATM 1592 O O   . HOH E 5 .   ? 24.755  6.652   3.624   1.00 36.76 ? 303 HOH B O   1 
HETATM 1593 O O   . HOH E 5 .   ? -2.361  -14.184 -6.452  1.00 32.24 ? 304 HOH B O   1 
HETATM 1594 O O   . HOH E 5 .   ? 6.518   -5.896  -16.706 1.00 34.57 ? 305 HOH B O   1 
HETATM 1595 O O   . HOH E 5 .   ? 13.596  -0.530  -10.035 1.00 22.04 ? 306 HOH B O   1 
HETATM 1596 O O   . HOH E 5 .   ? 12.816  -14.491 8.958   1.00 21.50 ? 307 HOH B O   1 
HETATM 1597 O O   . HOH E 5 .   ? 11.187  -3.301  15.094  1.00 29.21 ? 308 HOH B O   1 
HETATM 1598 O O   . HOH E 5 .   ? 19.971  -7.364  -7.586  1.00 41.41 ? 309 HOH B O   1 
HETATM 1599 O O   . HOH E 5 .   ? 3.943   -7.065  10.374  1.00 35.20 ? 310 HOH B O   1 
HETATM 1600 O O   . HOH E 5 .   ? -2.500  -3.876  -11.935 1.00 15.79 ? 311 HOH B O   1 
HETATM 1601 O O   . HOH E 5 .   ? 10.225  -4.358  -7.651  1.00 16.36 ? 312 HOH B O   1 
HETATM 1602 O O   . HOH E 5 .   ? 6.510   -1.732  14.917  1.00 35.13 ? 313 HOH B O   1 
HETATM 1603 O O   . HOH E 5 .   ? 1.356   -10.642 -12.242 1.00 16.56 ? 314 HOH B O   1 
HETATM 1604 O O   . HOH E 5 .   ? 2.987   -9.704  0.235   1.00 33.78 ? 315 HOH B O   1 
HETATM 1605 O O   . HOH E 5 .   ? 11.006  -13.746 4.488   1.00 38.29 ? 316 HOH B O   1 
HETATM 1606 O O   . HOH E 5 .   ? 5.020   2.209   -12.726 1.00 27.47 ? 317 HOH B O   1 
HETATM 1607 O O   . HOH E 5 .   ? 9.985   -7.912  7.523   1.00 16.50 ? 318 HOH B O   1 
HETATM 1608 O O   . HOH E 5 .   ? 10.178  -1.573  -7.950  1.00 14.52 ? 319 HOH B O   1 
HETATM 1609 O O   . HOH E 5 .   ? 7.891   -3.473  -14.134 1.00 17.99 ? 320 HOH B O   1 
HETATM 1610 O O   . HOH E 5 .   ? 10.430  -14.695 10.850  1.00 25.71 ? 321 HOH B O   1 
HETATM 1611 O O   . HOH E 5 .   ? 0.243   -3.621  -11.931 1.00 14.22 ? 322 HOH B O   1 
HETATM 1612 O O   . HOH E 5 .   ? 4.003   -12.269 -9.911  1.00 22.03 ? 323 HOH B O   1 
HETATM 1613 O O   . HOH E 5 .   ? 10.890  6.060   -9.198  1.00 23.83 ? 324 HOH B O   1 
HETATM 1614 O O   . HOH E 5 .   ? 16.835  6.134   4.905   1.00 24.98 ? 325 HOH B O   1 
HETATM 1615 O O   . HOH E 5 .   ? 20.256  0.221   -7.695  1.00 30.31 ? 326 HOH B O   1 
HETATM 1616 O O   . HOH E 5 .   ? 11.011  -4.607  -15.076 1.00 17.62 ? 327 HOH B O   1 
HETATM 1617 O O   . HOH E 5 .   ? 6.481   -9.419  -0.696  1.00 33.16 ? 328 HOH B O   1 
HETATM 1618 O O   . HOH E 5 .   ? 15.757  -3.385  5.449   1.00 23.06 ? 329 HOH B O   1 
HETATM 1619 O O   . HOH E 5 .   ? 15.060  -5.734  -13.996 1.00 22.43 ? 330 HOH B O   1 
HETATM 1620 O O   . HOH E 5 .   ? 13.127  -4.252  16.233  1.00 39.14 ? 331 HOH B O   1 
# 
